data_7NGN
# 
_entry.id   7NGN 
# 
_audit_conform.dict_name       mmcif_pdbx.dic 
_audit_conform.dict_version    5.384 
_audit_conform.dict_location   http://mmcif.pdb.org/dictionaries/ascii/mmcif_pdbx.dic 
# 
loop_
_database_2.database_id 
_database_2.database_code 
_database_2.pdbx_database_accession 
_database_2.pdbx_DOI 
PDB   7NGN         pdb_00007ngn 10.2210/pdb7ngn/pdb 
WWPDB D_1292113947 ?            ?                   
# 
loop_
_pdbx_audit_revision_history.ordinal 
_pdbx_audit_revision_history.data_content_type 
_pdbx_audit_revision_history.major_revision 
_pdbx_audit_revision_history.minor_revision 
_pdbx_audit_revision_history.revision_date 
1 'Structure model' 1 0 2022-02-23 
2 'Structure model' 1 1 2024-01-31 
# 
_pdbx_audit_revision_details.ordinal             1 
_pdbx_audit_revision_details.revision_ordinal    1 
_pdbx_audit_revision_details.data_content_type   'Structure model' 
_pdbx_audit_revision_details.provider            repository 
_pdbx_audit_revision_details.type                'Initial release' 
_pdbx_audit_revision_details.description         ? 
_pdbx_audit_revision_details.details             ? 
# 
loop_
_pdbx_audit_revision_group.ordinal 
_pdbx_audit_revision_group.revision_ordinal 
_pdbx_audit_revision_group.data_content_type 
_pdbx_audit_revision_group.group 
1 2 'Structure model' 'Data collection'        
2 2 'Structure model' 'Refinement description' 
# 
loop_
_pdbx_audit_revision_category.ordinal 
_pdbx_audit_revision_category.revision_ordinal 
_pdbx_audit_revision_category.data_content_type 
_pdbx_audit_revision_category.category 
1 2 'Structure model' chem_comp_atom                
2 2 'Structure model' chem_comp_bond                
3 2 'Structure model' pdbx_initial_refinement_model 
# 
_pdbx_database_status.status_code                     REL 
_pdbx_database_status.status_code_sf                  REL 
_pdbx_database_status.status_code_mr                  ? 
_pdbx_database_status.entry_id                        7NGN 
_pdbx_database_status.recvd_initial_deposition_date   2021-02-09 
_pdbx_database_status.SG_entry                        N 
_pdbx_database_status.deposit_site                    PDBE 
_pdbx_database_status.process_site                    PDBE 
_pdbx_database_status.status_code_cs                  ? 
_pdbx_database_status.status_code_nmr_data            ? 
_pdbx_database_status.methods_development_category    ? 
_pdbx_database_status.pdb_format_compatible           Y 
# 
loop_
_pdbx_database_related.db_name 
_pdbx_database_related.details 
_pdbx_database_related.db_id 
_pdbx_database_related.content_type 
PDB 'related ligands' 7NGD unspecified 
PDB 'related ligands' 7NGG unspecified 
PDB 'related ligands' 7NGI unspecified 
PDB 'related ligands' 7NGJ unspecified 
PDB 'related ligands' 7NGK unspecified 
PDB 'related ligands' 7NGM unspecified 
# 
loop_
_audit_author.name 
_audit_author.pdbx_ordinal 
_audit_author.identifier_ORCID 
'Tomlinson, C.W.E.' 1 0000-0002-1845-6028 
'Tatum, N.J.'       2 0000-0003-3878-9265 
'Pohl, E.'          3 0000-0002-9949-4471 
# 
_citation.abstract                  ? 
_citation.abstract_id_CAS           ? 
_citation.book_id_ISBN              ? 
_citation.book_publisher            ? 
_citation.book_publisher_city       ? 
_citation.book_title                ? 
_citation.coordinate_linkage        ? 
_citation.country                   ? 
_citation.database_id_Medline       ? 
_citation.details                   ? 
_citation.id                        primary 
_citation.journal_abbrev            'To Be Published' 
_citation.journal_id_ASTM           ? 
_citation.journal_id_CSD            0353 
_citation.journal_id_ISSN           ? 
_citation.journal_full              ? 
_citation.journal_issue             ? 
_citation.journal_volume            ? 
_citation.language                  ? 
_citation.page_first                ? 
_citation.page_last                 ? 
_citation.title                     
'Systematic exploration of the hydrophobic capacity of the EthR binding site for lead compound optimization' 
_citation.year                      ? 
_citation.database_id_CSD           ? 
_citation.pdbx_database_id_DOI      ? 
_citation.pdbx_database_id_PubMed   ? 
_citation.unpublished_flag          ? 
# 
loop_
_citation_author.citation_id 
_citation_author.name 
_citation_author.ordinal 
_citation_author.identifier_ORCID 
primary 'Tatum, N.J.'       1 ? 
primary 'Tomlinson, C.W.E.' 2 ? 
primary 'Frita, R.'         3 ? 
primary 'Bennett, R.'       4 ? 
primary 'Baulard, A.R.'     5 ? 
primary 'Pohl, E.'          6 ? 
primary 'Kitching, M.O.'    7 ? 
# 
loop_
_entity.id 
_entity.type 
_entity.src_method 
_entity.pdbx_description 
_entity.formula_weight 
_entity.pdbx_number_of_molecules 
_entity.pdbx_ec 
_entity.pdbx_mutation 
_entity.pdbx_fragment 
_entity.details 
1 polymer     man 'HTH-type transcriptional regulator EthR'            23781.705 1   ? ? ? ? 
2 non-polymer syn '~{N}-cycloheptyl-4-methyl-piperidine-1-carboxamide' 238.369   1   ? ? ? ? 
3 non-polymer syn 'SULFATE ION'                                        96.063    1   ? ? ? ? 
4 water       nat water                                                18.015    100 ? ? ? ? 
# 
_entity_poly.entity_id                      1 
_entity_poly.type                           'polypeptide(L)' 
_entity_poly.nstd_linkage                   no 
_entity_poly.nstd_monomer                   no 
_entity_poly.pdbx_seq_one_letter_code       
;MTTSAASQASLPRGRRTARPSGDDRELAILATAENLLEDRPLADISVDDLAKGAGISRPTFYFYFPSKEAVLLTLLDRVV
NQADMALQTLAENPADTDRENMWRTGINVFFETFGSHKAVTRAGQAARATSVEVAELWSTFMQKWIAYTAAVIDAERDRG
AAPRTLPAHELATALNLMNERTLFASFAGEQPSVPEARVLDTLVHIWVTSIYGENR
;
_entity_poly.pdbx_seq_one_letter_code_can   
;MTTSAASQASLPRGRRTARPSGDDRELAILATAENLLEDRPLADISVDDLAKGAGISRPTFYFYFPSKEAVLLTLLDRVV
NQADMALQTLAENPADTDRENMWRTGINVFFETFGSHKAVTRAGQAARATSVEVAELWSTFMQKWIAYTAAVIDAERDRG
AAPRTLPAHELATALNLMNERTLFASFAGEQPSVPEARVLDTLVHIWVTSIYGENR
;
_entity_poly.pdbx_strand_id                 A 
_entity_poly.pdbx_target_identifier         ? 
# 
loop_
_pdbx_entity_nonpoly.entity_id 
_pdbx_entity_nonpoly.name 
_pdbx_entity_nonpoly.comp_id 
2 '~{N}-cycloheptyl-4-methyl-piperidine-1-carboxamide' UA8 
3 'SULFATE ION'                                        SO4 
4 water                                                HOH 
# 
loop_
_entity_poly_seq.entity_id 
_entity_poly_seq.num 
_entity_poly_seq.mon_id 
_entity_poly_seq.hetero 
1 1   MET n 
1 2   THR n 
1 3   THR n 
1 4   SER n 
1 5   ALA n 
1 6   ALA n 
1 7   SER n 
1 8   GLN n 
1 9   ALA n 
1 10  SER n 
1 11  LEU n 
1 12  PRO n 
1 13  ARG n 
1 14  GLY n 
1 15  ARG n 
1 16  ARG n 
1 17  THR n 
1 18  ALA n 
1 19  ARG n 
1 20  PRO n 
1 21  SER n 
1 22  GLY n 
1 23  ASP n 
1 24  ASP n 
1 25  ARG n 
1 26  GLU n 
1 27  LEU n 
1 28  ALA n 
1 29  ILE n 
1 30  LEU n 
1 31  ALA n 
1 32  THR n 
1 33  ALA n 
1 34  GLU n 
1 35  ASN n 
1 36  LEU n 
1 37  LEU n 
1 38  GLU n 
1 39  ASP n 
1 40  ARG n 
1 41  PRO n 
1 42  LEU n 
1 43  ALA n 
1 44  ASP n 
1 45  ILE n 
1 46  SER n 
1 47  VAL n 
1 48  ASP n 
1 49  ASP n 
1 50  LEU n 
1 51  ALA n 
1 52  LYS n 
1 53  GLY n 
1 54  ALA n 
1 55  GLY n 
1 56  ILE n 
1 57  SER n 
1 58  ARG n 
1 59  PRO n 
1 60  THR n 
1 61  PHE n 
1 62  TYR n 
1 63  PHE n 
1 64  TYR n 
1 65  PHE n 
1 66  PRO n 
1 67  SER n 
1 68  LYS n 
1 69  GLU n 
1 70  ALA n 
1 71  VAL n 
1 72  LEU n 
1 73  LEU n 
1 74  THR n 
1 75  LEU n 
1 76  LEU n 
1 77  ASP n 
1 78  ARG n 
1 79  VAL n 
1 80  VAL n 
1 81  ASN n 
1 82  GLN n 
1 83  ALA n 
1 84  ASP n 
1 85  MET n 
1 86  ALA n 
1 87  LEU n 
1 88  GLN n 
1 89  THR n 
1 90  LEU n 
1 91  ALA n 
1 92  GLU n 
1 93  ASN n 
1 94  PRO n 
1 95  ALA n 
1 96  ASP n 
1 97  THR n 
1 98  ASP n 
1 99  ARG n 
1 100 GLU n 
1 101 ASN n 
1 102 MET n 
1 103 TRP n 
1 104 ARG n 
1 105 THR n 
1 106 GLY n 
1 107 ILE n 
1 108 ASN n 
1 109 VAL n 
1 110 PHE n 
1 111 PHE n 
1 112 GLU n 
1 113 THR n 
1 114 PHE n 
1 115 GLY n 
1 116 SER n 
1 117 HIS n 
1 118 LYS n 
1 119 ALA n 
1 120 VAL n 
1 121 THR n 
1 122 ARG n 
1 123 ALA n 
1 124 GLY n 
1 125 GLN n 
1 126 ALA n 
1 127 ALA n 
1 128 ARG n 
1 129 ALA n 
1 130 THR n 
1 131 SER n 
1 132 VAL n 
1 133 GLU n 
1 134 VAL n 
1 135 ALA n 
1 136 GLU n 
1 137 LEU n 
1 138 TRP n 
1 139 SER n 
1 140 THR n 
1 141 PHE n 
1 142 MET n 
1 143 GLN n 
1 144 LYS n 
1 145 TRP n 
1 146 ILE n 
1 147 ALA n 
1 148 TYR n 
1 149 THR n 
1 150 ALA n 
1 151 ALA n 
1 152 VAL n 
1 153 ILE n 
1 154 ASP n 
1 155 ALA n 
1 156 GLU n 
1 157 ARG n 
1 158 ASP n 
1 159 ARG n 
1 160 GLY n 
1 161 ALA n 
1 162 ALA n 
1 163 PRO n 
1 164 ARG n 
1 165 THR n 
1 166 LEU n 
1 167 PRO n 
1 168 ALA n 
1 169 HIS n 
1 170 GLU n 
1 171 LEU n 
1 172 ALA n 
1 173 THR n 
1 174 ALA n 
1 175 LEU n 
1 176 ASN n 
1 177 LEU n 
1 178 MET n 
1 179 ASN n 
1 180 GLU n 
1 181 ARG n 
1 182 THR n 
1 183 LEU n 
1 184 PHE n 
1 185 ALA n 
1 186 SER n 
1 187 PHE n 
1 188 ALA n 
1 189 GLY n 
1 190 GLU n 
1 191 GLN n 
1 192 PRO n 
1 193 SER n 
1 194 VAL n 
1 195 PRO n 
1 196 GLU n 
1 197 ALA n 
1 198 ARG n 
1 199 VAL n 
1 200 LEU n 
1 201 ASP n 
1 202 THR n 
1 203 LEU n 
1 204 VAL n 
1 205 HIS n 
1 206 ILE n 
1 207 TRP n 
1 208 VAL n 
1 209 THR n 
1 210 SER n 
1 211 ILE n 
1 212 TYR n 
1 213 GLY n 
1 214 GLU n 
1 215 ASN n 
1 216 ARG n 
# 
_entity_src_gen.entity_id                          1 
_entity_src_gen.pdbx_src_id                        1 
_entity_src_gen.pdbx_alt_source_flag               sample 
_entity_src_gen.pdbx_seq_type                      'Biological sequence' 
_entity_src_gen.pdbx_beg_seq_num                   1 
_entity_src_gen.pdbx_end_seq_num                   216 
_entity_src_gen.gene_src_common_name               ? 
_entity_src_gen.gene_src_genus                     ? 
_entity_src_gen.pdbx_gene_src_gene                 'ethR, etaR, Rv3855' 
_entity_src_gen.gene_src_species                   ? 
_entity_src_gen.gene_src_strain                    ? 
_entity_src_gen.gene_src_tissue                    ? 
_entity_src_gen.gene_src_tissue_fraction           ? 
_entity_src_gen.gene_src_details                   ? 
_entity_src_gen.pdbx_gene_src_fragment             ? 
_entity_src_gen.pdbx_gene_src_scientific_name      'Mycobacterium tuberculosis' 
_entity_src_gen.pdbx_gene_src_ncbi_taxonomy_id     1773 
_entity_src_gen.pdbx_gene_src_variant              ? 
_entity_src_gen.pdbx_gene_src_cell_line            ? 
_entity_src_gen.pdbx_gene_src_atcc                 ? 
_entity_src_gen.pdbx_gene_src_organ                ? 
_entity_src_gen.pdbx_gene_src_organelle            ? 
_entity_src_gen.pdbx_gene_src_cell                 ? 
_entity_src_gen.pdbx_gene_src_cellular_location    ? 
_entity_src_gen.host_org_common_name               ? 
_entity_src_gen.pdbx_host_org_scientific_name      'Escherichia coli BL21(DE3)' 
_entity_src_gen.pdbx_host_org_ncbi_taxonomy_id     469008 
_entity_src_gen.host_org_genus                     ? 
_entity_src_gen.pdbx_host_org_gene                 ? 
_entity_src_gen.pdbx_host_org_organ                ? 
_entity_src_gen.host_org_species                   ? 
_entity_src_gen.pdbx_host_org_tissue               ? 
_entity_src_gen.pdbx_host_org_tissue_fraction      ? 
_entity_src_gen.pdbx_host_org_strain               ? 
_entity_src_gen.pdbx_host_org_variant              ? 
_entity_src_gen.pdbx_host_org_cell_line            ? 
_entity_src_gen.pdbx_host_org_atcc                 ? 
_entity_src_gen.pdbx_host_org_culture_collection   ? 
_entity_src_gen.pdbx_host_org_cell                 ? 
_entity_src_gen.pdbx_host_org_organelle            ? 
_entity_src_gen.pdbx_host_org_cellular_location    ? 
_entity_src_gen.pdbx_host_org_vector_type          ? 
_entity_src_gen.pdbx_host_org_vector               ? 
_entity_src_gen.host_org_details                   ? 
_entity_src_gen.expression_system_id               ? 
_entity_src_gen.plasmid_name                       ? 
_entity_src_gen.plasmid_details                    ? 
_entity_src_gen.pdbx_description                   ? 
# 
loop_
_chem_comp.id 
_chem_comp.type 
_chem_comp.mon_nstd_flag 
_chem_comp.name 
_chem_comp.pdbx_synonyms 
_chem_comp.formula 
_chem_comp.formula_weight 
ALA 'L-peptide linking' y ALANINE                                              ? 'C3 H7 N O2'     89.093  
ARG 'L-peptide linking' y ARGININE                                             ? 'C6 H15 N4 O2 1' 175.209 
ASN 'L-peptide linking' y ASPARAGINE                                           ? 'C4 H8 N2 O3'    132.118 
ASP 'L-peptide linking' y 'ASPARTIC ACID'                                      ? 'C4 H7 N O4'     133.103 
GLN 'L-peptide linking' y GLUTAMINE                                            ? 'C5 H10 N2 O3'   146.144 
GLU 'L-peptide linking' y 'GLUTAMIC ACID'                                      ? 'C5 H9 N O4'     147.129 
GLY 'peptide linking'   y GLYCINE                                              ? 'C2 H5 N O2'     75.067  
HIS 'L-peptide linking' y HISTIDINE                                            ? 'C6 H10 N3 O2 1' 156.162 
HOH non-polymer         . WATER                                                ? 'H2 O'           18.015  
ILE 'L-peptide linking' y ISOLEUCINE                                           ? 'C6 H13 N O2'    131.173 
LEU 'L-peptide linking' y LEUCINE                                              ? 'C6 H13 N O2'    131.173 
LYS 'L-peptide linking' y LYSINE                                               ? 'C6 H15 N2 O2 1' 147.195 
MET 'L-peptide linking' y METHIONINE                                           ? 'C5 H11 N O2 S'  149.211 
PHE 'L-peptide linking' y PHENYLALANINE                                        ? 'C9 H11 N O2'    165.189 
PRO 'L-peptide linking' y PROLINE                                              ? 'C5 H9 N O2'     115.130 
SER 'L-peptide linking' y SERINE                                               ? 'C3 H7 N O3'     105.093 
SO4 non-polymer         . 'SULFATE ION'                                        ? 'O4 S -2'        96.063  
THR 'L-peptide linking' y THREONINE                                            ? 'C4 H9 N O3'     119.119 
TRP 'L-peptide linking' y TRYPTOPHAN                                           ? 'C11 H12 N2 O2'  204.225 
TYR 'L-peptide linking' y TYROSINE                                             ? 'C9 H11 N O3'    181.189 
UA8 non-polymer         . '~{N}-cycloheptyl-4-methyl-piperidine-1-carboxamide' ? 'C14 H26 N2 O'   238.369 
VAL 'L-peptide linking' y VALINE                                               ? 'C5 H11 N O2'    117.146 
# 
loop_
_pdbx_poly_seq_scheme.asym_id 
_pdbx_poly_seq_scheme.entity_id 
_pdbx_poly_seq_scheme.seq_id 
_pdbx_poly_seq_scheme.mon_id 
_pdbx_poly_seq_scheme.ndb_seq_num 
_pdbx_poly_seq_scheme.pdb_seq_num 
_pdbx_poly_seq_scheme.auth_seq_num 
_pdbx_poly_seq_scheme.pdb_mon_id 
_pdbx_poly_seq_scheme.auth_mon_id 
_pdbx_poly_seq_scheme.pdb_strand_id 
_pdbx_poly_seq_scheme.pdb_ins_code 
_pdbx_poly_seq_scheme.hetero 
A 1 1   MET 1   1   ?   ?   ?   A . n 
A 1 2   THR 2   2   ?   ?   ?   A . n 
A 1 3   THR 3   3   ?   ?   ?   A . n 
A 1 4   SER 4   4   ?   ?   ?   A . n 
A 1 5   ALA 5   5   ?   ?   ?   A . n 
A 1 6   ALA 6   6   ?   ?   ?   A . n 
A 1 7   SER 7   7   ?   ?   ?   A . n 
A 1 8   GLN 8   8   ?   ?   ?   A . n 
A 1 9   ALA 9   9   ?   ?   ?   A . n 
A 1 10  SER 10  10  ?   ?   ?   A . n 
A 1 11  LEU 11  11  ?   ?   ?   A . n 
A 1 12  PRO 12  12  ?   ?   ?   A . n 
A 1 13  ARG 13  13  ?   ?   ?   A . n 
A 1 14  GLY 14  14  ?   ?   ?   A . n 
A 1 15  ARG 15  15  ?   ?   ?   A . n 
A 1 16  ARG 16  16  ?   ?   ?   A . n 
A 1 17  THR 17  17  ?   ?   ?   A . n 
A 1 18  ALA 18  18  ?   ?   ?   A . n 
A 1 19  ARG 19  19  ?   ?   ?   A . n 
A 1 20  PRO 20  20  ?   ?   ?   A . n 
A 1 21  SER 21  21  ?   ?   ?   A . n 
A 1 22  GLY 22  22  22  GLY GLY A . n 
A 1 23  ASP 23  23  23  ASP ASP A . n 
A 1 24  ASP 24  24  24  ASP ASP A . n 
A 1 25  ARG 25  25  25  ARG ARG A . n 
A 1 26  GLU 26  26  26  GLU GLU A . n 
A 1 27  LEU 27  27  27  LEU LEU A . n 
A 1 28  ALA 28  28  28  ALA ALA A . n 
A 1 29  ILE 29  29  29  ILE ILE A . n 
A 1 30  LEU 30  30  30  LEU LEU A . n 
A 1 31  ALA 31  31  31  ALA ALA A . n 
A 1 32  THR 32  32  32  THR THR A . n 
A 1 33  ALA 33  33  33  ALA ALA A . n 
A 1 34  GLU 34  34  34  GLU GLU A . n 
A 1 35  ASN 35  35  35  ASN ASN A . n 
A 1 36  LEU 36  36  36  LEU LEU A . n 
A 1 37  LEU 37  37  37  LEU LEU A . n 
A 1 38  GLU 38  38  38  GLU GLU A . n 
A 1 39  ASP 39  39  39  ASP ASP A . n 
A 1 40  ARG 40  40  40  ARG ARG A . n 
A 1 41  PRO 41  41  41  PRO PRO A . n 
A 1 42  LEU 42  42  42  LEU LEU A . n 
A 1 43  ALA 43  43  43  ALA ALA A . n 
A 1 44  ASP 44  44  44  ASP ASP A . n 
A 1 45  ILE 45  45  45  ILE ILE A . n 
A 1 46  SER 46  46  46  SER SER A . n 
A 1 47  VAL 47  47  47  VAL VAL A . n 
A 1 48  ASP 48  48  48  ASP ASP A . n 
A 1 49  ASP 49  49  49  ASP ASP A . n 
A 1 50  LEU 50  50  50  LEU LEU A . n 
A 1 51  ALA 51  51  51  ALA ALA A . n 
A 1 52  LYS 52  52  52  LYS LYS A . n 
A 1 53  GLY 53  53  53  GLY GLY A . n 
A 1 54  ALA 54  54  54  ALA ALA A . n 
A 1 55  GLY 55  55  55  GLY GLY A . n 
A 1 56  ILE 56  56  56  ILE ILE A . n 
A 1 57  SER 57  57  57  SER SER A . n 
A 1 58  ARG 58  58  58  ARG ARG A . n 
A 1 59  PRO 59  59  59  PRO PRO A . n 
A 1 60  THR 60  60  60  THR THR A . n 
A 1 61  PHE 61  61  61  PHE PHE A . n 
A 1 62  TYR 62  62  62  TYR TYR A . n 
A 1 63  PHE 63  63  63  PHE PHE A . n 
A 1 64  TYR 64  64  64  TYR TYR A . n 
A 1 65  PHE 65  65  65  PHE PHE A . n 
A 1 66  PRO 66  66  66  PRO PRO A . n 
A 1 67  SER 67  67  67  SER SER A . n 
A 1 68  LYS 68  68  68  LYS LYS A . n 
A 1 69  GLU 69  69  69  GLU GLU A . n 
A 1 70  ALA 70  70  70  ALA ALA A . n 
A 1 71  VAL 71  71  71  VAL VAL A . n 
A 1 72  LEU 72  72  72  LEU LEU A . n 
A 1 73  LEU 73  73  73  LEU LEU A . n 
A 1 74  THR 74  74  74  THR THR A . n 
A 1 75  LEU 75  75  75  LEU LEU A . n 
A 1 76  LEU 76  76  76  LEU LEU A . n 
A 1 77  ASP 77  77  77  ASP ASP A . n 
A 1 78  ARG 78  78  78  ARG ARG A . n 
A 1 79  VAL 79  79  79  VAL VAL A . n 
A 1 80  VAL 80  80  80  VAL VAL A . n 
A 1 81  ASN 81  81  81  ASN ASN A . n 
A 1 82  GLN 82  82  82  GLN GLN A . n 
A 1 83  ALA 83  83  83  ALA ALA A . n 
A 1 84  ASP 84  84  84  ASP ASP A . n 
A 1 85  MET 85  85  85  MET MET A . n 
A 1 86  ALA 86  86  86  ALA ALA A . n 
A 1 87  LEU 87  87  87  LEU LEU A . n 
A 1 88  GLN 88  88  88  GLN GLN A . n 
A 1 89  THR 89  89  89  THR THR A . n 
A 1 90  LEU 90  90  90  LEU LEU A . n 
A 1 91  ALA 91  91  91  ALA ALA A . n 
A 1 92  GLU 92  92  92  GLU GLU A . n 
A 1 93  ASN 93  93  93  ASN ASN A . n 
A 1 94  PRO 94  94  94  PRO PRO A . n 
A 1 95  ALA 95  95  95  ALA ALA A . n 
A 1 96  ASP 96  96  96  ASP ASP A . n 
A 1 97  THR 97  97  97  THR THR A . n 
A 1 98  ASP 98  98  98  ASP ASP A . n 
A 1 99  ARG 99  99  99  ARG ARG A . n 
A 1 100 GLU 100 100 100 GLU GLU A . n 
A 1 101 ASN 101 101 101 ASN ASN A . n 
A 1 102 MET 102 102 102 MET MET A . n 
A 1 103 TRP 103 103 103 TRP TRP A . n 
A 1 104 ARG 104 104 104 ARG ARG A . n 
A 1 105 THR 105 105 105 THR THR A . n 
A 1 106 GLY 106 106 106 GLY GLY A . n 
A 1 107 ILE 107 107 107 ILE ILE A . n 
A 1 108 ASN 108 108 108 ASN ASN A . n 
A 1 109 VAL 109 109 109 VAL VAL A . n 
A 1 110 PHE 110 110 110 PHE PHE A . n 
A 1 111 PHE 111 111 111 PHE PHE A . n 
A 1 112 GLU 112 112 112 GLU GLU A . n 
A 1 113 THR 113 113 113 THR THR A . n 
A 1 114 PHE 114 114 114 PHE PHE A . n 
A 1 115 GLY 115 115 115 GLY GLY A . n 
A 1 116 SER 116 116 116 SER SER A . n 
A 1 117 HIS 117 117 117 HIS HIS A . n 
A 1 118 LYS 118 118 118 LYS LYS A . n 
A 1 119 ALA 119 119 119 ALA ALA A . n 
A 1 120 VAL 120 120 120 VAL VAL A . n 
A 1 121 THR 121 121 121 THR THR A . n 
A 1 122 ARG 122 122 122 ARG ARG A . n 
A 1 123 ALA 123 123 123 ALA ALA A . n 
A 1 124 GLY 124 124 124 GLY GLY A . n 
A 1 125 GLN 125 125 125 GLN GLN A . n 
A 1 126 ALA 126 126 126 ALA ALA A . n 
A 1 127 ALA 127 127 127 ALA ALA A . n 
A 1 128 ARG 128 128 128 ARG ARG A . n 
A 1 129 ALA 129 129 129 ALA ALA A . n 
A 1 130 THR 130 130 130 THR THR A . n 
A 1 131 SER 131 131 131 SER SER A . n 
A 1 132 VAL 132 132 132 VAL VAL A . n 
A 1 133 GLU 133 133 133 GLU GLU A . n 
A 1 134 VAL 134 134 134 VAL VAL A . n 
A 1 135 ALA 135 135 135 ALA ALA A . n 
A 1 136 GLU 136 136 136 GLU GLU A . n 
A 1 137 LEU 137 137 137 LEU LEU A . n 
A 1 138 TRP 138 138 138 TRP TRP A . n 
A 1 139 SER 139 139 139 SER SER A . n 
A 1 140 THR 140 140 140 THR THR A . n 
A 1 141 PHE 141 141 141 PHE PHE A . n 
A 1 142 MET 142 142 142 MET MET A . n 
A 1 143 GLN 143 143 143 GLN GLN A . n 
A 1 144 LYS 144 144 144 LYS LYS A . n 
A 1 145 TRP 145 145 145 TRP TRP A . n 
A 1 146 ILE 146 146 146 ILE ILE A . n 
A 1 147 ALA 147 147 147 ALA ALA A . n 
A 1 148 TYR 148 148 148 TYR TYR A . n 
A 1 149 THR 149 149 149 THR THR A . n 
A 1 150 ALA 150 150 150 ALA ALA A . n 
A 1 151 ALA 151 151 151 ALA ALA A . n 
A 1 152 VAL 152 152 152 VAL VAL A . n 
A 1 153 ILE 153 153 153 ILE ILE A . n 
A 1 154 ASP 154 154 154 ASP ASP A . n 
A 1 155 ALA 155 155 155 ALA ALA A . n 
A 1 156 GLU 156 156 156 GLU GLU A . n 
A 1 157 ARG 157 157 157 ARG ARG A . n 
A 1 158 ASP 158 158 158 ASP ASP A . n 
A 1 159 ARG 159 159 159 ARG ARG A . n 
A 1 160 GLY 160 160 160 GLY GLY A . n 
A 1 161 ALA 161 161 161 ALA ALA A . n 
A 1 162 ALA 162 162 162 ALA ALA A . n 
A 1 163 PRO 163 163 163 PRO PRO A . n 
A 1 164 ARG 164 164 164 ARG ARG A . n 
A 1 165 THR 165 165 165 THR THR A . n 
A 1 166 LEU 166 166 166 LEU LEU A . n 
A 1 167 PRO 167 167 167 PRO PRO A . n 
A 1 168 ALA 168 168 168 ALA ALA A . n 
A 1 169 HIS 169 169 169 HIS HIS A . n 
A 1 170 GLU 170 170 170 GLU GLU A . n 
A 1 171 LEU 171 171 171 LEU LEU A . n 
A 1 172 ALA 172 172 172 ALA ALA A . n 
A 1 173 THR 173 173 173 THR THR A . n 
A 1 174 ALA 174 174 174 ALA ALA A . n 
A 1 175 LEU 175 175 175 LEU LEU A . n 
A 1 176 ASN 176 176 176 ASN ASN A . n 
A 1 177 LEU 177 177 177 LEU LEU A . n 
A 1 178 MET 178 178 178 MET MET A . n 
A 1 179 ASN 179 179 179 ASN ASN A . n 
A 1 180 GLU 180 180 180 GLU GLU A . n 
A 1 181 ARG 181 181 181 ARG ARG A . n 
A 1 182 THR 182 182 182 THR THR A . n 
A 1 183 LEU 183 183 183 LEU LEU A . n 
A 1 184 PHE 184 184 184 PHE PHE A . n 
A 1 185 ALA 185 185 185 ALA ALA A . n 
A 1 186 SER 186 186 186 SER SER A . n 
A 1 187 PHE 187 187 187 PHE PHE A . n 
A 1 188 ALA 188 188 188 ALA ALA A . n 
A 1 189 GLY 189 189 189 GLY GLY A . n 
A 1 190 GLU 190 190 190 GLU GLU A . n 
A 1 191 GLN 191 191 191 GLN GLN A . n 
A 1 192 PRO 192 192 192 PRO PRO A . n 
A 1 193 SER 193 193 193 SER SER A . n 
A 1 194 VAL 194 194 194 VAL VAL A . n 
A 1 195 PRO 195 195 195 PRO PRO A . n 
A 1 196 GLU 196 196 196 GLU GLU A . n 
A 1 197 ALA 197 197 197 ALA ALA A . n 
A 1 198 ARG 198 198 198 ARG ARG A . n 
A 1 199 VAL 199 199 199 VAL VAL A . n 
A 1 200 LEU 200 200 200 LEU LEU A . n 
A 1 201 ASP 201 201 201 ASP ASP A . n 
A 1 202 THR 202 202 202 THR THR A . n 
A 1 203 LEU 203 203 203 LEU LEU A . n 
A 1 204 VAL 204 204 204 VAL VAL A . n 
A 1 205 HIS 205 205 205 HIS HIS A . n 
A 1 206 ILE 206 206 206 ILE ILE A . n 
A 1 207 TRP 207 207 207 TRP TRP A . n 
A 1 208 VAL 208 208 208 VAL VAL A . n 
A 1 209 THR 209 209 209 THR THR A . n 
A 1 210 SER 210 210 210 SER SER A . n 
A 1 211 ILE 211 211 211 ILE ILE A . n 
A 1 212 TYR 212 212 212 TYR TYR A . n 
A 1 213 GLY 213 213 213 GLY GLY A . n 
A 1 214 GLU 214 214 214 GLU GLU A . n 
A 1 215 ASN 215 215 ?   ?   ?   A . n 
A 1 216 ARG 216 216 ?   ?   ?   A . n 
# 
loop_
_pdbx_nonpoly_scheme.asym_id 
_pdbx_nonpoly_scheme.entity_id 
_pdbx_nonpoly_scheme.mon_id 
_pdbx_nonpoly_scheme.ndb_seq_num 
_pdbx_nonpoly_scheme.pdb_seq_num 
_pdbx_nonpoly_scheme.auth_seq_num 
_pdbx_nonpoly_scheme.pdb_mon_id 
_pdbx_nonpoly_scheme.auth_mon_id 
_pdbx_nonpoly_scheme.pdb_strand_id 
_pdbx_nonpoly_scheme.pdb_ins_code 
B 2 UA8 1   302 401 UA8 DRG A . 
C 3 SO4 1   303 501 SO4 SO4 A . 
D 4 HOH 1   401 92  HOH HOH A . 
D 4 HOH 2   402 85  HOH HOH A . 
D 4 HOH 3   403 32  HOH HOH A . 
D 4 HOH 4   404 34  HOH HOH A . 
D 4 HOH 5   405 60  HOH HOH A . 
D 4 HOH 6   406 53  HOH HOH A . 
D 4 HOH 7   407 9   HOH HOH A . 
D 4 HOH 8   408 66  HOH HOH A . 
D 4 HOH 9   409 89  HOH HOH A . 
D 4 HOH 10  410 23  HOH HOH A . 
D 4 HOH 11  411 58  HOH HOH A . 
D 4 HOH 12  412 46  HOH HOH A . 
D 4 HOH 13  413 12  HOH HOH A . 
D 4 HOH 14  414 17  HOH HOH A . 
D 4 HOH 15  415 15  HOH HOH A . 
D 4 HOH 16  416 52  HOH HOH A . 
D 4 HOH 17  417 71  HOH HOH A . 
D 4 HOH 18  418 11  HOH HOH A . 
D 4 HOH 19  419 28  HOH HOH A . 
D 4 HOH 20  420 8   HOH HOH A . 
D 4 HOH 21  421 56  HOH HOH A . 
D 4 HOH 22  422 21  HOH HOH A . 
D 4 HOH 23  423 51  HOH HOH A . 
D 4 HOH 24  424 35  HOH HOH A . 
D 4 HOH 25  425 90  HOH HOH A . 
D 4 HOH 26  426 72  HOH HOH A . 
D 4 HOH 27  427 6   HOH HOH A . 
D 4 HOH 28  428 65  HOH HOH A . 
D 4 HOH 29  429 29  HOH HOH A . 
D 4 HOH 30  430 76  HOH HOH A . 
D 4 HOH 31  431 5   HOH HOH A . 
D 4 HOH 32  432 48  HOH HOH A . 
D 4 HOH 33  433 30  HOH HOH A . 
D 4 HOH 34  434 40  HOH HOH A . 
D 4 HOH 35  435 24  HOH HOH A . 
D 4 HOH 36  436 81  HOH HOH A . 
D 4 HOH 37  437 54  HOH HOH A . 
D 4 HOH 38  438 7   HOH HOH A . 
D 4 HOH 39  439 16  HOH HOH A . 
D 4 HOH 40  440 18  HOH HOH A . 
D 4 HOH 41  441 13  HOH HOH A . 
D 4 HOH 42  442 20  HOH HOH A . 
D 4 HOH 43  443 62  HOH HOH A . 
D 4 HOH 44  444 49  HOH HOH A . 
D 4 HOH 45  445 61  HOH HOH A . 
D 4 HOH 46  446 42  HOH HOH A . 
D 4 HOH 47  447 14  HOH HOH A . 
D 4 HOH 48  448 82  HOH HOH A . 
D 4 HOH 49  449 33  HOH HOH A . 
D 4 HOH 50  450 47  HOH HOH A . 
D 4 HOH 51  451 26  HOH HOH A . 
D 4 HOH 52  452 44  HOH HOH A . 
D 4 HOH 53  453 36  HOH HOH A . 
D 4 HOH 54  454 1   HOH HOH A . 
D 4 HOH 55  455 4   HOH HOH A . 
D 4 HOH 56  456 68  HOH HOH A . 
D 4 HOH 57  457 25  HOH HOH A . 
D 4 HOH 58  458 84  HOH HOH A . 
D 4 HOH 59  459 3   HOH HOH A . 
D 4 HOH 60  460 78  HOH HOH A . 
D 4 HOH 61  461 86  HOH HOH A . 
D 4 HOH 62  462 88  HOH HOH A . 
D 4 HOH 63  463 77  HOH HOH A . 
D 4 HOH 64  464 10  HOH HOH A . 
D 4 HOH 65  465 70  HOH HOH A . 
D 4 HOH 66  466 91  HOH HOH A . 
D 4 HOH 67  467 74  HOH HOH A . 
D 4 HOH 68  468 67  HOH HOH A . 
D 4 HOH 69  469 2   HOH HOH A . 
D 4 HOH 70  470 27  HOH HOH A . 
D 4 HOH 71  471 41  HOH HOH A . 
D 4 HOH 72  472 55  HOH HOH A . 
D 4 HOH 73  473 39  HOH HOH A . 
D 4 HOH 74  474 63  HOH HOH A . 
D 4 HOH 75  475 80  HOH HOH A . 
D 4 HOH 76  476 57  HOH HOH A . 
D 4 HOH 77  477 45  HOH HOH A . 
D 4 HOH 78  478 37  HOH HOH A . 
D 4 HOH 79  479 93  HOH HOH A . 
D 4 HOH 80  480 98  HOH HOH A . 
D 4 HOH 81  481 59  HOH HOH A . 
D 4 HOH 82  482 94  HOH HOH A . 
D 4 HOH 83  483 99  HOH HOH A . 
D 4 HOH 84  484 75  HOH HOH A . 
D 4 HOH 85  485 31  HOH HOH A . 
D 4 HOH 86  486 96  HOH HOH A . 
D 4 HOH 87  487 73  HOH HOH A . 
D 4 HOH 88  488 79  HOH HOH A . 
D 4 HOH 89  489 64  HOH HOH A . 
D 4 HOH 90  490 19  HOH HOH A . 
D 4 HOH 91  491 43  HOH HOH A . 
D 4 HOH 92  492 50  HOH HOH A . 
D 4 HOH 93  493 22  HOH HOH A . 
D 4 HOH 94  494 69  HOH HOH A . 
D 4 HOH 95  495 97  HOH HOH A . 
D 4 HOH 96  496 87  HOH HOH A . 
D 4 HOH 97  497 83  HOH HOH A . 
D 4 HOH 98  498 95  HOH HOH A . 
D 4 HOH 99  499 38  HOH HOH A . 
D 4 HOH 100 500 100 HOH HOH A . 
# 
loop_
_pdbx_unobs_or_zero_occ_atoms.id 
_pdbx_unobs_or_zero_occ_atoms.PDB_model_num 
_pdbx_unobs_or_zero_occ_atoms.polymer_flag 
_pdbx_unobs_or_zero_occ_atoms.occupancy_flag 
_pdbx_unobs_or_zero_occ_atoms.auth_asym_id 
_pdbx_unobs_or_zero_occ_atoms.auth_comp_id 
_pdbx_unobs_or_zero_occ_atoms.auth_seq_id 
_pdbx_unobs_or_zero_occ_atoms.PDB_ins_code 
_pdbx_unobs_or_zero_occ_atoms.auth_atom_id 
_pdbx_unobs_or_zero_occ_atoms.label_alt_id 
_pdbx_unobs_or_zero_occ_atoms.label_asym_id 
_pdbx_unobs_or_zero_occ_atoms.label_comp_id 
_pdbx_unobs_or_zero_occ_atoms.label_seq_id 
_pdbx_unobs_or_zero_occ_atoms.label_atom_id 
1 1 Y 1 A ASP 96 ? CG  ? A ASP 96 CG  
2 1 Y 1 A ASP 96 ? OD1 ? A ASP 96 OD1 
3 1 Y 1 A ASP 96 ? OD2 ? A ASP 96 OD2 
# 
loop_
_software.citation_id 
_software.classification 
_software.compiler_name 
_software.compiler_version 
_software.contact_author 
_software.contact_author_email 
_software.date 
_software.description 
_software.dependencies 
_software.hardware 
_software.language 
_software.location 
_software.mods 
_software.name 
_software.os 
_software.os_version 
_software.type 
_software.version 
_software.pdbx_ordinal 
? refinement        ? ? ? ? ? ? ? ? ? ? ? REFMAC      ? ? ? 5.8.0238 1 
? 'data extraction' ? ? ? ? ? ? ? ? ? ? ? PDB_EXTRACT ? ? ? 3.22     2 
? 'data reduction'  ? ? ? ? ? ? ? ? ? ? ? pointless   ? ? ? .        3 
? 'data scaling'    ? ? ? ? ? ? ? ? ? ? ? Aimless     ? ? ? .        4 
? phasing           ? ? ? ? ? ? ? ? ? ? ? PHASER      ? ? ? .        5 
# 
_cell.angle_alpha                  90.000 
_cell.angle_alpha_esd              ? 
_cell.angle_beta                   90.000 
_cell.angle_beta_esd               ? 
_cell.angle_gamma                  90.000 
_cell.angle_gamma_esd              ? 
_cell.entry_id                     7NGN 
_cell.details                      ? 
_cell.formula_units_Z              ? 
_cell.length_a                     121.095 
_cell.length_a_esd                 ? 
_cell.length_b                     121.095 
_cell.length_b_esd                 ? 
_cell.length_c                     33.700 
_cell.length_c_esd                 ? 
_cell.volume                       ? 
_cell.volume_esd                   ? 
_cell.Z_PDB                        8 
_cell.reciprocal_angle_alpha       ? 
_cell.reciprocal_angle_beta        ? 
_cell.reciprocal_angle_gamma       ? 
_cell.reciprocal_angle_alpha_esd   ? 
_cell.reciprocal_angle_beta_esd    ? 
_cell.reciprocal_angle_gamma_esd   ? 
_cell.reciprocal_length_a          ? 
_cell.reciprocal_length_b          ? 
_cell.reciprocal_length_c          ? 
_cell.reciprocal_length_a_esd      ? 
_cell.reciprocal_length_b_esd      ? 
_cell.reciprocal_length_c_esd      ? 
_cell.pdbx_unique_axis             ? 
# 
_symmetry.entry_id                         7NGN 
_symmetry.cell_setting                     ? 
_symmetry.Int_Tables_number                92 
_symmetry.space_group_name_Hall            ? 
_symmetry.space_group_name_H-M             'P 41 21 2' 
_symmetry.pdbx_full_space_group_name_H-M   ? 
# 
_exptl.absorpt_coefficient_mu     ? 
_exptl.absorpt_correction_T_max   ? 
_exptl.absorpt_correction_T_min   ? 
_exptl.absorpt_correction_type    ? 
_exptl.absorpt_process_details    ? 
_exptl.entry_id                   7NGN 
_exptl.crystals_number            1 
_exptl.details                    ? 
_exptl.method                     'X-RAY DIFFRACTION' 
_exptl.method_details             ? 
# 
_exptl_crystal.colour                      ? 
_exptl_crystal.density_diffrn              ? 
_exptl_crystal.density_Matthews            2.60 
_exptl_crystal.density_method              ? 
_exptl_crystal.density_percent_sol         52.65 
_exptl_crystal.description                 ? 
_exptl_crystal.F_000                       ? 
_exptl_crystal.id                          1 
_exptl_crystal.preparation                 ? 
_exptl_crystal.size_max                    ? 
_exptl_crystal.size_mid                    ? 
_exptl_crystal.size_min                    ? 
_exptl_crystal.size_rad                    ? 
_exptl_crystal.colour_lustre               ? 
_exptl_crystal.colour_modifier             ? 
_exptl_crystal.colour_primary              ? 
_exptl_crystal.density_meas                ? 
_exptl_crystal.density_meas_esd            ? 
_exptl_crystal.density_meas_gt             ? 
_exptl_crystal.density_meas_lt             ? 
_exptl_crystal.density_meas_temp           ? 
_exptl_crystal.density_meas_temp_esd       ? 
_exptl_crystal.density_meas_temp_gt        ? 
_exptl_crystal.density_meas_temp_lt        ? 
_exptl_crystal.pdbx_crystal_image_url      ? 
_exptl_crystal.pdbx_crystal_image_format   ? 
_exptl_crystal.pdbx_mosaicity              ? 
_exptl_crystal.pdbx_mosaicity_esd          ? 
# 
_exptl_crystal_grow.apparatus       ? 
_exptl_crystal_grow.atmosphere      ? 
_exptl_crystal_grow.crystal_id      1 
_exptl_crystal_grow.details         ? 
_exptl_crystal_grow.method          'VAPOR DIFFUSION, SITTING DROP' 
_exptl_crystal_grow.method_ref      ? 
_exptl_crystal_grow.pH              ? 
_exptl_crystal_grow.pressure        ? 
_exptl_crystal_grow.pressure_esd    ? 
_exptl_crystal_grow.seeding         ? 
_exptl_crystal_grow.seeding_ref     ? 
_exptl_crystal_grow.temp            300 
_exptl_crystal_grow.temp_details    ? 
_exptl_crystal_grow.temp_esd        ? 
_exptl_crystal_grow.time            ? 
_exptl_crystal_grow.pdbx_details    'PEG based' 
_exptl_crystal_grow.pdbx_pH_range   ? 
# 
_diffrn.ambient_environment              ? 
_diffrn.ambient_temp                     100 
_diffrn.ambient_temp_details             ? 
_diffrn.ambient_temp_esd                 ? 
_diffrn.crystal_id                       1 
_diffrn.crystal_support                  ? 
_diffrn.crystal_treatment                ? 
_diffrn.details                          ? 
_diffrn.id                               1 
_diffrn.ambient_pressure                 ? 
_diffrn.ambient_pressure_esd             ? 
_diffrn.ambient_pressure_gt              ? 
_diffrn.ambient_pressure_lt              ? 
_diffrn.ambient_temp_gt                  ? 
_diffrn.ambient_temp_lt                  ? 
_diffrn.pdbx_serial_crystal_experiment   N 
# 
_diffrn_detector.details                      ? 
_diffrn_detector.detector                     PIXEL 
_diffrn_detector.diffrn_id                    1 
_diffrn_detector.type                         'DECTRIS PILATUS 6M' 
_diffrn_detector.area_resol_mean              ? 
_diffrn_detector.dtime                        ? 
_diffrn_detector.pdbx_frames_total            ? 
_diffrn_detector.pdbx_collection_time_total   ? 
_diffrn_detector.pdbx_collection_date         2018-05-03 
_diffrn_detector.pdbx_frequency               ? 
# 
_diffrn_radiation.collimation                      ? 
_diffrn_radiation.diffrn_id                        1 
_diffrn_radiation.filter_edge                      ? 
_diffrn_radiation.inhomogeneity                    ? 
_diffrn_radiation.monochromator                    ? 
_diffrn_radiation.polarisn_norm                    ? 
_diffrn_radiation.polarisn_ratio                   ? 
_diffrn_radiation.probe                            ? 
_diffrn_radiation.type                             ? 
_diffrn_radiation.xray_symbol                      ? 
_diffrn_radiation.wavelength_id                    1 
_diffrn_radiation.pdbx_monochromatic_or_laue_m_l   M 
_diffrn_radiation.pdbx_wavelength_list             ? 
_diffrn_radiation.pdbx_wavelength                  ? 
_diffrn_radiation.pdbx_diffrn_protocol             'SINGLE WAVELENGTH' 
_diffrn_radiation.pdbx_analyzer                    ? 
_diffrn_radiation.pdbx_scattering_type             x-ray 
# 
_diffrn_radiation_wavelength.id           1 
_diffrn_radiation_wavelength.wavelength   0.9795 
_diffrn_radiation_wavelength.wt           1.0 
# 
_diffrn_source.current                     ? 
_diffrn_source.details                     ? 
_diffrn_source.diffrn_id                   1 
_diffrn_source.power                       ? 
_diffrn_source.size                        ? 
_diffrn_source.source                      SYNCHROTRON 
_diffrn_source.target                      ? 
_diffrn_source.type                        'DIAMOND BEAMLINE I04' 
_diffrn_source.voltage                     ? 
_diffrn_source.take-off_angle              ? 
_diffrn_source.pdbx_wavelength_list        0.9795 
_diffrn_source.pdbx_wavelength             ? 
_diffrn_source.pdbx_synchrotron_beamline   I04 
_diffrn_source.pdbx_synchrotron_site       Diamond 
# 
_reflns.B_iso_Wilson_estimate            ? 
_reflns.entry_id                         7NGN 
_reflns.data_reduction_details           ? 
_reflns.data_reduction_method            ? 
_reflns.d_resolution_high                1.55 
_reflns.d_resolution_low                 85.63 
_reflns.details                          ? 
_reflns.limit_h_max                      ? 
_reflns.limit_h_min                      ? 
_reflns.limit_k_max                      ? 
_reflns.limit_k_min                      ? 
_reflns.limit_l_max                      ? 
_reflns.limit_l_min                      ? 
_reflns.number_all                       ? 
_reflns.number_obs                       37122 
_reflns.observed_criterion               ? 
_reflns.observed_criterion_F_max         ? 
_reflns.observed_criterion_F_min         ? 
_reflns.observed_criterion_I_max         ? 
_reflns.observed_criterion_I_min         ? 
_reflns.observed_criterion_sigma_F       ? 
_reflns.observed_criterion_sigma_I       ? 
_reflns.percent_possible_obs             99.8 
_reflns.R_free_details                   ? 
_reflns.Rmerge_F_all                     ? 
_reflns.Rmerge_F_obs                     ? 
_reflns.Friedel_coverage                 ? 
_reflns.number_gt                        ? 
_reflns.threshold_expression             ? 
_reflns.pdbx_redundancy                  12.7 
_reflns.pdbx_Rmerge_I_obs                ? 
_reflns.pdbx_Rmerge_I_all                ? 
_reflns.pdbx_Rsym_value                  ? 
_reflns.pdbx_netI_over_av_sigmaI         ? 
_reflns.pdbx_netI_over_sigmaI            15.6 
_reflns.pdbx_res_netI_over_av_sigmaI_2   ? 
_reflns.pdbx_res_netI_over_sigmaI_2      ? 
_reflns.pdbx_chi_squared                 ? 
_reflns.pdbx_scaling_rejects             ? 
_reflns.pdbx_d_res_high_opt              ? 
_reflns.pdbx_d_res_low_opt               ? 
_reflns.pdbx_d_res_opt_method            ? 
_reflns.phase_calculation_details        ? 
_reflns.pdbx_Rrim_I_all                  ? 
_reflns.pdbx_Rpim_I_all                  ? 
_reflns.pdbx_d_opt                       ? 
_reflns.pdbx_number_measured_all         ? 
_reflns.pdbx_diffrn_id                   1 
_reflns.pdbx_ordinal                     1 
_reflns.pdbx_CC_half                     1.0 
_reflns.pdbx_CC_star                     ? 
_reflns.pdbx_R_split                     ? 
# 
_reflns_shell.d_res_high                  1.55 
_reflns_shell.d_res_low                   1.58 
_reflns_shell.meanI_over_sigI_all         ? 
_reflns_shell.meanI_over_sigI_obs         0.93 
_reflns_shell.number_measured_all         ? 
_reflns_shell.number_measured_obs         ? 
_reflns_shell.number_possible             ? 
_reflns_shell.number_unique_all           ? 
_reflns_shell.number_unique_obs           1794 
_reflns_shell.percent_possible_all        ? 
_reflns_shell.percent_possible_obs        ? 
_reflns_shell.Rmerge_F_all                ? 
_reflns_shell.Rmerge_F_obs                ? 
_reflns_shell.Rmerge_I_all                ? 
_reflns_shell.Rmerge_I_obs                ? 
_reflns_shell.meanI_over_sigI_gt          ? 
_reflns_shell.meanI_over_uI_all           ? 
_reflns_shell.meanI_over_uI_gt            ? 
_reflns_shell.number_measured_gt          ? 
_reflns_shell.number_unique_gt            ? 
_reflns_shell.percent_possible_gt         ? 
_reflns_shell.Rmerge_F_gt                 ? 
_reflns_shell.Rmerge_I_gt                 ? 
_reflns_shell.pdbx_redundancy             ? 
_reflns_shell.pdbx_Rsym_value             ? 
_reflns_shell.pdbx_chi_squared            ? 
_reflns_shell.pdbx_netI_over_sigmaI_all   ? 
_reflns_shell.pdbx_netI_over_sigmaI_obs   ? 
_reflns_shell.pdbx_Rrim_I_all             ? 
_reflns_shell.pdbx_Rpim_I_all             ? 
_reflns_shell.pdbx_rejects                ? 
_reflns_shell.pdbx_ordinal                1 
_reflns_shell.pdbx_diffrn_id              1 
_reflns_shell.pdbx_CC_half                0.744 
_reflns_shell.pdbx_CC_star                ? 
_reflns_shell.pdbx_R_split                ? 
# 
_refine.aniso_B[1][1]                            1.0500 
_refine.aniso_B[1][2]                            -0.0000 
_refine.aniso_B[1][3]                            -0.0000 
_refine.aniso_B[2][2]                            1.0500 
_refine.aniso_B[2][3]                            -0.0000 
_refine.aniso_B[3][3]                            -2.1000 
_refine.B_iso_max                                88.150 
_refine.B_iso_mean                               27.1890 
_refine.B_iso_min                                13.120 
_refine.correlation_coeff_Fo_to_Fc               0.9600 
_refine.correlation_coeff_Fo_to_Fc_free          0.9500 
_refine.details                                  
'HYDROGENS HAVE BEEN ADDED IN THE RIDING POSITIONS U VALUES      : REFINED INDIVIDUALLY' 
_refine.diff_density_max                         ? 
_refine.diff_density_max_esd                     ? 
_refine.diff_density_min                         ? 
_refine.diff_density_min_esd                     ? 
_refine.diff_density_rms                         ? 
_refine.diff_density_rms_esd                     ? 
_refine.entry_id                                 7NGN 
_refine.pdbx_refine_id                           'X-RAY DIFFRACTION' 
_refine.ls_abs_structure_details                 ? 
_refine.ls_abs_structure_Flack                   ? 
_refine.ls_abs_structure_Flack_esd               ? 
_refine.ls_abs_structure_Rogers                  ? 
_refine.ls_abs_structure_Rogers_esd              ? 
_refine.ls_d_res_high                            1.5500 
_refine.ls_d_res_low                             85.6300 
_refine.ls_extinction_coef                       ? 
_refine.ls_extinction_coef_esd                   ? 
_refine.ls_extinction_expression                 ? 
_refine.ls_extinction_method                     ? 
_refine.ls_goodness_of_fit_all                   ? 
_refine.ls_goodness_of_fit_all_esd               ? 
_refine.ls_goodness_of_fit_obs                   ? 
_refine.ls_goodness_of_fit_obs_esd               ? 
_refine.ls_hydrogen_treatment                    ? 
_refine.ls_matrix_type                           ? 
_refine.ls_number_constraints                    ? 
_refine.ls_number_parameters                     ? 
_refine.ls_number_reflns_all                     ? 
_refine.ls_number_reflns_obs                     35291 
_refine.ls_number_reflns_R_free                  1775 
_refine.ls_number_reflns_R_work                  ? 
_refine.ls_number_restraints                     ? 
_refine.ls_percent_reflns_obs                    99.9700 
_refine.ls_percent_reflns_R_free                 4.8000 
_refine.ls_R_factor_all                          ? 
_refine.ls_R_factor_obs                          0.2039 
_refine.ls_R_factor_R_free                       0.2296 
_refine.ls_R_factor_R_free_error                 ? 
_refine.ls_R_factor_R_free_error_details         ? 
_refine.ls_R_factor_R_work                       0.2025 
_refine.ls_R_Fsqd_factor_obs                     ? 
_refine.ls_R_I_factor_obs                        ? 
_refine.ls_redundancy_reflns_all                 ? 
_refine.ls_redundancy_reflns_obs                 ? 
_refine.ls_restrained_S_all                      ? 
_refine.ls_restrained_S_obs                      ? 
_refine.ls_shift_over_esd_max                    ? 
_refine.ls_shift_over_esd_mean                   ? 
_refine.ls_structure_factor_coef                 ? 
_refine.ls_weighting_details                     ? 
_refine.ls_weighting_scheme                      ? 
_refine.ls_wR_factor_all                         ? 
_refine.ls_wR_factor_obs                         ? 
_refine.ls_wR_factor_R_free                      ? 
_refine.ls_wR_factor_R_work                      ? 
_refine.occupancy_max                            ? 
_refine.occupancy_min                            ? 
_refine.solvent_model_details                    MASK 
_refine.solvent_model_param_bsol                 ? 
_refine.solvent_model_param_ksol                 ? 
_refine.pdbx_R_complete                          ? 
_refine.ls_R_factor_gt                           ? 
_refine.ls_goodness_of_fit_gt                    ? 
_refine.ls_goodness_of_fit_ref                   ? 
_refine.ls_shift_over_su_max                     ? 
_refine.ls_shift_over_su_max_lt                  ? 
_refine.ls_shift_over_su_mean                    ? 
_refine.ls_shift_over_su_mean_lt                 ? 
_refine.pdbx_ls_sigma_I                          ? 
_refine.pdbx_ls_sigma_F                          0.000 
_refine.pdbx_ls_sigma_Fsqd                       ? 
_refine.pdbx_data_cutoff_high_absF               ? 
_refine.pdbx_data_cutoff_high_rms_absF           ? 
_refine.pdbx_data_cutoff_low_absF                ? 
_refine.pdbx_isotropic_thermal_model             ? 
_refine.pdbx_ls_cross_valid_method               THROUGHOUT 
_refine.pdbx_method_to_determine_struct          'MOLECULAR REPLACEMENT' 
_refine.pdbx_starting_model                      5NIO 
_refine.pdbx_stereochemistry_target_values       'MAXIMUM LIKELIHOOD' 
_refine.pdbx_R_Free_selection_details            RANDOM 
_refine.pdbx_stereochem_target_val_spec_case     ? 
_refine.pdbx_overall_ESU_R                       0.0770 
_refine.pdbx_overall_ESU_R_Free                  0.0780 
_refine.pdbx_solvent_vdw_probe_radii             1.2000 
_refine.pdbx_solvent_ion_probe_radii             0.8000 
_refine.pdbx_solvent_shrinkage_radii             0.8000 
_refine.pdbx_real_space_R                        ? 
_refine.pdbx_density_correlation                 ? 
_refine.pdbx_pd_number_of_powder_patterns        ? 
_refine.pdbx_pd_number_of_points                 ? 
_refine.pdbx_pd_meas_number_of_points            ? 
_refine.pdbx_pd_proc_ls_prof_R_factor            ? 
_refine.pdbx_pd_proc_ls_prof_wR_factor           ? 
_refine.pdbx_pd_Marquardt_correlation_coeff      ? 
_refine.pdbx_pd_Fsqrd_R_factor                   ? 
_refine.pdbx_pd_ls_matrix_band_width             ? 
_refine.pdbx_overall_phase_error                 ? 
_refine.pdbx_overall_SU_R_free_Cruickshank_DPI   ? 
_refine.pdbx_overall_SU_R_free_Blow_DPI          ? 
_refine.pdbx_overall_SU_R_Blow_DPI               ? 
_refine.pdbx_TLS_residual_ADP_flag               ? 
_refine.pdbx_diffrn_id                           1 
_refine.overall_SU_B                             ? 
_refine.overall_SU_ML                            ? 
_refine.overall_SU_R_Cruickshank_DPI             ? 
_refine.overall_SU_R_free                        ? 
_refine.overall_FOM_free_R_set                   ? 
_refine.overall_FOM_work_R_set                   ? 
_refine.pdbx_average_fsc_overall                 ? 
_refine.pdbx_average_fsc_work                    ? 
_refine.pdbx_average_fsc_free                    ? 
# 
_refine_hist.pdbx_refine_id                   'X-RAY DIFFRACTION' 
_refine_hist.cycle_id                         final 
_refine_hist.details                          ? 
_refine_hist.d_res_high                       1.5500 
_refine_hist.d_res_low                        85.6300 
_refine_hist.number_atoms_solvent             100 
_refine_hist.number_atoms_total               1621 
_refine_hist.number_reflns_all                ? 
_refine_hist.number_reflns_obs                ? 
_refine_hist.number_reflns_R_free             ? 
_refine_hist.number_reflns_R_work             ? 
_refine_hist.R_factor_all                     ? 
_refine_hist.R_factor_obs                     ? 
_refine_hist.R_factor_R_free                  ? 
_refine_hist.R_factor_R_work                  ? 
_refine_hist.pdbx_number_residues_total       193 
_refine_hist.pdbx_B_iso_mean_ligand           44.39 
_refine_hist.pdbx_B_iso_mean_solvent          37.36 
_refine_hist.pdbx_number_atoms_protein        1499 
_refine_hist.pdbx_number_atoms_nucleic_acid   0 
_refine_hist.pdbx_number_atoms_ligand         22 
_refine_hist.pdbx_number_atoms_lipid          ? 
_refine_hist.pdbx_number_atoms_carb           ? 
_refine_hist.pdbx_pseudo_atom_details         ? 
# 
loop_
_refine_ls_restr.pdbx_refine_id 
_refine_ls_restr.criterion 
_refine_ls_restr.dev_ideal 
_refine_ls_restr.dev_ideal_target 
_refine_ls_restr.number 
_refine_ls_restr.rejects 
_refine_ls_restr.type 
_refine_ls_restr.weight 
_refine_ls_restr.pdbx_restraint_function 
'X-RAY DIFFRACTION' ? 0.017  0.013  1587 ? r_bond_refined_d       ? ? 
'X-RAY DIFFRACTION' ? 0.035  0.017  1471 ? r_bond_other_d         ? ? 
'X-RAY DIFFRACTION' ? 1.865  1.643  2167 ? r_angle_refined_deg    ? ? 
'X-RAY DIFFRACTION' ? 2.331  1.569  3390 ? r_angle_other_deg      ? ? 
'X-RAY DIFFRACTION' ? 5.093  5.000  198  ? r_dihedral_angle_1_deg ? ? 
'X-RAY DIFFRACTION' ? 33.279 21.000 90   ? r_dihedral_angle_2_deg ? ? 
'X-RAY DIFFRACTION' ? 13.556 15.000 247  ? r_dihedral_angle_3_deg ? ? 
'X-RAY DIFFRACTION' ? 14.054 15.000 14   ? r_dihedral_angle_4_deg ? ? 
'X-RAY DIFFRACTION' ? 0.110  0.200  211  ? r_chiral_restr         ? ? 
'X-RAY DIFFRACTION' ? 0.021  0.020  1801 ? r_gen_planes_refined   ? ? 
'X-RAY DIFFRACTION' ? 0.045  0.020  357  ? r_gen_planes_other     ? ? 
'X-RAY DIFFRACTION' ? 2.542  2.698  783  ? r_mcbond_it            ? ? 
'X-RAY DIFFRACTION' ? 2.520  2.695  782  ? r_mcbond_other         ? ? 
'X-RAY DIFFRACTION' ? 3.467  4.034  981  ? r_mcangle_it           ? ? 
# 
_refine_ls_shell.pdbx_refine_id                   'X-RAY DIFFRACTION' 
_refine_ls_shell.d_res_high                       1.5500 
_refine_ls_shell.d_res_low                        1.5900 
_refine_ls_shell.number_reflns_all                2673 
_refine_ls_shell.number_reflns_obs                ? 
_refine_ls_shell.number_reflns_R_free             94 
_refine_ls_shell.number_reflns_R_work             2579 
_refine_ls_shell.percent_reflns_obs               99.6600 
_refine_ls_shell.percent_reflns_R_free            ? 
_refine_ls_shell.R_factor_all                     ? 
_refine_ls_shell.R_factor_obs                     ? 
_refine_ls_shell.R_factor_R_free                  0.3060 
_refine_ls_shell.R_factor_R_free_error            ? 
_refine_ls_shell.R_factor_R_work                  0.3230 
_refine_ls_shell.redundancy_reflns_all            ? 
_refine_ls_shell.redundancy_reflns_obs            ? 
_refine_ls_shell.wR_factor_all                    ? 
_refine_ls_shell.wR_factor_obs                    ? 
_refine_ls_shell.wR_factor_R_free                 ? 
_refine_ls_shell.wR_factor_R_work                 ? 
_refine_ls_shell.pdbx_R_complete                  ? 
_refine_ls_shell.pdbx_total_number_of_bins_used   20 
_refine_ls_shell.pdbx_phase_error                 ? 
_refine_ls_shell.pdbx_fsc_work                    ? 
_refine_ls_shell.pdbx_fsc_free                    ? 
# 
_struct.entry_id                     7NGN 
_struct.title                        'Mycobacterium tuberculosis transcriptional regulator EthR with bound inhibitory compound' 
_struct.pdbx_model_details           ? 
_struct.pdbx_formula_weight          ? 
_struct.pdbx_formula_weight_method   ? 
_struct.pdbx_model_type_details      ? 
_struct.pdbx_CASP_flag               N 
# 
_struct_keywords.entry_id        7NGN 
_struct_keywords.text            'ETHR, Tuberculosis, Inhibition, TRANSCRIPTION' 
_struct_keywords.pdbx_keywords   TRANSCRIPTION 
# 
loop_
_struct_asym.id 
_struct_asym.pdbx_blank_PDB_chainid_flag 
_struct_asym.pdbx_modified 
_struct_asym.entity_id 
_struct_asym.details 
A N N 1 ? 
B N N 2 ? 
C N N 3 ? 
D N N 4 ? 
# 
_struct_ref.id                         1 
_struct_ref.db_name                    UNP 
_struct_ref.db_code                    ETHR_MYCTU 
_struct_ref.pdbx_db_accession          P9WMC1 
_struct_ref.pdbx_db_isoform            ? 
_struct_ref.entity_id                  1 
_struct_ref.pdbx_seq_one_letter_code   
;MTTSAASQASLPRGRRTARPSGDDRELAILATAENLLEDRPLADISVDDLAKGAGISRPTFYFYFPSKEAVLLTLLDRVV
NQADMALQTLAENPADTDRENMWRTGINVFFETFGSHKAVTRAGQAARATSVEVAELWSTFMQKWIAYTAAVIDAERDRG
AAPRTLPAHELATALNLMNERTLFASFAGEQPSVPEARVLDTLVHIWVTSIYGENR
;
_struct_ref.pdbx_align_begin           1 
# 
_struct_ref_seq.align_id                      1 
_struct_ref_seq.ref_id                        1 
_struct_ref_seq.pdbx_PDB_id_code              7NGN 
_struct_ref_seq.pdbx_strand_id                A 
_struct_ref_seq.seq_align_beg                 1 
_struct_ref_seq.pdbx_seq_align_beg_ins_code   ? 
_struct_ref_seq.seq_align_end                 216 
_struct_ref_seq.pdbx_seq_align_end_ins_code   ? 
_struct_ref_seq.pdbx_db_accession             P9WMC1 
_struct_ref_seq.db_align_beg                  1 
_struct_ref_seq.pdbx_db_align_beg_ins_code    ? 
_struct_ref_seq.db_align_end                  216 
_struct_ref_seq.pdbx_db_align_end_ins_code    ? 
_struct_ref_seq.pdbx_auth_seq_align_beg       1 
_struct_ref_seq.pdbx_auth_seq_align_end       216 
# 
_pdbx_struct_assembly.id                   1 
_pdbx_struct_assembly.details              author_and_software_defined_assembly 
_pdbx_struct_assembly.method_details       PISA 
_pdbx_struct_assembly.oligomeric_details   dimeric 
_pdbx_struct_assembly.oligomeric_count     2 
# 
loop_
_pdbx_struct_assembly_prop.biol_id 
_pdbx_struct_assembly_prop.type 
_pdbx_struct_assembly_prop.value 
_pdbx_struct_assembly_prop.details 
1 'ABSA (A^2)' 3520  ? 
1 MORE         -77   ? 
1 'SSA (A^2)'  17090 ? 
# 
_pdbx_struct_assembly_gen.assembly_id       1 
_pdbx_struct_assembly_gen.oper_expression   1,2 
_pdbx_struct_assembly_gen.asym_id_list      A,B,C,D 
# 
_pdbx_struct_assembly_auth_evidence.id                     1 
_pdbx_struct_assembly_auth_evidence.assembly_id            1 
_pdbx_struct_assembly_auth_evidence.experimental_support   none 
_pdbx_struct_assembly_auth_evidence.details                ? 
# 
loop_
_pdbx_struct_oper_list.id 
_pdbx_struct_oper_list.type 
_pdbx_struct_oper_list.name 
_pdbx_struct_oper_list.symmetry_operation 
_pdbx_struct_oper_list.matrix[1][1] 
_pdbx_struct_oper_list.matrix[1][2] 
_pdbx_struct_oper_list.matrix[1][3] 
_pdbx_struct_oper_list.vector[1] 
_pdbx_struct_oper_list.matrix[2][1] 
_pdbx_struct_oper_list.matrix[2][2] 
_pdbx_struct_oper_list.matrix[2][3] 
_pdbx_struct_oper_list.vector[2] 
_pdbx_struct_oper_list.matrix[3][1] 
_pdbx_struct_oper_list.matrix[3][2] 
_pdbx_struct_oper_list.matrix[3][3] 
_pdbx_struct_oper_list.vector[3] 
1 'identity operation'         1_555 x,y,z  1.0000000000  0.0000000000 0.0000000000 0.0000000000 0.0000000000 1.0000000000  0.0000000000 0.0000000000  0.0000000000 0.0000000000 1.0000000000 0.0000000000  
2 'crystal symmetry operation' 7_555 y,x,-z -0.8938334421 0.0844490956 0.4403749858 7.7559865372 0.0844490956 -0.9328258363 0.3502917489 23.2983917114 0.4403749858 0.3502917489 0.8266592784 -6.3376771892 
# 
loop_
_struct_conf.conf_type_id 
_struct_conf.id 
_struct_conf.pdbx_PDB_helix_id 
_struct_conf.beg_label_comp_id 
_struct_conf.beg_label_asym_id 
_struct_conf.beg_label_seq_id 
_struct_conf.pdbx_beg_PDB_ins_code 
_struct_conf.end_label_comp_id 
_struct_conf.end_label_asym_id 
_struct_conf.end_label_seq_id 
_struct_conf.pdbx_end_PDB_ins_code 
_struct_conf.beg_auth_comp_id 
_struct_conf.beg_auth_asym_id 
_struct_conf.beg_auth_seq_id 
_struct_conf.end_auth_comp_id 
_struct_conf.end_auth_asym_id 
_struct_conf.end_auth_seq_id 
_struct_conf.pdbx_PDB_helix_class 
_struct_conf.details 
_struct_conf.pdbx_PDB_helix_length 
HELX_P HELX_P1  AA1 GLY A 22  ? ARG A 40  ? GLY A 22  ARG A 40  1 ? 19 
HELX_P HELX_P2  AA2 PRO A 41  ? ILE A 45  ? PRO A 41  ILE A 45  5 ? 5  
HELX_P HELX_P3  AA3 SER A 46  ? GLY A 55  ? SER A 46  GLY A 55  1 ? 10 
HELX_P HELX_P4  AA4 SER A 57  ? PHE A 65  ? SER A 57  PHE A 65  1 ? 9  
HELX_P HELX_P5  AA5 SER A 67  ? ASN A 93  ? SER A 67  ASN A 93  1 ? 27 
HELX_P HELX_P6  AA6 ASP A 98  ? SER A 116 ? ASP A 98  SER A 116 1 ? 19 
HELX_P HELX_P7  AA7 HIS A 117 ? ARG A 128 ? HIS A 117 ARG A 128 1 ? 12 
HELX_P HELX_P8  AA8 SER A 131 ? ARG A 159 ? SER A 131 ARG A 159 1 ? 29 
HELX_P HELX_P9  AA9 PRO A 167 ? ALA A 188 ? PRO A 167 ALA A 188 1 ? 22 
HELX_P HELX_P10 AB1 PRO A 195 ? GLY A 213 ? PRO A 195 GLY A 213 1 ? 19 
# 
_struct_conf_type.id          HELX_P 
_struct_conf_type.criteria    ? 
_struct_conf_type.reference   ? 
# 
_struct_mon_prot_cis.pdbx_id                1 
_struct_mon_prot_cis.label_comp_id          GLN 
_struct_mon_prot_cis.label_seq_id           191 
_struct_mon_prot_cis.label_asym_id          A 
_struct_mon_prot_cis.label_alt_id           . 
_struct_mon_prot_cis.pdbx_PDB_ins_code      ? 
_struct_mon_prot_cis.auth_comp_id           GLN 
_struct_mon_prot_cis.auth_seq_id            191 
_struct_mon_prot_cis.auth_asym_id           A 
_struct_mon_prot_cis.pdbx_label_comp_id_2   PRO 
_struct_mon_prot_cis.pdbx_label_seq_id_2    192 
_struct_mon_prot_cis.pdbx_label_asym_id_2   A 
_struct_mon_prot_cis.pdbx_PDB_ins_code_2    ? 
_struct_mon_prot_cis.pdbx_auth_comp_id_2    PRO 
_struct_mon_prot_cis.pdbx_auth_seq_id_2     192 
_struct_mon_prot_cis.pdbx_auth_asym_id_2    A 
_struct_mon_prot_cis.pdbx_PDB_model_num     1 
_struct_mon_prot_cis.pdbx_omega_angle       -1.85 
# 
loop_
_struct_site.id 
_struct_site.pdbx_evidence_code 
_struct_site.pdbx_auth_asym_id 
_struct_site.pdbx_auth_comp_id 
_struct_site.pdbx_auth_seq_id 
_struct_site.pdbx_auth_ins_code 
_struct_site.pdbx_num_residues 
_struct_site.details 
AC1 Software A UA8 302 ? 12 'binding site for residue UA8 A 302' 
AC2 Software A SO4 303 ? 5  'binding site for residue SO4 A 303' 
# 
loop_
_struct_site_gen.id 
_struct_site_gen.site_id 
_struct_site_gen.pdbx_num_res 
_struct_site_gen.label_comp_id 
_struct_site_gen.label_asym_id 
_struct_site_gen.label_seq_id 
_struct_site_gen.pdbx_auth_ins_code 
_struct_site_gen.auth_comp_id 
_struct_site_gen.auth_asym_id 
_struct_site_gen.auth_seq_id 
_struct_site_gen.label_atom_id 
_struct_site_gen.label_alt_id 
_struct_site_gen.symmetry 
_struct_site_gen.details 
1  AC1 12 GLY A 106 ? GLY A 106 . ? 1_555 ? 
2  AC1 12 PHE A 110 ? PHE A 110 . ? 1_555 ? 
3  AC1 12 TRP A 138 ? TRP A 138 . ? 1_555 ? 
4  AC1 12 MET A 142 ? MET A 142 . ? 1_555 ? 
5  AC1 12 TRP A 145 ? TRP A 145 . ? 1_555 ? 
6  AC1 12 TYR A 148 ? TYR A 148 . ? 1_555 ? 
7  AC1 12 THR A 149 ? THR A 149 . ? 1_555 ? 
8  AC1 12 ASN A 176 ? ASN A 176 . ? 1_555 ? 
9  AC1 12 ASN A 179 ? ASN A 179 . ? 1_555 ? 
10 AC1 12 LEU A 183 ? LEU A 183 . ? 1_555 ? 
11 AC1 12 PHE A 184 ? PHE A 184 . ? 1_555 ? 
12 AC1 12 TRP A 207 ? TRP A 207 . ? 1_555 ? 
13 AC2 5  PHE A 111 ? PHE A 111 . ? 1_555 ? 
14 AC2 5  GLU A 112 ? GLU A 112 . ? 1_555 ? 
15 AC2 5  GLY A 115 ? GLY A 115 . ? 1_555 ? 
16 AC2 5  SER A 116 ? SER A 116 . ? 1_555 ? 
17 AC2 5  GLU A 196 ? GLU A 196 . ? 1_555 ? 
# 
loop_
_pdbx_validate_close_contact.id 
_pdbx_validate_close_contact.PDB_model_num 
_pdbx_validate_close_contact.auth_atom_id_1 
_pdbx_validate_close_contact.auth_asym_id_1 
_pdbx_validate_close_contact.auth_comp_id_1 
_pdbx_validate_close_contact.auth_seq_id_1 
_pdbx_validate_close_contact.PDB_ins_code_1 
_pdbx_validate_close_contact.label_alt_id_1 
_pdbx_validate_close_contact.auth_atom_id_2 
_pdbx_validate_close_contact.auth_asym_id_2 
_pdbx_validate_close_contact.auth_comp_id_2 
_pdbx_validate_close_contact.auth_seq_id_2 
_pdbx_validate_close_contact.PDB_ins_code_2 
_pdbx_validate_close_contact.label_alt_id_2 
_pdbx_validate_close_contact.dist 
1 1 NE2 A GLN 125 ? ? CZ2 A TRP 138 ? B 1.97 
2 1 NE2 A GLN 125 ? ? CH2 A TRP 138 ? B 2.19 
# 
_pdbx_validate_torsion.id              1 
_pdbx_validate_torsion.PDB_model_num   1 
_pdbx_validate_torsion.auth_comp_id    THR 
_pdbx_validate_torsion.auth_asym_id    A 
_pdbx_validate_torsion.auth_seq_id     165 
_pdbx_validate_torsion.PDB_ins_code    ? 
_pdbx_validate_torsion.label_alt_id    ? 
_pdbx_validate_torsion.phi             -105.19 
_pdbx_validate_torsion.psi             -106.33 
# 
loop_
_pdbx_validate_planes.id 
_pdbx_validate_planes.PDB_model_num 
_pdbx_validate_planes.auth_comp_id 
_pdbx_validate_planes.auth_asym_id 
_pdbx_validate_planes.auth_seq_id 
_pdbx_validate_planes.PDB_ins_code 
_pdbx_validate_planes.label_alt_id 
_pdbx_validate_planes.rmsd 
_pdbx_validate_planes.type 
1 1 ARG A 25  ? ? 0.092 'SIDE CHAIN' 
2 1 ARG A 78  ? A 0.101 'SIDE CHAIN' 
3 1 ARG A 122 ? ? 0.186 'SIDE CHAIN' 
# 
loop_
_pdbx_struct_special_symmetry.id 
_pdbx_struct_special_symmetry.PDB_model_num 
_pdbx_struct_special_symmetry.auth_asym_id 
_pdbx_struct_special_symmetry.auth_comp_id 
_pdbx_struct_special_symmetry.auth_seq_id 
_pdbx_struct_special_symmetry.PDB_ins_code 
_pdbx_struct_special_symmetry.label_asym_id 
_pdbx_struct_special_symmetry.label_comp_id 
_pdbx_struct_special_symmetry.label_seq_id 
1 1 A HOH 429 ? D HOH . 
2 1 A HOH 488 ? D HOH . 
# 
_pdbx_entry_details.entry_id                 7NGN 
_pdbx_entry_details.has_ligand_of_interest   Y 
_pdbx_entry_details.compound_details         ? 
_pdbx_entry_details.source_details           ? 
_pdbx_entry_details.nonpolymer_details       ? 
_pdbx_entry_details.sequence_details         ? 
# 
loop_
_pdbx_unobs_or_zero_occ_residues.id 
_pdbx_unobs_or_zero_occ_residues.PDB_model_num 
_pdbx_unobs_or_zero_occ_residues.polymer_flag 
_pdbx_unobs_or_zero_occ_residues.occupancy_flag 
_pdbx_unobs_or_zero_occ_residues.auth_asym_id 
_pdbx_unobs_or_zero_occ_residues.auth_comp_id 
_pdbx_unobs_or_zero_occ_residues.auth_seq_id 
_pdbx_unobs_or_zero_occ_residues.PDB_ins_code 
_pdbx_unobs_or_zero_occ_residues.label_asym_id 
_pdbx_unobs_or_zero_occ_residues.label_comp_id 
_pdbx_unobs_or_zero_occ_residues.label_seq_id 
1  1 Y 1 A MET 1   ? A MET 1   
2  1 Y 1 A THR 2   ? A THR 2   
3  1 Y 1 A THR 3   ? A THR 3   
4  1 Y 1 A SER 4   ? A SER 4   
5  1 Y 1 A ALA 5   ? A ALA 5   
6  1 Y 1 A ALA 6   ? A ALA 6   
7  1 Y 1 A SER 7   ? A SER 7   
8  1 Y 1 A GLN 8   ? A GLN 8   
9  1 Y 1 A ALA 9   ? A ALA 9   
10 1 Y 1 A SER 10  ? A SER 10  
11 1 Y 1 A LEU 11  ? A LEU 11  
12 1 Y 1 A PRO 12  ? A PRO 12  
13 1 Y 1 A ARG 13  ? A ARG 13  
14 1 Y 1 A GLY 14  ? A GLY 14  
15 1 Y 1 A ARG 15  ? A ARG 15  
16 1 Y 1 A ARG 16  ? A ARG 16  
17 1 Y 1 A THR 17  ? A THR 17  
18 1 Y 1 A ALA 18  ? A ALA 18  
19 1 Y 1 A ARG 19  ? A ARG 19  
20 1 Y 1 A PRO 20  ? A PRO 20  
21 1 Y 1 A SER 21  ? A SER 21  
22 1 Y 1 A ASN 215 ? A ASN 215 
23 1 Y 1 A ARG 216 ? A ARG 216 
# 
loop_
_chem_comp_atom.comp_id 
_chem_comp_atom.atom_id 
_chem_comp_atom.type_symbol 
_chem_comp_atom.pdbx_aromatic_flag 
_chem_comp_atom.pdbx_stereo_config 
_chem_comp_atom.pdbx_ordinal 
ALA N    N N N 1   
ALA CA   C N S 2   
ALA C    C N N 3   
ALA O    O N N 4   
ALA CB   C N N 5   
ALA OXT  O N N 6   
ALA H    H N N 7   
ALA H2   H N N 8   
ALA HA   H N N 9   
ALA HB1  H N N 10  
ALA HB2  H N N 11  
ALA HB3  H N N 12  
ALA HXT  H N N 13  
ARG N    N N N 14  
ARG CA   C N S 15  
ARG C    C N N 16  
ARG O    O N N 17  
ARG CB   C N N 18  
ARG CG   C N N 19  
ARG CD   C N N 20  
ARG NE   N N N 21  
ARG CZ   C N N 22  
ARG NH1  N N N 23  
ARG NH2  N N N 24  
ARG OXT  O N N 25  
ARG H    H N N 26  
ARG H2   H N N 27  
ARG HA   H N N 28  
ARG HB2  H N N 29  
ARG HB3  H N N 30  
ARG HG2  H N N 31  
ARG HG3  H N N 32  
ARG HD2  H N N 33  
ARG HD3  H N N 34  
ARG HE   H N N 35  
ARG HH11 H N N 36  
ARG HH12 H N N 37  
ARG HH21 H N N 38  
ARG HH22 H N N 39  
ARG HXT  H N N 40  
ASN N    N N N 41  
ASN CA   C N S 42  
ASN C    C N N 43  
ASN O    O N N 44  
ASN CB   C N N 45  
ASN CG   C N N 46  
ASN OD1  O N N 47  
ASN ND2  N N N 48  
ASN OXT  O N N 49  
ASN H    H N N 50  
ASN H2   H N N 51  
ASN HA   H N N 52  
ASN HB2  H N N 53  
ASN HB3  H N N 54  
ASN HD21 H N N 55  
ASN HD22 H N N 56  
ASN HXT  H N N 57  
ASP N    N N N 58  
ASP CA   C N S 59  
ASP C    C N N 60  
ASP O    O N N 61  
ASP CB   C N N 62  
ASP CG   C N N 63  
ASP OD1  O N N 64  
ASP OD2  O N N 65  
ASP OXT  O N N 66  
ASP H    H N N 67  
ASP H2   H N N 68  
ASP HA   H N N 69  
ASP HB2  H N N 70  
ASP HB3  H N N 71  
ASP HD2  H N N 72  
ASP HXT  H N N 73  
GLN N    N N N 74  
GLN CA   C N S 75  
GLN C    C N N 76  
GLN O    O N N 77  
GLN CB   C N N 78  
GLN CG   C N N 79  
GLN CD   C N N 80  
GLN OE1  O N N 81  
GLN NE2  N N N 82  
GLN OXT  O N N 83  
GLN H    H N N 84  
GLN H2   H N N 85  
GLN HA   H N N 86  
GLN HB2  H N N 87  
GLN HB3  H N N 88  
GLN HG2  H N N 89  
GLN HG3  H N N 90  
GLN HE21 H N N 91  
GLN HE22 H N N 92  
GLN HXT  H N N 93  
GLU N    N N N 94  
GLU CA   C N S 95  
GLU C    C N N 96  
GLU O    O N N 97  
GLU CB   C N N 98  
GLU CG   C N N 99  
GLU CD   C N N 100 
GLU OE1  O N N 101 
GLU OE2  O N N 102 
GLU OXT  O N N 103 
GLU H    H N N 104 
GLU H2   H N N 105 
GLU HA   H N N 106 
GLU HB2  H N N 107 
GLU HB3  H N N 108 
GLU HG2  H N N 109 
GLU HG3  H N N 110 
GLU HE2  H N N 111 
GLU HXT  H N N 112 
GLY N    N N N 113 
GLY CA   C N N 114 
GLY C    C N N 115 
GLY O    O N N 116 
GLY OXT  O N N 117 
GLY H    H N N 118 
GLY H2   H N N 119 
GLY HA2  H N N 120 
GLY HA3  H N N 121 
GLY HXT  H N N 122 
HIS N    N N N 123 
HIS CA   C N S 124 
HIS C    C N N 125 
HIS O    O N N 126 
HIS CB   C N N 127 
HIS CG   C Y N 128 
HIS ND1  N Y N 129 
HIS CD2  C Y N 130 
HIS CE1  C Y N 131 
HIS NE2  N Y N 132 
HIS OXT  O N N 133 
HIS H    H N N 134 
HIS H2   H N N 135 
HIS HA   H N N 136 
HIS HB2  H N N 137 
HIS HB3  H N N 138 
HIS HD1  H N N 139 
HIS HD2  H N N 140 
HIS HE1  H N N 141 
HIS HE2  H N N 142 
HIS HXT  H N N 143 
HOH O    O N N 144 
HOH H1   H N N 145 
HOH H2   H N N 146 
ILE N    N N N 147 
ILE CA   C N S 148 
ILE C    C N N 149 
ILE O    O N N 150 
ILE CB   C N S 151 
ILE CG1  C N N 152 
ILE CG2  C N N 153 
ILE CD1  C N N 154 
ILE OXT  O N N 155 
ILE H    H N N 156 
ILE H2   H N N 157 
ILE HA   H N N 158 
ILE HB   H N N 159 
ILE HG12 H N N 160 
ILE HG13 H N N 161 
ILE HG21 H N N 162 
ILE HG22 H N N 163 
ILE HG23 H N N 164 
ILE HD11 H N N 165 
ILE HD12 H N N 166 
ILE HD13 H N N 167 
ILE HXT  H N N 168 
LEU N    N N N 169 
LEU CA   C N S 170 
LEU C    C N N 171 
LEU O    O N N 172 
LEU CB   C N N 173 
LEU CG   C N N 174 
LEU CD1  C N N 175 
LEU CD2  C N N 176 
LEU OXT  O N N 177 
LEU H    H N N 178 
LEU H2   H N N 179 
LEU HA   H N N 180 
LEU HB2  H N N 181 
LEU HB3  H N N 182 
LEU HG   H N N 183 
LEU HD11 H N N 184 
LEU HD12 H N N 185 
LEU HD13 H N N 186 
LEU HD21 H N N 187 
LEU HD22 H N N 188 
LEU HD23 H N N 189 
LEU HXT  H N N 190 
LYS N    N N N 191 
LYS CA   C N S 192 
LYS C    C N N 193 
LYS O    O N N 194 
LYS CB   C N N 195 
LYS CG   C N N 196 
LYS CD   C N N 197 
LYS CE   C N N 198 
LYS NZ   N N N 199 
LYS OXT  O N N 200 
LYS H    H N N 201 
LYS H2   H N N 202 
LYS HA   H N N 203 
LYS HB2  H N N 204 
LYS HB3  H N N 205 
LYS HG2  H N N 206 
LYS HG3  H N N 207 
LYS HD2  H N N 208 
LYS HD3  H N N 209 
LYS HE2  H N N 210 
LYS HE3  H N N 211 
LYS HZ1  H N N 212 
LYS HZ2  H N N 213 
LYS HZ3  H N N 214 
LYS HXT  H N N 215 
MET N    N N N 216 
MET CA   C N S 217 
MET C    C N N 218 
MET O    O N N 219 
MET CB   C N N 220 
MET CG   C N N 221 
MET SD   S N N 222 
MET CE   C N N 223 
MET OXT  O N N 224 
MET H    H N N 225 
MET H2   H N N 226 
MET HA   H N N 227 
MET HB2  H N N 228 
MET HB3  H N N 229 
MET HG2  H N N 230 
MET HG3  H N N 231 
MET HE1  H N N 232 
MET HE2  H N N 233 
MET HE3  H N N 234 
MET HXT  H N N 235 
PHE N    N N N 236 
PHE CA   C N S 237 
PHE C    C N N 238 
PHE O    O N N 239 
PHE CB   C N N 240 
PHE CG   C Y N 241 
PHE CD1  C Y N 242 
PHE CD2  C Y N 243 
PHE CE1  C Y N 244 
PHE CE2  C Y N 245 
PHE CZ   C Y N 246 
PHE OXT  O N N 247 
PHE H    H N N 248 
PHE H2   H N N 249 
PHE HA   H N N 250 
PHE HB2  H N N 251 
PHE HB3  H N N 252 
PHE HD1  H N N 253 
PHE HD2  H N N 254 
PHE HE1  H N N 255 
PHE HE2  H N N 256 
PHE HZ   H N N 257 
PHE HXT  H N N 258 
PRO N    N N N 259 
PRO CA   C N S 260 
PRO C    C N N 261 
PRO O    O N N 262 
PRO CB   C N N 263 
PRO CG   C N N 264 
PRO CD   C N N 265 
PRO OXT  O N N 266 
PRO H    H N N 267 
PRO HA   H N N 268 
PRO HB2  H N N 269 
PRO HB3  H N N 270 
PRO HG2  H N N 271 
PRO HG3  H N N 272 
PRO HD2  H N N 273 
PRO HD3  H N N 274 
PRO HXT  H N N 275 
SER N    N N N 276 
SER CA   C N S 277 
SER C    C N N 278 
SER O    O N N 279 
SER CB   C N N 280 
SER OG   O N N 281 
SER OXT  O N N 282 
SER H    H N N 283 
SER H2   H N N 284 
SER HA   H N N 285 
SER HB2  H N N 286 
SER HB3  H N N 287 
SER HG   H N N 288 
SER HXT  H N N 289 
SO4 S    S N N 290 
SO4 O1   O N N 291 
SO4 O2   O N N 292 
SO4 O3   O N N 293 
SO4 O4   O N N 294 
THR N    N N N 295 
THR CA   C N S 296 
THR C    C N N 297 
THR O    O N N 298 
THR CB   C N R 299 
THR OG1  O N N 300 
THR CG2  C N N 301 
THR OXT  O N N 302 
THR H    H N N 303 
THR H2   H N N 304 
THR HA   H N N 305 
THR HB   H N N 306 
THR HG1  H N N 307 
THR HG21 H N N 308 
THR HG22 H N N 309 
THR HG23 H N N 310 
THR HXT  H N N 311 
TRP N    N N N 312 
TRP CA   C N S 313 
TRP C    C N N 314 
TRP O    O N N 315 
TRP CB   C N N 316 
TRP CG   C Y N 317 
TRP CD1  C Y N 318 
TRP CD2  C Y N 319 
TRP NE1  N Y N 320 
TRP CE2  C Y N 321 
TRP CE3  C Y N 322 
TRP CZ2  C Y N 323 
TRP CZ3  C Y N 324 
TRP CH2  C Y N 325 
TRP OXT  O N N 326 
TRP H    H N N 327 
TRP H2   H N N 328 
TRP HA   H N N 329 
TRP HB2  H N N 330 
TRP HB3  H N N 331 
TRP HD1  H N N 332 
TRP HE1  H N N 333 
TRP HE3  H N N 334 
TRP HZ2  H N N 335 
TRP HZ3  H N N 336 
TRP HH2  H N N 337 
TRP HXT  H N N 338 
TYR N    N N N 339 
TYR CA   C N S 340 
TYR C    C N N 341 
TYR O    O N N 342 
TYR CB   C N N 343 
TYR CG   C Y N 344 
TYR CD1  C Y N 345 
TYR CD2  C Y N 346 
TYR CE1  C Y N 347 
TYR CE2  C Y N 348 
TYR CZ   C Y N 349 
TYR OH   O N N 350 
TYR OXT  O N N 351 
TYR H    H N N 352 
TYR H2   H N N 353 
TYR HA   H N N 354 
TYR HB2  H N N 355 
TYR HB3  H N N 356 
TYR HD1  H N N 357 
TYR HD2  H N N 358 
TYR HE1  H N N 359 
TYR HE2  H N N 360 
TYR HH   H N N 361 
TYR HXT  H N N 362 
UA8 C4   C N N 363 
UA8 C14  C N N 364 
UA8 C5   C N N 365 
UA8 C6   C N N 366 
UA8 C11  C N N 367 
UA8 C7   C N N 368 
UA8 C8   C N N 369 
UA8 C9   C N N 370 
UA8 C10  C N N 371 
UA8 C12  C N N 372 
UA8 C13  C N N 373 
UA8 N1   N N N 374 
UA8 N2   N N N 375 
UA8 C3   C N N 376 
UA8 C1   C N N 377 
UA8 C2   C N N 378 
UA8 O1   O N N 379 
UA8 H1   H N N 380 
UA8 H2   H N N 381 
UA8 H3   H N N 382 
UA8 H4   H N N 383 
UA8 H5   H N N 384 
UA8 H6   H N N 385 
UA8 H7   H N N 386 
UA8 H8   H N N 387 
UA8 H9   H N N 388 
UA8 H10  H N N 389 
UA8 H11  H N N 390 
UA8 H12  H N N 391 
UA8 H13  H N N 392 
UA8 H14  H N N 393 
UA8 H15  H N N 394 
UA8 H16  H N N 395 
UA8 H17  H N N 396 
UA8 H18  H N N 397 
UA8 H19  H N N 398 
UA8 H20  H N N 399 
UA8 H21  H N N 400 
UA8 H22  H N N 401 
UA8 H23  H N N 402 
UA8 H24  H N N 403 
UA8 H25  H N N 404 
UA8 H26  H N N 405 
VAL N    N N N 406 
VAL CA   C N S 407 
VAL C    C N N 408 
VAL O    O N N 409 
VAL CB   C N N 410 
VAL CG1  C N N 411 
VAL CG2  C N N 412 
VAL OXT  O N N 413 
VAL H    H N N 414 
VAL H2   H N N 415 
VAL HA   H N N 416 
VAL HB   H N N 417 
VAL HG11 H N N 418 
VAL HG12 H N N 419 
VAL HG13 H N N 420 
VAL HG21 H N N 421 
VAL HG22 H N N 422 
VAL HG23 H N N 423 
VAL HXT  H N N 424 
# 
loop_
_chem_comp_bond.comp_id 
_chem_comp_bond.atom_id_1 
_chem_comp_bond.atom_id_2 
_chem_comp_bond.value_order 
_chem_comp_bond.pdbx_aromatic_flag 
_chem_comp_bond.pdbx_stereo_config 
_chem_comp_bond.pdbx_ordinal 
ALA N   CA   sing N N 1   
ALA N   H    sing N N 2   
ALA N   H2   sing N N 3   
ALA CA  C    sing N N 4   
ALA CA  CB   sing N N 5   
ALA CA  HA   sing N N 6   
ALA C   O    doub N N 7   
ALA C   OXT  sing N N 8   
ALA CB  HB1  sing N N 9   
ALA CB  HB2  sing N N 10  
ALA CB  HB3  sing N N 11  
ALA OXT HXT  sing N N 12  
ARG N   CA   sing N N 13  
ARG N   H    sing N N 14  
ARG N   H2   sing N N 15  
ARG CA  C    sing N N 16  
ARG CA  CB   sing N N 17  
ARG CA  HA   sing N N 18  
ARG C   O    doub N N 19  
ARG C   OXT  sing N N 20  
ARG CB  CG   sing N N 21  
ARG CB  HB2  sing N N 22  
ARG CB  HB3  sing N N 23  
ARG CG  CD   sing N N 24  
ARG CG  HG2  sing N N 25  
ARG CG  HG3  sing N N 26  
ARG CD  NE   sing N N 27  
ARG CD  HD2  sing N N 28  
ARG CD  HD3  sing N N 29  
ARG NE  CZ   sing N N 30  
ARG NE  HE   sing N N 31  
ARG CZ  NH1  sing N N 32  
ARG CZ  NH2  doub N N 33  
ARG NH1 HH11 sing N N 34  
ARG NH1 HH12 sing N N 35  
ARG NH2 HH21 sing N N 36  
ARG NH2 HH22 sing N N 37  
ARG OXT HXT  sing N N 38  
ASN N   CA   sing N N 39  
ASN N   H    sing N N 40  
ASN N   H2   sing N N 41  
ASN CA  C    sing N N 42  
ASN CA  CB   sing N N 43  
ASN CA  HA   sing N N 44  
ASN C   O    doub N N 45  
ASN C   OXT  sing N N 46  
ASN CB  CG   sing N N 47  
ASN CB  HB2  sing N N 48  
ASN CB  HB3  sing N N 49  
ASN CG  OD1  doub N N 50  
ASN CG  ND2  sing N N 51  
ASN ND2 HD21 sing N N 52  
ASN ND2 HD22 sing N N 53  
ASN OXT HXT  sing N N 54  
ASP N   CA   sing N N 55  
ASP N   H    sing N N 56  
ASP N   H2   sing N N 57  
ASP CA  C    sing N N 58  
ASP CA  CB   sing N N 59  
ASP CA  HA   sing N N 60  
ASP C   O    doub N N 61  
ASP C   OXT  sing N N 62  
ASP CB  CG   sing N N 63  
ASP CB  HB2  sing N N 64  
ASP CB  HB3  sing N N 65  
ASP CG  OD1  doub N N 66  
ASP CG  OD2  sing N N 67  
ASP OD2 HD2  sing N N 68  
ASP OXT HXT  sing N N 69  
GLN N   CA   sing N N 70  
GLN N   H    sing N N 71  
GLN N   H2   sing N N 72  
GLN CA  C    sing N N 73  
GLN CA  CB   sing N N 74  
GLN CA  HA   sing N N 75  
GLN C   O    doub N N 76  
GLN C   OXT  sing N N 77  
GLN CB  CG   sing N N 78  
GLN CB  HB2  sing N N 79  
GLN CB  HB3  sing N N 80  
GLN CG  CD   sing N N 81  
GLN CG  HG2  sing N N 82  
GLN CG  HG3  sing N N 83  
GLN CD  OE1  doub N N 84  
GLN CD  NE2  sing N N 85  
GLN NE2 HE21 sing N N 86  
GLN NE2 HE22 sing N N 87  
GLN OXT HXT  sing N N 88  
GLU N   CA   sing N N 89  
GLU N   H    sing N N 90  
GLU N   H2   sing N N 91  
GLU CA  C    sing N N 92  
GLU CA  CB   sing N N 93  
GLU CA  HA   sing N N 94  
GLU C   O    doub N N 95  
GLU C   OXT  sing N N 96  
GLU CB  CG   sing N N 97  
GLU CB  HB2  sing N N 98  
GLU CB  HB3  sing N N 99  
GLU CG  CD   sing N N 100 
GLU CG  HG2  sing N N 101 
GLU CG  HG3  sing N N 102 
GLU CD  OE1  doub N N 103 
GLU CD  OE2  sing N N 104 
GLU OE2 HE2  sing N N 105 
GLU OXT HXT  sing N N 106 
GLY N   CA   sing N N 107 
GLY N   H    sing N N 108 
GLY N   H2   sing N N 109 
GLY CA  C    sing N N 110 
GLY CA  HA2  sing N N 111 
GLY CA  HA3  sing N N 112 
GLY C   O    doub N N 113 
GLY C   OXT  sing N N 114 
GLY OXT HXT  sing N N 115 
HIS N   CA   sing N N 116 
HIS N   H    sing N N 117 
HIS N   H2   sing N N 118 
HIS CA  C    sing N N 119 
HIS CA  CB   sing N N 120 
HIS CA  HA   sing N N 121 
HIS C   O    doub N N 122 
HIS C   OXT  sing N N 123 
HIS CB  CG   sing N N 124 
HIS CB  HB2  sing N N 125 
HIS CB  HB3  sing N N 126 
HIS CG  ND1  sing Y N 127 
HIS CG  CD2  doub Y N 128 
HIS ND1 CE1  doub Y N 129 
HIS ND1 HD1  sing N N 130 
HIS CD2 NE2  sing Y N 131 
HIS CD2 HD2  sing N N 132 
HIS CE1 NE2  sing Y N 133 
HIS CE1 HE1  sing N N 134 
HIS NE2 HE2  sing N N 135 
HIS OXT HXT  sing N N 136 
HOH O   H1   sing N N 137 
HOH O   H2   sing N N 138 
ILE N   CA   sing N N 139 
ILE N   H    sing N N 140 
ILE N   H2   sing N N 141 
ILE CA  C    sing N N 142 
ILE CA  CB   sing N N 143 
ILE CA  HA   sing N N 144 
ILE C   O    doub N N 145 
ILE C   OXT  sing N N 146 
ILE CB  CG1  sing N N 147 
ILE CB  CG2  sing N N 148 
ILE CB  HB   sing N N 149 
ILE CG1 CD1  sing N N 150 
ILE CG1 HG12 sing N N 151 
ILE CG1 HG13 sing N N 152 
ILE CG2 HG21 sing N N 153 
ILE CG2 HG22 sing N N 154 
ILE CG2 HG23 sing N N 155 
ILE CD1 HD11 sing N N 156 
ILE CD1 HD12 sing N N 157 
ILE CD1 HD13 sing N N 158 
ILE OXT HXT  sing N N 159 
LEU N   CA   sing N N 160 
LEU N   H    sing N N 161 
LEU N   H2   sing N N 162 
LEU CA  C    sing N N 163 
LEU CA  CB   sing N N 164 
LEU CA  HA   sing N N 165 
LEU C   O    doub N N 166 
LEU C   OXT  sing N N 167 
LEU CB  CG   sing N N 168 
LEU CB  HB2  sing N N 169 
LEU CB  HB3  sing N N 170 
LEU CG  CD1  sing N N 171 
LEU CG  CD2  sing N N 172 
LEU CG  HG   sing N N 173 
LEU CD1 HD11 sing N N 174 
LEU CD1 HD12 sing N N 175 
LEU CD1 HD13 sing N N 176 
LEU CD2 HD21 sing N N 177 
LEU CD2 HD22 sing N N 178 
LEU CD2 HD23 sing N N 179 
LEU OXT HXT  sing N N 180 
LYS N   CA   sing N N 181 
LYS N   H    sing N N 182 
LYS N   H2   sing N N 183 
LYS CA  C    sing N N 184 
LYS CA  CB   sing N N 185 
LYS CA  HA   sing N N 186 
LYS C   O    doub N N 187 
LYS C   OXT  sing N N 188 
LYS CB  CG   sing N N 189 
LYS CB  HB2  sing N N 190 
LYS CB  HB3  sing N N 191 
LYS CG  CD   sing N N 192 
LYS CG  HG2  sing N N 193 
LYS CG  HG3  sing N N 194 
LYS CD  CE   sing N N 195 
LYS CD  HD2  sing N N 196 
LYS CD  HD3  sing N N 197 
LYS CE  NZ   sing N N 198 
LYS CE  HE2  sing N N 199 
LYS CE  HE3  sing N N 200 
LYS NZ  HZ1  sing N N 201 
LYS NZ  HZ2  sing N N 202 
LYS NZ  HZ3  sing N N 203 
LYS OXT HXT  sing N N 204 
MET N   CA   sing N N 205 
MET N   H    sing N N 206 
MET N   H2   sing N N 207 
MET CA  C    sing N N 208 
MET CA  CB   sing N N 209 
MET CA  HA   sing N N 210 
MET C   O    doub N N 211 
MET C   OXT  sing N N 212 
MET CB  CG   sing N N 213 
MET CB  HB2  sing N N 214 
MET CB  HB3  sing N N 215 
MET CG  SD   sing N N 216 
MET CG  HG2  sing N N 217 
MET CG  HG3  sing N N 218 
MET SD  CE   sing N N 219 
MET CE  HE1  sing N N 220 
MET CE  HE2  sing N N 221 
MET CE  HE3  sing N N 222 
MET OXT HXT  sing N N 223 
PHE N   CA   sing N N 224 
PHE N   H    sing N N 225 
PHE N   H2   sing N N 226 
PHE CA  C    sing N N 227 
PHE CA  CB   sing N N 228 
PHE CA  HA   sing N N 229 
PHE C   O    doub N N 230 
PHE C   OXT  sing N N 231 
PHE CB  CG   sing N N 232 
PHE CB  HB2  sing N N 233 
PHE CB  HB3  sing N N 234 
PHE CG  CD1  doub Y N 235 
PHE CG  CD2  sing Y N 236 
PHE CD1 CE1  sing Y N 237 
PHE CD1 HD1  sing N N 238 
PHE CD2 CE2  doub Y N 239 
PHE CD2 HD2  sing N N 240 
PHE CE1 CZ   doub Y N 241 
PHE CE1 HE1  sing N N 242 
PHE CE2 CZ   sing Y N 243 
PHE CE2 HE2  sing N N 244 
PHE CZ  HZ   sing N N 245 
PHE OXT HXT  sing N N 246 
PRO N   CA   sing N N 247 
PRO N   CD   sing N N 248 
PRO N   H    sing N N 249 
PRO CA  C    sing N N 250 
PRO CA  CB   sing N N 251 
PRO CA  HA   sing N N 252 
PRO C   O    doub N N 253 
PRO C   OXT  sing N N 254 
PRO CB  CG   sing N N 255 
PRO CB  HB2  sing N N 256 
PRO CB  HB3  sing N N 257 
PRO CG  CD   sing N N 258 
PRO CG  HG2  sing N N 259 
PRO CG  HG3  sing N N 260 
PRO CD  HD2  sing N N 261 
PRO CD  HD3  sing N N 262 
PRO OXT HXT  sing N N 263 
SER N   CA   sing N N 264 
SER N   H    sing N N 265 
SER N   H2   sing N N 266 
SER CA  C    sing N N 267 
SER CA  CB   sing N N 268 
SER CA  HA   sing N N 269 
SER C   O    doub N N 270 
SER C   OXT  sing N N 271 
SER CB  OG   sing N N 272 
SER CB  HB2  sing N N 273 
SER CB  HB3  sing N N 274 
SER OG  HG   sing N N 275 
SER OXT HXT  sing N N 276 
SO4 S   O1   doub N N 277 
SO4 S   O2   doub N N 278 
SO4 S   O3   sing N N 279 
SO4 S   O4   sing N N 280 
THR N   CA   sing N N 281 
THR N   H    sing N N 282 
THR N   H2   sing N N 283 
THR CA  C    sing N N 284 
THR CA  CB   sing N N 285 
THR CA  HA   sing N N 286 
THR C   O    doub N N 287 
THR C   OXT  sing N N 288 
THR CB  OG1  sing N N 289 
THR CB  CG2  sing N N 290 
THR CB  HB   sing N N 291 
THR OG1 HG1  sing N N 292 
THR CG2 HG21 sing N N 293 
THR CG2 HG22 sing N N 294 
THR CG2 HG23 sing N N 295 
THR OXT HXT  sing N N 296 
TRP N   CA   sing N N 297 
TRP N   H    sing N N 298 
TRP N   H2   sing N N 299 
TRP CA  C    sing N N 300 
TRP CA  CB   sing N N 301 
TRP CA  HA   sing N N 302 
TRP C   O    doub N N 303 
TRP C   OXT  sing N N 304 
TRP CB  CG   sing N N 305 
TRP CB  HB2  sing N N 306 
TRP CB  HB3  sing N N 307 
TRP CG  CD1  doub Y N 308 
TRP CG  CD2  sing Y N 309 
TRP CD1 NE1  sing Y N 310 
TRP CD1 HD1  sing N N 311 
TRP CD2 CE2  doub Y N 312 
TRP CD2 CE3  sing Y N 313 
TRP NE1 CE2  sing Y N 314 
TRP NE1 HE1  sing N N 315 
TRP CE2 CZ2  sing Y N 316 
TRP CE3 CZ3  doub Y N 317 
TRP CE3 HE3  sing N N 318 
TRP CZ2 CH2  doub Y N 319 
TRP CZ2 HZ2  sing N N 320 
TRP CZ3 CH2  sing Y N 321 
TRP CZ3 HZ3  sing N N 322 
TRP CH2 HH2  sing N N 323 
TRP OXT HXT  sing N N 324 
TYR N   CA   sing N N 325 
TYR N   H    sing N N 326 
TYR N   H2   sing N N 327 
TYR CA  C    sing N N 328 
TYR CA  CB   sing N N 329 
TYR CA  HA   sing N N 330 
TYR C   O    doub N N 331 
TYR C   OXT  sing N N 332 
TYR CB  CG   sing N N 333 
TYR CB  HB2  sing N N 334 
TYR CB  HB3  sing N N 335 
TYR CG  CD1  doub Y N 336 
TYR CG  CD2  sing Y N 337 
TYR CD1 CE1  sing Y N 338 
TYR CD1 HD1  sing N N 339 
TYR CD2 CE2  doub Y N 340 
TYR CD2 HD2  sing N N 341 
TYR CE1 CZ   doub Y N 342 
TYR CE1 HE1  sing N N 343 
TYR CE2 CZ   sing Y N 344 
TYR CE2 HE2  sing N N 345 
TYR CZ  OH   sing N N 346 
TYR OH  HH   sing N N 347 
TYR OXT HXT  sing N N 348 
UA8 C8  C9   sing N N 349 
UA8 C8  C7   sing N N 350 
UA8 C9  C10  sing N N 351 
UA8 C7  C6   sing N N 352 
UA8 O1  C5   doub N N 353 
UA8 C10 C11  sing N N 354 
UA8 C6  N2   sing N N 355 
UA8 C6  C12  sing N N 356 
UA8 C5  N2   sing N N 357 
UA8 C5  N1   sing N N 358 
UA8 C4  C3   sing N N 359 
UA8 C4  N1   sing N N 360 
UA8 C3  C2   sing N N 361 
UA8 N1  C13  sing N N 362 
UA8 C11 C12  sing N N 363 
UA8 C2  C14  sing N N 364 
UA8 C2  C1   sing N N 365 
UA8 C13 C14  sing N N 366 
UA8 C4  H1   sing N N 367 
UA8 C4  H2   sing N N 368 
UA8 C14 H3   sing N N 369 
UA8 C14 H4   sing N N 370 
UA8 C6  H5   sing N N 371 
UA8 C11 H6   sing N N 372 
UA8 C11 H7   sing N N 373 
UA8 C7  H8   sing N N 374 
UA8 C7  H9   sing N N 375 
UA8 C8  H10  sing N N 376 
UA8 C8  H11  sing N N 377 
UA8 C9  H12  sing N N 378 
UA8 C9  H13  sing N N 379 
UA8 C10 H14  sing N N 380 
UA8 C10 H15  sing N N 381 
UA8 C12 H16  sing N N 382 
UA8 C12 H17  sing N N 383 
UA8 C13 H18  sing N N 384 
UA8 C13 H19  sing N N 385 
UA8 N2  H20  sing N N 386 
UA8 C3  H21  sing N N 387 
UA8 C3  H22  sing N N 388 
UA8 C1  H23  sing N N 389 
UA8 C1  H24  sing N N 390 
UA8 C1  H25  sing N N 391 
UA8 C2  H26  sing N N 392 
VAL N   CA   sing N N 393 
VAL N   H    sing N N 394 
VAL N   H2   sing N N 395 
VAL CA  C    sing N N 396 
VAL CA  CB   sing N N 397 
VAL CA  HA   sing N N 398 
VAL C   O    doub N N 399 
VAL C   OXT  sing N N 400 
VAL CB  CG1  sing N N 401 
VAL CB  CG2  sing N N 402 
VAL CB  HB   sing N N 403 
VAL CG1 HG11 sing N N 404 
VAL CG1 HG12 sing N N 405 
VAL CG1 HG13 sing N N 406 
VAL CG2 HG21 sing N N 407 
VAL CG2 HG22 sing N N 408 
VAL CG2 HG23 sing N N 409 
VAL OXT HXT  sing N N 410 
# 
_pdbx_entity_instance_feature.ordinal        1 
_pdbx_entity_instance_feature.comp_id        UA8 
_pdbx_entity_instance_feature.asym_id        ? 
_pdbx_entity_instance_feature.seq_num        ? 
_pdbx_entity_instance_feature.auth_comp_id   UA8 
_pdbx_entity_instance_feature.auth_asym_id   ? 
_pdbx_entity_instance_feature.auth_seq_num   ? 
_pdbx_entity_instance_feature.feature_type   'SUBJECT OF INVESTIGATION' 
_pdbx_entity_instance_feature.details        ? 
# 
_pdbx_initial_refinement_model.id               1 
_pdbx_initial_refinement_model.entity_id_list   ? 
_pdbx_initial_refinement_model.type             'experimental model' 
_pdbx_initial_refinement_model.source_name      PDB 
_pdbx_initial_refinement_model.accession_code   5NIO 
_pdbx_initial_refinement_model.details          ? 
# 
_atom_sites.entry_id                    7NGN 
_atom_sites.Cartn_transf_matrix[1][1]   ? 
_atom_sites.Cartn_transf_matrix[1][2]   ? 
_atom_sites.Cartn_transf_matrix[1][3]   ? 
_atom_sites.Cartn_transf_matrix[2][1]   ? 
_atom_sites.Cartn_transf_matrix[2][2]   ? 
_atom_sites.Cartn_transf_matrix[2][3]   ? 
_atom_sites.Cartn_transf_matrix[3][1]   ? 
_atom_sites.Cartn_transf_matrix[3][2]   ? 
_atom_sites.Cartn_transf_matrix[3][3]   ? 
_atom_sites.Cartn_transf_vector[1]      ? 
_atom_sites.Cartn_transf_vector[2]      ? 
_atom_sites.Cartn_transf_vector[3]      ? 
_atom_sites.fract_transf_matrix[1][1]   -0.00328956 
_atom_sites.fract_transf_matrix[1][2]   -0.00637211 
_atom_sites.fract_transf_matrix[1][3]   -0.00409506 
_atom_sites.fract_transf_matrix[2][1]   0.00059884 
_atom_sites.fract_transf_matrix[2][2]   0.00423181 
_atom_sites.fract_transf_matrix[2][3]   -0.00706596 
_atom_sites.fract_transf_matrix[3][1]   0.02713281 
_atom_sites.fract_transf_matrix[3][2]   -0.01118138 
_atom_sites.fract_transf_matrix[3][3]   -0.00439702 
_atom_sites.fract_transf_vector[1]      -0.140236 
_atom_sites.fract_transf_vector[2]      -0.288257 
_atom_sites.fract_transf_vector[3]      0.011100 
_atom_sites.solution_primary            ? 
_atom_sites.solution_secondary          ? 
_atom_sites.solution_hydrogens          ? 
_atom_sites.special_details             ? 
# 
loop_
_atom_type.symbol 
C 
N 
O 
S 
# 
loop_
_atom_site.group_PDB 
_atom_site.id 
_atom_site.type_symbol 
_atom_site.label_atom_id 
_atom_site.label_alt_id 
_atom_site.label_comp_id 
_atom_site.label_asym_id 
_atom_site.label_entity_id 
_atom_site.label_seq_id 
_atom_site.pdbx_PDB_ins_code 
_atom_site.Cartn_x 
_atom_site.Cartn_y 
_atom_site.Cartn_z 
_atom_site.occupancy 
_atom_site.B_iso_or_equiv 
_atom_site.pdbx_formal_charge 
_atom_site.auth_seq_id 
_atom_site.auth_comp_id 
_atom_site.auth_asym_id 
_atom_site.auth_atom_id 
_atom_site.pdbx_PDB_model_num 
ATOM   1    N N   . GLY A 1 22  ? -1.670  -15.218 23.828  1.00 61.26 ? 22  GLY A N   1 
ATOM   2    C CA  . GLY A 1 22  ? -0.256  -14.839 23.493  1.00 62.20 ? 22  GLY A CA  1 
ATOM   3    C C   . GLY A 1 22  ? -0.209  -13.926 22.281  1.00 69.13 ? 22  GLY A C   1 
ATOM   4    O O   . GLY A 1 22  ? -0.157  -12.702 22.417  1.00 61.84 ? 22  GLY A O   1 
ATOM   5    N N   . ASP A 1 23  ? -0.283  -14.525 21.085  1.00 62.54 ? 23  ASP A N   1 
ATOM   6    C CA  . ASP A 1 23  ? -0.429  -13.765 19.860  1.00 67.37 ? 23  ASP A CA  1 
ATOM   7    C C   . ASP A 1 23  ? -1.897  -13.314 19.724  1.00 62.92 ? 23  ASP A C   1 
ATOM   8    O O   . ASP A 1 23  ? -2.227  -12.590 18.782  1.00 53.06 ? 23  ASP A O   1 
ATOM   9    C CB  . ASP A 1 23  ? 0.149   -14.515 18.651  1.00 68.66 ? 23  ASP A CB  1 
ATOM   10   C CG  . ASP A 1 23  ? -0.714  -15.615 18.073  1.00 69.62 ? 23  ASP A CG  1 
ATOM   11   O OD1 . ASP A 1 23  ? -1.937  -15.412 17.966  1.00 71.46 ? 23  ASP A OD1 1 
ATOM   12   O OD2 . ASP A 1 23  ? -0.141  -16.654 17.691  1.00 72.14 ? 23  ASP A OD2 1 
ATOM   13   N N   . ASP A 1 24  ? -2.763  -13.736 20.658  1.00 56.42 ? 24  ASP A N   1 
ATOM   14   C CA  . ASP A 1 24  ? -4.067  -13.126 20.831  1.00 53.25 ? 24  ASP A CA  1 
ATOM   15   C C   . ASP A 1 24  ? -3.907  -11.730 21.436  1.00 46.74 ? 24  ASP A C   1 
ATOM   16   O O   . ASP A 1 24  ? -4.567  -10.790 20.993  1.00 43.63 ? 24  ASP A O   1 
ATOM   17   C CB  . ASP A 1 24  ? -4.992  -13.937 21.738  1.00 54.95 ? 24  ASP A CB  1 
ATOM   18   C CG  . ASP A 1 24  ? -5.768  -15.023 21.017  1.00 59.85 ? 24  ASP A CG  1 
ATOM   19   O OD1 . ASP A 1 24  ? -5.797  -15.005 19.763  1.00 62.34 ? 24  ASP A OD1 1 
ATOM   20   O OD2 . ASP A 1 24  ? -6.323  -15.894 21.716  1.00 61.69 ? 24  ASP A OD2 1 
ATOM   21   N N   . ARG A 1 25  ? -3.069  -11.601 22.475  1.00 40.04 ? 25  ARG A N   1 
ATOM   22   C CA  . ARG A 1 25  ? -2.817  -10.274 23.054  1.00 39.04 ? 25  ARG A CA  1 
ATOM   23   C C   . ARG A 1 25  ? -2.170  -9.397  21.970  1.00 33.13 ? 25  ARG A C   1 
ATOM   24   O O   . ARG A 1 25  ? -2.535  -8.256  21.812  1.00 32.10 ? 25  ARG A O   1 
ATOM   25   C CB  . ARG A 1 25  ? -2.018  -10.356 24.361  1.00 38.86 ? 25  ARG A CB  1 
ATOM   26   C CG  . ARG A 1 25  ? -2.916  -10.461 25.589  1.00 41.45 ? 25  ARG A CG  1 
ATOM   27   C CD  . ARG A 1 25  ? -2.179  -10.704 26.898  1.00 47.71 ? 25  ARG A CD  1 
ATOM   28   N NE  . ARG A 1 25  ? -1.540  -12.010 26.917  1.00 51.08 ? 25  ARG A NE  1 
ATOM   29   C CZ  . ARG A 1 25  ? -1.261  -12.707 28.005  1.00 52.29 ? 25  ARG A CZ  1 
ATOM   30   N NH1 . ARG A 1 25  ? -1.220  -12.110 29.185  1.00 48.48 ? 25  ARG A NH1 1 
ATOM   31   N NH2 . ARG A 1 25  ? -1.042  -14.004 27.893  1.00 48.63 ? 25  ARG A NH2 1 
ATOM   32   N N   . GLU A 1 26  ? -1.199  -9.942  21.247  1.00 33.15 ? 26  GLU A N   1 
ATOM   33   C CA  . GLU A 1 26  ? -0.585  -9.202  20.143  1.00 33.36 ? 26  GLU A CA  1 
ATOM   34   C C   . GLU A 1 26  ? -1.652  -8.693  19.158  1.00 31.05 ? 26  GLU A C   1 
ATOM   35   O O   . GLU A 1 26  ? -1.614  -7.516  18.743  1.00 32.41 ? 26  GLU A O   1 
ATOM   36   C CB  . GLU A 1 26  ? 0.433   -10.082 19.438  1.00 36.89 ? 26  GLU A CB  1 
ATOM   37   C CG  . GLU A 1 26  ? 1.476   -9.265  18.749  1.00 42.33 ? 26  GLU A CG  1 
ATOM   38   C CD  . GLU A 1 26  ? 2.595   -10.083 18.145  1.00 49.79 ? 26  GLU A CD  1 
ATOM   39   O OE1 . GLU A 1 26  ? 3.078   -11.019 18.827  1.00 48.58 ? 26  GLU A OE1 1 
ATOM   40   O OE2 . GLU A 1 26  ? 2.973   -9.752  17.003  1.00 51.78 ? 26  GLU A OE2 1 
ATOM   41   N N   . LEU A 1 27  ? -2.565  -9.576  18.748  1.00 35.65 ? 27  LEU A N   1 
ATOM   42   C CA  . LEU A 1 27  ? -3.595  -9.209  17.758  1.00 36.94 ? 27  LEU A CA  1 
ATOM   43   C C   . LEU A 1 27  ? -4.521  -8.148  18.372  1.00 32.97 ? 27  LEU A C   1 
ATOM   44   O O   . LEU A 1 27  ? -4.965  -7.205  17.703  1.00 29.69 ? 27  LEU A O   1 
ATOM   45   C CB  . LEU A 1 27  ? -4.371  -10.453 17.305  1.00 40.38 ? 27  LEU A CB  1 
ATOM   46   C CG  . LEU A 1 27  ? -3.686  -11.330 16.253  1.00 46.26 ? 27  LEU A CG  1 
ATOM   47   C CD1 . LEU A 1 27  ? -4.476  -12.607 16.031  1.00 49.44 ? 27  LEU A CD1 1 
ATOM   48   C CD2 . LEU A 1 27  ? -3.516  -10.607 14.919  1.00 44.61 ? 27  LEU A CD2 1 
ATOM   49   N N   . ALA A 1 28  ? -4.785  -8.261  19.678  1.00 32.71 ? 28  ALA A N   1 
ATOM   50   C CA  . ALA A 1 28  ? -5.627  -7.261  20.360  1.00 30.73 ? 28  ALA A CA  1 
ATOM   51   C C   . ALA A 1 28  ? -4.912  -5.911  20.366  1.00 26.89 ? 28  ALA A C   1 
ATOM   52   O O   . ALA A 1 28  ? -5.532  -4.874  20.238  1.00 27.65 ? 28  ALA A O   1 
ATOM   53   C CB  . ALA A 1 28  ? -5.971  -7.694  21.774  1.00 30.89 ? 28  ALA A CB  1 
ATOM   54   N N   . ILE A 1 29  ? -3.586  -5.903  20.537  1.00 24.56 ? 29  ILE A N   1 
ATOM   55   C CA  . ILE A 1 29  ? -2.864  -4.665  20.555  1.00 24.11 ? 29  ILE A CA  1 
ATOM   56   C C   . ILE A 1 29  ? -2.955  -4.038  19.129  1.00 23.01 ? 29  ILE A C   1 
ATOM   57   O O   . ILE A 1 29  ? -3.194  -2.861  18.978  1.00 25.43 ? 29  ILE A O   1 
ATOM   58   C CB  . ILE A 1 29  ? -1.390  -4.853  20.968  1.00 23.65 ? 29  ILE A CB  1 
ATOM   59   C CG1 . ILE A 1 29  ? -1.218  -5.210  22.448  1.00 24.16 ? 29  ILE A CG1 1 
ATOM   60   C CG2 . ILE A 1 29  ? -0.600  -3.605  20.634  1.00 25.10 ? 29  ILE A CG2 1 
ATOM   61   C CD1 . ILE A 1 29  ? 0.238   -5.590  22.798  1.00 26.86 ? 29  ILE A CD1 1 
ATOM   62   N N   . LEU A 1 30  ? -2.705  -4.858  18.114  1.00 25.47 ? 30  LEU A N   1 
ATOM   63   C CA  . LEU A 1 30  ? -2.741  -4.355  16.720  1.00 24.84 ? 30  LEU A CA  1 
ATOM   64   C C   . LEU A 1 30  ? -4.149  -3.823  16.368  1.00 25.03 ? 30  LEU A C   1 
ATOM   65   O O   . LEU A 1 30  ? -4.255  -2.717  15.798  1.00 26.40 ? 30  LEU A O   1 
ATOM   66   C CB  . LEU A 1 30  ? -2.314  -5.494  15.813  1.00 26.31 ? 30  LEU A CB  1 
ATOM   67   C CG  . LEU A 1 30  ? -0.837  -5.857  15.923  1.00 26.42 ? 30  LEU A CG  1 
ATOM   68   C CD1 . LEU A 1 30  ? -0.630  -7.237  15.359  1.00 26.90 ? 30  LEU A CD1 1 
ATOM   69   C CD2 . LEU A 1 30  ? 0.037   -4.805  15.217  1.00 28.04 ? 30  LEU A CD2 1 
ATOM   70   N N   . ALA A 1 31  ? -5.190  -4.562  16.758  1.00 26.25 ? 31  ALA A N   1 
ATOM   71   C CA  . ALA A 1 31  ? -6.591  -4.171  16.498  1.00 27.89 ? 31  ALA A CA  1 
ATOM   72   C C   . ALA A 1 31  ? -6.923  -2.863  17.202  1.00 30.51 ? 31  ALA A C   1 
ATOM   73   O O   . ALA A 1 31  ? -7.555  -1.979  16.606  1.00 29.07 ? 31  ALA A O   1 
ATOM   74   C CB  . ALA A 1 31  ? -7.521  -5.278  16.902  1.00 29.75 ? 31  ALA A CB  1 
ATOM   75   N N   . THR A 1 32  ? -6.460  -2.686  18.460  1.00 27.19 ? 32  THR A N   1 
ATOM   76   C CA  . THR A 1 32  ? -6.663  -1.439  19.171  1.00 27.75 ? 32  THR A CA  1 
ATOM   77   C C   . THR A 1 32  ? -5.958  -0.269  18.468  1.00 28.96 ? 32  THR A C   1 
ATOM   78   O O   . THR A 1 32  ? -6.513  0.810   18.329  1.00 30.12 ? 32  THR A O   1 
ATOM   79   C CB  . THR A 1 32  ? -6.227  -1.562  20.645  1.00 26.35 ? 32  THR A CB  1 
ATOM   80   O OG1 . THR A 1 32  ? -6.974  -2.644  21.184  1.00 30.08 ? 32  THR A OG1 1 
ATOM   81   C CG2 . THR A 1 32  ? -6.379  -0.288  21.432  1.00 31.50 ? 32  THR A CG2 1 
ATOM   82   N N   . ALA A 1 33  ? -4.697  -0.460  18.056  1.00 25.31 ? 33  ALA A N   1 
ATOM   83   C CA  . ALA A 1 33  ? -3.954  0.557   17.461  1.00 24.64 ? 33  ALA A CA  1 
ATOM   84   C C   . ALA A 1 33  ? -4.652  1.001   16.154  1.00 24.51 ? 33  ALA A C   1 
ATOM   85   O O   . ALA A 1 33  ? -4.757  2.174   15.893  1.00 28.20 ? 33  ALA A O   1 
ATOM   86   C CB  . ALA A 1 33  ? -2.558  0.031   17.187  1.00 26.45 ? 33  ALA A CB  1 
ATOM   87   N N   . GLU A 1 34  ? -5.132  0.026   15.378  1.00 25.65 ? 34  GLU A N   1 
ATOM   88   C CA  . GLU A 1 34  ? -5.759  0.345   14.042  1.00 25.85 ? 34  GLU A CA  1 
ATOM   89   C C   . GLU A 1 34  ? -7.067  1.126   14.294  1.00 29.82 ? 34  GLU A C   1 
ATOM   90   O O   . GLU A 1 34  ? -7.335  2.119   13.643  1.00 28.52 ? 34  GLU A O   1 
ATOM   91   C CB  . GLU A 1 34  ? -5.981  -0.915  13.222  1.00 27.22 ? 34  GLU A CB  1 
ATOM   92   C CG  . GLU A 1 34  ? -6.581  -0.590  11.845  1.00 29.74 ? 34  GLU A CG  1 
ATOM   93   C CD  . GLU A 1 34  ? -6.441  -1.656  10.764  1.00 34.06 ? 34  GLU A CD  1 
ATOM   94   O OE1 . GLU A 1 34  ? -6.251  -2.827  11.085  1.00 29.95 ? 34  GLU A OE1 1 
ATOM   95   O OE2 . GLU A 1 34  ? -6.529  -1.289  9.568   1.00 28.96 ? 34  GLU A OE2 1 
ATOM   96   N N   . ASN A 1 35  ? -7.825  0.709   15.324  1.00 30.61 ? 35  ASN A N   1 
ATOM   97   C CA  . ASN A 1 35  ? -9.069  1.379   15.723  1.00 30.88 ? 35  ASN A CA  1 
ATOM   98   C C   . ASN A 1 35  ? -8.741  2.800   16.185  1.00 30.47 ? 35  ASN A C   1 
ATOM   99   O O   . ASN A 1 35  ? -9.394  3.749   15.760  1.00 34.05 ? 35  ASN A O   1 
ATOM   100  C CB  . ASN A 1 35  ? -9.849  0.570   16.768  1.00 36.20 ? 35  ASN A CB  1 
ATOM   101  C CG  . ASN A 1 35  ? -10.480 -0.704  16.242  1.00 45.88 ? 35  ASN A CG  1 
ATOM   102  O OD1 . ASN A 1 35  ? -10.627 -0.895  15.032  1.00 58.37 ? 35  ASN A OD1 1 
ATOM   103  N ND2 . ASN A 1 35  ? -10.908 -1.577  17.151  1.00 53.18 ? 35  ASN A ND2 1 
ATOM   104  N N   . LEU A 1 36  ? -7.720  2.980   17.032  1.00 29.18 ? 36  LEU A N   1 
ATOM   105  C CA  . LEU A 1 36  ? -7.420  4.287   17.568  1.00 31.68 ? 36  LEU A CA  1 
ATOM   106  C C   . LEU A 1 36  ? -6.889  5.223   16.484  1.00 34.05 ? 36  LEU A C   1 
ATOM   107  O O   . LEU A 1 36  ? -7.083  6.456   16.541  1.00 35.04 ? 36  LEU A O   1 
ATOM   108  C CB  . LEU A 1 36  ? -6.444  4.187   18.743  1.00 34.40 ? 36  LEU A CB  1 
ATOM   109  C CG  . LEU A 1 36  ? -7.045  3.593   20.013  1.00 36.04 ? 36  LEU A CG  1 
ATOM   110  C CD1 . LEU A 1 36  ? -6.036  3.653   21.141  1.00 36.10 ? 36  LEU A CD1 1 
ATOM   111  C CD2 . LEU A 1 36  ? -8.346  4.301   20.394  1.00 35.43 ? 36  LEU A CD2 1 
ATOM   112  N N   . LEU A 1 37  ? -6.170  4.651   15.518  1.00 31.99 ? 37  LEU A N   1 
ATOM   113  C CA  . LEU A 1 37  ? -5.601  5.475   14.470  1.00 28.13 ? 37  LEU A CA  1 
ATOM   114  C C   . LEU A 1 37  ? -6.710  6.030   13.542  1.00 29.89 ? 37  LEU A C   1 
ATOM   115  O O   . LEU A 1 37  ? -6.473  7.000   12.895  1.00 30.35 ? 37  LEU A O   1 
ATOM   116  C CB  . LEU A 1 37  ? -4.586  4.662   13.678  1.00 29.28 ? 37  LEU A CB  1 
ATOM   117  C CG  . LEU A 1 37  ? -3.215  4.510   14.326  1.00 27.57 ? 37  LEU A CG  1 
ATOM   118  C CD1 . LEU A 1 37  ? -2.447  3.398   13.654  1.00 27.68 ? 37  LEU A CD1 1 
ATOM   119  C CD2 . LEU A 1 37  ? -2.438  5.811   14.310  1.00 26.73 ? 37  LEU A CD2 1 
ATOM   120  N N   . GLU A 1 38  ? -7.893  5.408   13.484  1.00 34.88 ? 38  GLU A N   1 
ATOM   121  C CA  . GLU A 1 38  ? -9.012  6.031   12.734  1.00 35.97 ? 38  GLU A CA  1 
ATOM   122  C C   . GLU A 1 38  ? -9.388  7.385   13.360  1.00 41.86 ? 38  GLU A C   1 
ATOM   123  O O   . GLU A 1 38  ? -9.758  8.274   12.629  1.00 42.89 ? 38  GLU A O   1 
ATOM   124  C CB  . GLU A 1 38  ? -10.197 5.081   12.621  1.00 40.92 ? 38  GLU A CB  1 
ATOM   125  C CG  . GLU A 1 38  ? -10.130 4.192   11.391  1.00 47.89 ? 38  GLU A CG  1 
ATOM   126  C CD  . GLU A 1 38  ? -10.169 2.704   11.674  1.00 55.99 ? 38  GLU A CD  1 
ATOM   127  O OE1 . GLU A 1 38  ? -11.219 2.219   12.133  1.00 60.98 ? 38  GLU A OE1 1 
ATOM   128  O OE2 . GLU A 1 38  ? -9.129  2.036   11.453  1.00 59.75 ? 38  GLU A OE2 1 
ATOM   129  N N   . ASP A 1 39  ? -9.204  7.568   14.677  1.00 48.16 ? 39  ASP A N   1 
ATOM   130  C CA  . ASP A 1 39  ? -9.645  8.797   15.397  1.00 50.26 ? 39  ASP A CA  1 
ATOM   131  C C   . ASP A 1 39  ? -8.532  9.843   15.535  1.00 46.97 ? 39  ASP A C   1 
ATOM   132  O O   . ASP A 1 39  ? -8.815  11.010  15.569  1.00 44.49 ? 39  ASP A O   1 
ATOM   133  C CB  . ASP A 1 39  ? -10.202 8.455   16.780  1.00 62.16 ? 39  ASP A CB  1 
ATOM   134  C CG  . ASP A 1 39  ? -11.613 7.898   16.721  1.00 74.52 ? 39  ASP A CG  1 
ATOM   135  O OD1 . ASP A 1 39  ? -12.059 7.535   15.607  1.00 82.28 ? 39  ASP A OD1 1 
ATOM   136  O OD2 . ASP A 1 39  ? -12.262 7.837   17.785  1.00 86.57 ? 39  ASP A OD2 1 
ATOM   137  N N   . ARG A 1 40  ? -7.271  9.441   15.662  1.00 39.89 ? 40  ARG A N   1 
ATOM   138  C CA  . ARG A 1 40  ? -6.240  10.400  15.900  1.00 40.98 ? 40  ARG A CA  1 
ATOM   139  C C   . ARG A 1 40  ? -4.895  9.861   15.436  1.00 39.06 ? 40  ARG A C   1 
ATOM   140  O O   . ARG A 1 40  ? -4.747  8.664   15.185  1.00 38.78 ? 40  ARG A O   1 
ATOM   141  C CB  . ARG A 1 40  ? -6.204  10.756  17.388  1.00 45.39 ? 40  ARG A CB  1 
ATOM   142  C CG  . ARG A 1 40  ? -6.429  9.594   18.345  1.00 48.83 ? 40  ARG A CG  1 
ATOM   143  C CD  . ARG A 1 40  ? -6.555  10.170  19.752  1.00 50.32 ? 40  ARG A CD  1 
ATOM   144  N NE  . ARG A 1 40  ? -6.166  9.260   20.821  1.00 48.37 ? 40  ARG A NE  1 
ATOM   145  C CZ  . ARG A 1 40  ? -6.941  8.305   21.305  1.00 49.86 ? 40  ARG A CZ  1 
ATOM   146  N NH1 . ARG A 1 40  ? -8.148  8.104   20.798  1.00 53.91 ? 40  ARG A NH1 1 
ATOM   147  N NH2 . ARG A 1 40  ? -6.489  7.534   22.275  1.00 47.94 ? 40  ARG A NH2 1 
ATOM   148  N N   . PRO A 1 41  ? -3.884  10.739  15.315  1.00 39.44 ? 41  PRO A N   1 
ATOM   149  C CA  . PRO A 1 41  ? -2.550  10.320  14.898  1.00 39.47 ? 41  PRO A CA  1 
ATOM   150  C C   . PRO A 1 41  ? -1.853  9.513   16.002  1.00 40.63 ? 41  PRO A C   1 
ATOM   151  O O   . PRO A 1 41  ? -2.314  9.553   17.174  1.00 42.13 ? 41  PRO A O   1 
ATOM   152  C CB  . PRO A 1 41  ? -1.776  11.620  14.645  1.00 43.03 ? 41  PRO A CB  1 
ATOM   153  C CG  . PRO A 1 41  ? -2.573  12.716  15.330  1.00 43.08 ? 41  PRO A CG  1 
ATOM   154  C CD  . PRO A 1 41  ? -3.979  12.189  15.539  1.00 42.85 ? 41  PRO A CD  1 
ATOM   155  N N   . LEU A 1 42  ? -0.744  8.862   15.629  1.00 40.76 ? 42  LEU A N   1 
ATOM   156  C CA  . LEU A 1 42  ? 0.044   8.034   16.542  1.00 43.64 ? 42  LEU A CA  1 
ATOM   157  C C   . LEU A 1 42  ? 0.573   8.896   17.707  1.00 45.67 ? 42  LEU A C   1 
ATOM   158  O O   . LEU A 1 42  ? 0.537   8.461   18.855  1.00 43.54 ? 42  LEU A O   1 
ATOM   159  C CB  . LEU A 1 42  ? 1.177   7.339   15.777  1.00 42.07 ? 42  LEU A CB  1 
ATOM   160  C CG  . LEU A 1 42  ? 1.871   6.195   16.529  1.00 40.94 ? 42  LEU A CG  1 
ATOM   161  C CD1 . LEU A 1 42  ? 0.954   4.989   16.726  1.00 39.45 ? 42  LEU A CD1 1 
ATOM   162  C CD2 . LEU A 1 42  ? 3.150   5.767   15.842  1.00 42.18 ? 42  LEU A CD2 1 
ATOM   163  N N   . ALA A 1 43  ? 1.022   10.120  17.404  1.00 47.45 ? 43  ALA A N   1 
ATOM   164  C CA  . ALA A 1 43  ? 1.450   11.137  18.413  1.00 45.92 ? 43  ALA A CA  1 
ATOM   165  C C   . ALA A 1 43  ? 0.421   11.314  19.550  1.00 46.43 ? 43  ALA A C   1 
ATOM   166  O O   . ALA A 1 43  ? 0.799   11.513  20.692  1.00 48.36 ? 43  ALA A O   1 
ATOM   167  C CB  . ALA A 1 43  ? 1.735   12.451  17.733  1.00 42.36 ? 43  ALA A CB  1 
ATOM   168  N N   . ASP A 1 44  ? -0.876  11.226  19.267  1.00 43.14 ? 44  ASP A N   1 
ATOM   169  C CA  . ASP A 1 44  ? -1.878  11.458  20.277  1.00 45.29 ? 44  ASP A CA  1 
ATOM   170  C C   . ASP A 1 44  ? -2.430  10.136  20.812  1.00 43.18 ? 44  ASP A C   1 
ATOM   171  O O   . ASP A 1 44  ? -3.512  10.107  21.409  1.00 45.88 ? 44  ASP A O   1 
ATOM   172  C CB  . ASP A 1 44  ? -2.994  12.331  19.720  1.00 49.34 ? 44  ASP A CB  1 
ATOM   173  C CG  . ASP A 1 44  ? -2.495  13.684  19.250  1.00 53.05 ? 44  ASP A CG  1 
ATOM   174  O OD1 . ASP A 1 44  ? -1.266  13.918  19.319  1.00 60.13 ? 44  ASP A OD1 1 
ATOM   175  O OD2 . ASP A 1 44  ? -3.342  14.495  18.834  1.00 58.56 ? 44  ASP A OD2 1 
ATOM   176  N N   . ILE A 1 45  ? -1.713  9.040   20.560  1.00 43.18 ? 45  ILE A N   1 
ATOM   177  C CA  . ILE A 1 45  ? -2.077  7.740   21.122  1.00 39.67 ? 45  ILE A CA  1 
ATOM   178  C C   . ILE A 1 45  ? -0.933  7.344   22.055  1.00 39.54 ? 45  ILE A C   1 
ATOM   179  O O   . ILE A 1 45  ? 0.239   7.441   21.673  1.00 41.41 ? 45  ILE A O   1 
ATOM   180  C CB  . ILE A 1 45  ? -2.331  6.687   20.014  1.00 38.65 ? 45  ILE A CB  1 
ATOM   181  C CG1 . ILE A 1 45  ? -3.539  7.042   19.144  1.00 37.00 ? 45  ILE A CG1 1 
ATOM   182  C CG2 . ILE A 1 45  ? -2.517  5.297   20.606  1.00 40.13 ? 45  ILE A CG2 1 
ATOM   183  C CD1 . ILE A 1 45  ? -3.634  6.201   17.900  1.00 35.24 ? 45  ILE A CD1 1 
ATOM   184  N N   . SER A 1 46  ? -1.279  6.925   23.276  1.00 43.31 ? 46  SER A N   1 
ATOM   185  C CA  . SER A 1 46  ? -0.281  6.488   24.239  1.00 42.17 ? 46  SER A CA  1 
ATOM   186  C C   . SER A 1 46  ? -0.239  4.961   24.331  1.00 39.34 ? 46  SER A C   1 
ATOM   187  O O   . SER A 1 46  ? -1.204  4.255   24.042  1.00 40.50 ? 46  SER A O   1 
ATOM   188  C CB  . SER A 1 46  ? -0.514  7.110   25.604  1.00 40.75 ? 46  SER A CB  1 
ATOM   189  O OG  . SER A 1 46  ? -1.749  6.692   26.151  1.00 40.35 ? 46  SER A OG  1 
ATOM   190  N N   . VAL A 1 47  ? 0.908   4.471   24.807  1.00 45.52 ? 47  VAL A N   1 
ATOM   191  C CA  . VAL A 1 47  ? 1.087   3.063   25.160  1.00 43.08 ? 47  VAL A CA  1 
ATOM   192  C C   . VAL A 1 47  ? 0.003   2.682   26.171  1.00 38.60 ? 47  VAL A C   1 
ATOM   193  O O   . VAL A 1 47  ? -0.578  1.583   26.137  1.00 36.61 ? 47  VAL A O   1 
ATOM   194  C CB  . VAL A 1 47  ? 2.517   2.810   25.675  1.00 42.30 ? 47  VAL A CB  1 
ATOM   195  C CG1 . VAL A 1 47  ? 2.676   1.423   26.271  1.00 42.24 ? 47  VAL A CG1 1 
ATOM   196  C CG2 . VAL A 1 47  ? 3.530   3.025   24.567  1.00 41.93 ? 47  VAL A CG2 1 
ATOM   197  N N   . ASP A 1 48  ? -0.309  3.626   27.064  1.00 44.62 ? 48  ASP A N   1 
ATOM   198  C CA  . ASP A 1 48  ? -1.316  3.384   28.071  1.00 45.11 ? 48  ASP A CA  1 
ATOM   199  C C   . ASP A 1 48  ? -2.659  3.212   27.345  1.00 41.56 ? 48  ASP A C   1 
ATOM   200  O O   . ASP A 1 48  ? -3.410  2.284   27.650  1.00 39.53 ? 48  ASP A O   1 
ATOM   201  C CB  . ASP A 1 48  ? -1.243  4.435   29.198  1.00 51.89 ? 48  ASP A CB  1 
ATOM   202  C CG  . ASP A 1 48  ? 0.036   4.381   30.046  1.00 56.42 ? 48  ASP A CG  1 
ATOM   203  O OD1 . ASP A 1 48  ? 0.702   3.316   30.088  1.00 52.97 ? 48  ASP A OD1 1 
ATOM   204  O OD2 . ASP A 1 48  ? 0.378   5.415   30.661  1.00 59.04 ? 48  ASP A OD2 1 
ATOM   205  N N   . ASP A 1 49  ? -2.891  4.021   26.293  1.00 44.01 ? 49  ASP A N   1 
ATOM   206  C CA  . ASP A 1 49  ? -4.087  3.906   25.422  1.00 42.10 ? 49  ASP A CA  1 
ATOM   207  C C   . ASP A 1 49  ? -4.174  2.508   24.779  1.00 34.20 ? 49  ASP A C   1 
ATOM   208  O O   . ASP A 1 49  ? -5.238  1.853   24.777  1.00 35.62 ? 49  ASP A O   1 
ATOM   209  C CB  . ASP A 1 49  ? -4.086  4.987   24.332  1.00 45.13 ? 49  ASP A CB  1 
ATOM   210  C CG  . ASP A 1 49  ? -4.435  6.401   24.777  1.00 51.33 ? 49  ASP A CG  1 
ATOM   211  O OD1 . ASP A 1 49  ? -5.218  6.540   25.740  1.00 47.86 ? 49  ASP A OD1 1 
ATOM   212  O OD2 . ASP A 1 49  ? -3.932  7.361   24.123  1.00 46.83 ? 49  ASP A OD2 1 
ATOM   213  N N   . LEU A 1 50  ? -3.056  2.035   24.219  1.00 34.40 ? 50  LEU A N   1 
ATOM   214  C CA  . LEU A 1 50  ? -3.038  0.752   23.529  1.00 29.81 ? 50  LEU A CA  1 
ATOM   215  C C   . LEU A 1 50  ? -3.188  -0.407  24.504  1.00 29.85 ? 50  LEU A C   1 
ATOM   216  O O   . LEU A 1 50  ? -3.857  -1.420  24.206  1.00 28.76 ? 50  LEU A O   1 
ATOM   217  C CB  . LEU A 1 50  ? -1.719  0.644   22.775  1.00 31.27 ? 50  LEU A CB  1 
ATOM   218  C CG  . LEU A 1 50  ? -1.550  1.658   21.646  1.00 33.05 ? 50  LEU A CG  1 
ATOM   219  C CD1 . LEU A 1 50  ? -0.193  1.493   20.999  1.00 35.58 ? 50  LEU A CD1 1 
ATOM   220  C CD2 . LEU A 1 50  ? -2.685  1.483   20.628  1.00 36.16 ? 50  LEU A CD2 1 
ATOM   221  N N   . ALA A 1 51  ? -2.520  -0.284  25.672  1.00 36.14 ? 51  ALA A N   1 
ATOM   222  C CA  . ALA A 1 51  ? -2.629  -1.320  26.700  1.00 34.63 ? 51  ALA A CA  1 
ATOM   223  C C   . ALA A 1 51  ? -4.088  -1.441  27.160  1.00 31.66 ? 51  ALA A C   1 
ATOM   224  O O   . ALA A 1 51  ? -4.661  -2.548  27.185  1.00 29.78 ? 51  ALA A O   1 
ATOM   225  C CB  . ALA A 1 51  ? -1.693  -1.019  27.844  1.00 32.92 ? 51  ALA A CB  1 
ATOM   226  N N   . LYS A 1 52  ? -4.683  -0.292  27.457  1.00 39.56 ? 52  LYS A N   1 
ATOM   227  C CA  . LYS A 1 52  ? -6.071  -0.230  27.950  1.00 40.90 ? 52  LYS A CA  1 
ATOM   228  C C   . LYS A 1 52  ? -7.009  -0.916  26.951  1.00 38.75 ? 52  LYS A C   1 
ATOM   229  O O   . LYS A 1 52  ? -7.751  -1.817  27.307  1.00 36.22 ? 52  LYS A O   1 
ATOM   230  C CB  . LYS A 1 52  ? -6.424  1.237   28.210  1.00 48.28 ? 52  LYS A CB  1 
ATOM   231  C CG  . LYS A 1 52  ? -7.732  1.504   28.951  1.00 51.06 ? 52  LYS A CG  1 
ATOM   232  C CD  . LYS A 1 52  ? -7.810  2.923   29.498  1.00 56.45 ? 52  LYS A CD  1 
ATOM   233  C CE  . LYS A 1 52  ? -8.409  3.926   28.531  1.00 63.77 ? 52  LYS A CE  1 
ATOM   234  N NZ  . LYS A 1 52  ? -9.882  3.776   28.442  1.00 69.38 ? 52  LYS A NZ  1 
ATOM   235  N N   . GLY A 1 53  ? -6.934  -0.522  25.665  1.00 38.72 ? 53  GLY A N   1 
ATOM   236  C CA  . GLY A 1 53  ? -7.808  -1.102  24.654  1.00 33.13 ? 53  GLY A CA  1 
ATOM   237  C C   . GLY A 1 53  ? -7.661  -2.595  24.471  1.00 31.37 ? 53  GLY A C   1 
ATOM   238  O O   . GLY A 1 53  ? -8.612  -3.274  24.134  1.00 32.03 ? 53  GLY A O   1 
ATOM   239  N N   . ALA A 1 54  ? -6.441  -3.127  24.665  1.00 30.54 ? 54  ALA A N   1 
ATOM   240  C CA  . ALA A 1 54  ? -6.144  -4.529  24.484  1.00 29.35 ? 54  ALA A CA  1 
ATOM   241  C C   . ALA A 1 54  ? -6.385  -5.347  25.761  1.00 27.99 ? 54  ALA A C   1 
ATOM   242  O O   . ALA A 1 54  ? -6.289  -6.582  25.725  1.00 31.35 ? 54  ALA A O   1 
ATOM   243  C CB  . ALA A 1 54  ? -4.712  -4.678  24.056  1.00 29.28 ? 54  ALA A CB  1 
ATOM   244  N N   . GLY A 1 55  ? -6.731  -4.654  26.848  1.00 31.70 ? 55  GLY A N   1 
ATOM   245  C CA  . GLY A 1 55  ? -7.105  -5.327  28.122  1.00 31.55 ? 55  GLY A CA  1 
ATOM   246  C C   . GLY A 1 55  ? -5.895  -5.932  28.825  1.00 30.59 ? 55  GLY A C   1 
ATOM   247  O O   . GLY A 1 55  ? -5.953  -7.041  29.390  1.00 32.40 ? 55  GLY A O   1 
ATOM   248  N N   . ILE A 1 56  ? -4.781  -5.234  28.713  1.00 30.01 ? 56  ILE A N   1 
ATOM   249  C CA  . ILE A 1 56  ? -3.506  -5.664  29.325  1.00 30.00 ? 56  ILE A CA  1 
ATOM   250  C C   . ILE A 1 56  ? -2.919  -4.477  30.050  1.00 28.25 ? 56  ILE A C   1 
ATOM   251  O O   . ILE A 1 56  ? -3.327  -3.351  29.864  1.00 28.46 ? 56  ILE A O   1 
ATOM   252  C CB  . ILE A 1 56  ? -2.512  -6.204  28.267  1.00 26.53 ? 56  ILE A CB  1 
ATOM   253  C CG1 . ILE A 1 56  ? -2.172  -5.128  27.233  1.00 26.90 ? 56  ILE A CG1 1 
ATOM   254  C CG2 . ILE A 1 56  ? -3.014  -7.475  27.657  1.00 29.26 ? 56  ILE A CG2 1 
ATOM   255  C CD1 . ILE A 1 56  ? -1.187  -5.606  26.172  1.00 26.51 ? 56  ILE A CD1 1 
ATOM   256  N N   . SER A 1 57  ? -1.863  -4.737  30.837  1.00 27.45 ? 57  SER A N   1 
ATOM   257  C CA  . SER A 1 57  ? -1.117  -3.681  31.494  1.00 25.53 ? 57  SER A CA  1 
ATOM   258  C C   . SER A 1 57  ? -0.035  -3.098  30.580  1.00 26.32 ? 57  SER A C   1 
ATOM   259  O O   . SER A 1 57  ? 0.373   -3.716  29.595  1.00 26.19 ? 57  SER A O   1 
ATOM   260  C CB  . SER A 1 57  ? -0.491  -4.266  32.753  1.00 25.62 ? 57  SER A CB  1 
ATOM   261  O OG  . SER A 1 57  ? 0.590   -5.105  32.420  1.00 22.86 ? 57  SER A OG  1 
ATOM   262  N N   . ARG A 1 58  ? 0.508   -1.940  30.971  1.00 26.32 ? 58  ARG A N   1 
ATOM   263  C CA  . ARG A 1 58  ? 1.616   -1.312  30.275  1.00 30.82 ? 58  ARG A CA  1 
ATOM   264  C C   . ARG A 1 58  ? 2.859   -2.216  30.200  1.00 32.16 ? 58  ARG A C   1 
ATOM   265  O O   . ARG A 1 58  ? 3.390   -2.469  29.126  1.00 28.21 ? 58  ARG A O   1 
ATOM   266  C CB  . ARG A 1 58  ? 1.858   0.057   30.918  1.00 36.63 ? 58  ARG A CB  1 
ATOM   267  C CG  . ARG A 1 58  ? 3.100   0.803   30.455  1.00 43.67 ? 58  ARG A CG  1 
ATOM   268  C CD  . ARG A 1 58  ? 3.344   2.074   31.277  1.00 49.93 ? 58  ARG A CD  1 
ATOM   269  N NE  . ARG A 1 58  ? 4.511   2.814   30.817  1.00 62.21 ? 58  ARG A NE  1 
ATOM   270  C CZ  . ARG A 1 58  ? 4.493   3.768   29.873  1.00 71.70 ? 58  ARG A CZ  1 
ATOM   271  N NH1 . ARG A 1 58  ? 3.343   4.230   29.409  1.00 62.52 ? 58  ARG A NH1 1 
ATOM   272  N NH2 . ARG A 1 58  ? 5.630   4.256   29.395  1.00 65.35 ? 58  ARG A NH2 1 
ATOM   273  N N   . PRO A 1 59  ? 3.420   -2.795  31.297  1.00 28.77 ? 59  PRO A N   1 
ATOM   274  C CA  . PRO A 1 59  ? 4.532   -3.729  31.110  1.00 26.38 ? 59  PRO A CA  1 
ATOM   275  C C   . PRO A 1 59  ? 4.207   -4.965  30.235  1.00 22.76 ? 59  PRO A C   1 
ATOM   276  O O   . PRO A 1 59  ? 5.076   -5.532  29.595  1.00 24.02 ? 59  PRO A O   1 
ATOM   277  C CB  . PRO A 1 59  ? 4.917   -4.138  32.559  1.00 26.15 ? 59  PRO A CB  1 
ATOM   278  C CG  . PRO A 1 59  ? 3.721   -3.788  33.372  1.00 25.96 ? 59  PRO A CG  1 
ATOM   279  C CD  . PRO A 1 59  ? 3.046   -2.595  32.713  1.00 30.69 ? 59  PRO A CD  1 
ATOM   280  N N   . THR A 1 60  ? 2.963   -5.421  30.252  1.00 22.31 ? 60  THR A N   1 
ATOM   281  C CA  . THR A 1 60  ? 2.621   -6.577  29.438  1.00 22.95 ? 60  THR A CA  1 
ATOM   282  C C   . THR A 1 60  ? 2.683   -6.133  27.970  1.00 23.54 ? 60  THR A C   1 
ATOM   283  O O   . THR A 1 60  ? 3.236   -6.858  27.158  1.00 23.67 ? 60  THR A O   1 
ATOM   284  C CB  . THR A 1 60  ? 1.289   -7.214  29.841  1.00 22.44 ? 60  THR A CB  1 
ATOM   285  O OG1 . THR A 1 60  ? 1.305   -7.855  31.139  1.00 20.84 ? 60  THR A OG1 1 
ATOM   286  C CG2 . THR A 1 60  ? 0.841   -8.259  28.833  1.00 22.14 ? 60  THR A CG2 1 
ATOM   287  N N   . PHE A 1 61  ? 2.187   -4.933  27.679  1.00 24.67 ? 61  PHE A N   1 
ATOM   288  C CA  . PHE A 1 61  ? 2.367   -4.350  26.322  1.00 25.56 ? 61  PHE A CA  1 
ATOM   289  C C   . PHE A 1 61  ? 3.833   -4.434  25.870  1.00 29.18 ? 61  PHE A C   1 
ATOM   290  O O   . PHE A 1 61  ? 4.140   -4.846  24.729  1.00 28.08 ? 61  PHE A O   1 
ATOM   291  C CB  . PHE A 1 61  ? 1.953   -2.885  26.301  1.00 27.43 ? 61  PHE A CB  1 
ATOM   292  C CG  . PHE A 1 61  ? 2.279   -2.181  25.006  1.00 28.28 ? 61  PHE A CG  1 
ATOM   293  C CD1 . PHE A 1 61  ? 1.358   -2.141  23.965  1.00 30.73 ? 61  PHE A CD1 1 
ATOM   294  C CD2 . PHE A 1 61  ? 3.523   -1.592  24.809  1.00 29.33 ? 61  PHE A CD2 1 
ATOM   295  C CE1 . PHE A 1 61  ? 1.668   -1.508  22.765  1.00 27.43 ? 61  PHE A CE1 1 
ATOM   296  C CE2 . PHE A 1 61  ? 3.829   -0.939  23.622  1.00 32.35 ? 61  PHE A CE2 1 
ATOM   297  C CZ  . PHE A 1 61  ? 2.893   -0.903  22.595  1.00 31.91 ? 61  PHE A CZ  1 
ATOM   298  N N   . TYR A 1 62  ? 4.747   -4.032  26.764  1.00 29.00 ? 62  TYR A N   1 
ATOM   299  C CA  . TYR A 1 62  ? 6.183   -3.875  26.413  1.00 30.27 ? 62  TYR A CA  1 
ATOM   300  C C   . TYR A 1 62  ? 6.836   -5.230  26.211  1.00 28.40 ? 62  TYR A C   1 
ATOM   301  O O   . TYR A 1 62  ? 7.885   -5.359  25.560  1.00 29.99 ? 62  TYR A O   1 
ATOM   302  C CB  . TYR A 1 62  ? 6.917   -3.054  27.471  1.00 30.77 ? 62  TYR A CB  1 
ATOM   303  C CG  . TYR A 1 62  ? 6.710   -1.571  27.358  1.00 35.78 ? 62  TYR A CG  1 
ATOM   304  C CD1 . TYR A 1 62  ? 7.164   -0.882  26.242  1.00 31.74 ? 62  TYR A CD1 1 
ATOM   305  C CD2 . TYR A 1 62  ? 6.036   -0.865  28.338  1.00 39.21 ? 62  TYR A CD2 1 
ATOM   306  C CE1 . TYR A 1 62  ? 7.012   0.485   26.150  1.00 29.58 ? 62  TYR A CE1 1 
ATOM   307  C CE2 . TYR A 1 62  ? 5.843   0.506   28.230  1.00 41.92 ? 62  TYR A CE2 1 
ATOM   308  C CZ  . TYR A 1 62  ? 6.326   1.178   27.115  1.00 38.89 ? 62  TYR A CZ  1 
ATOM   309  O OH  . TYR A 1 62  ? 6.151   2.525   26.986  1.00 39.85 ? 62  TYR A OH  1 
ATOM   310  N N   . PHE A 1 63  ? 6.195   -6.267  26.723  1.00 26.27 ? 63  PHE A N   1 
ATOM   311  C CA  . PHE A 1 63  ? 6.597   -7.584  26.378  1.00 26.27 ? 63  PHE A CA  1 
ATOM   312  C C   . PHE A 1 63  ? 6.439   -7.802  24.867  1.00 29.79 ? 63  PHE A C   1 
ATOM   313  O O   . PHE A 1 63  ? 7.301   -8.374  24.260  1.00 28.00 ? 63  PHE A O   1 
ATOM   314  C CB  . PHE A 1 63  ? 5.825   -8.672  27.122  1.00 25.79 ? 63  PHE A CB  1 
ATOM   315  C CG  . PHE A 1 63  ? 6.281   -10.069 26.822  1.00 26.48 ? 63  PHE A CG  1 
ATOM   316  C CD1 . PHE A 1 63  ? 7.438   -10.586 27.390  1.00 27.80 ? 63  PHE A CD1 1 
ATOM   317  C CD2 . PHE A 1 63  ? 5.559   -10.889 25.980  1.00 27.39 ? 63  PHE A CD2 1 
ATOM   318  C CE1 . PHE A 1 63  ? 7.860   -11.871 27.111  1.00 26.49 ? 63  PHE A CE1 1 
ATOM   319  C CE2 . PHE A 1 63  ? 6.000   -12.171 25.675  1.00 32.32 ? 63  PHE A CE2 1 
ATOM   320  C CZ  . PHE A 1 63  ? 7.130   -12.674 26.263  1.00 32.50 ? 63  PHE A CZ  1 
ATOM   321  N N   . TYR A 1 64  ? 5.266   -7.470  24.325  1.00 30.04 ? 64  TYR A N   1 
ATOM   322  C CA  . TYR A 1 64  ? 4.919   -7.704  22.869  1.00 29.41 ? 64  TYR A CA  1 
ATOM   323  C C   . TYR A 1 64  ? 5.514   -6.649  21.919  1.00 27.82 ? 64  TYR A C   1 
ATOM   324  O O   . TYR A 1 64  ? 5.783   -6.977  20.765  1.00 35.76 ? 64  TYR A O   1 
ATOM   325  C CB  . TYR A 1 64  ? 3.393   -7.749  22.723  1.00 27.21 ? 64  TYR A CB  1 
ATOM   326  C CG  . TYR A 1 64  ? 2.782   -8.934  23.418  1.00 27.26 ? 64  TYR A CG  1 
ATOM   327  C CD1 . TYR A 1 64  ? 2.925   -10.208 22.912  1.00 30.45 ? 64  TYR A CD1 1 
ATOM   328  C CD2 . TYR A 1 64  ? 2.120   -8.799  24.632  1.00 26.87 ? 64  TYR A CD2 1 
ATOM   329  C CE1 . TYR A 1 64  ? 2.399   -11.315 23.551  1.00 34.07 ? 64  TYR A CE1 1 
ATOM   330  C CE2 . TYR A 1 64  ? 1.618   -9.901  25.307  1.00 31.15 ? 64  TYR A CE2 1 
ATOM   331  C CZ  . TYR A 1 64  ? 1.751   -11.160 24.761  1.00 32.77 ? 64  TYR A CZ  1 
ATOM   332  O OH  . TYR A 1 64  ? 1.240   -12.251 25.381  1.00 35.37 ? 64  TYR A OH  1 
ATOM   333  N N   . PHE A 1 65  ? 5.714   -5.405  22.340  1.00 28.92 ? 65  PHE A N   1 
ATOM   334  C CA  . PHE A 1 65  ? 6.211   -4.389  21.441  1.00 29.88 ? 65  PHE A CA  1 
ATOM   335  C C   . PHE A 1 65  ? 7.072   -3.411  22.207  1.00 32.24 ? 65  PHE A C   1 
ATOM   336  O O   . PHE A 1 65  ? 6.725   -2.999  23.322  1.00 31.73 ? 65  PHE A O   1 
ATOM   337  C CB  . PHE A 1 65  ? 5.071   -3.610  20.768  1.00 30.26 ? 65  PHE A CB  1 
ATOM   338  C CG  . PHE A 1 65  ? 4.238   -4.418  19.811  1.00 28.32 ? 65  PHE A CG  1 
ATOM   339  C CD1 . PHE A 1 65  ? 4.616   -4.548  18.477  1.00 28.60 ? 65  PHE A CD1 1 
ATOM   340  C CD2 . PHE A 1 65  ? 3.023   -4.970  20.204  1.00 30.02 ? 65  PHE A CD2 1 
ATOM   341  C CE1 . PHE A 1 65  ? 3.848   -5.286  17.593  1.00 27.61 ? 65  PHE A CE1 1 
ATOM   342  C CE2 . PHE A 1 65  ? 2.251   -5.697  19.318  1.00 30.28 ? 65  PHE A CE2 1 
ATOM   343  C CZ  . PHE A 1 65  ? 2.659   -5.843  18.007  1.00 30.03 ? 65  PHE A CZ  1 
ATOM   344  N N   . PRO A 1 66  ? 8.215   -3.013  21.610  1.00 36.64 ? 66  PRO A N   1 
ATOM   345  C CA  . PRO A 1 66  ? 9.092   -2.034  22.235  1.00 36.24 ? 66  PRO A CA  1 
ATOM   346  C C   . PRO A 1 66  ? 8.535   -0.622  22.338  1.00 43.42 ? 66  PRO A C   1 
ATOM   347  O O   . PRO A 1 66  ? 9.063   0.166   23.119  1.00 42.73 ? 66  PRO A O   1 
ATOM   348  C CB  . PRO A 1 66  ? 10.341  -1.993  21.337  1.00 40.56 ? 66  PRO A CB  1 
ATOM   349  C CG  . PRO A 1 66  ? 10.222  -3.165  20.395  1.00 42.24 ? 66  PRO A CG  1 
ATOM   350  C CD  . PRO A 1 66  ? 8.767   -3.571  20.360  1.00 36.88 ? 66  PRO A CD  1 
ATOM   351  N N   . SER A 1 67  ? 7.519   -0.295  21.525  1.00 36.11 ? 67  SER A N   1 
ATOM   352  C CA  . SER A 1 67  ? 7.060   1.080   21.389  1.00 41.22 ? 67  SER A CA  1 
ATOM   353  C C   . SER A 1 67  ? 5.779   1.096   20.553  1.00 36.50 ? 67  SER A C   1 
ATOM   354  O O   . SER A 1 67  ? 5.469   0.082   19.889  1.00 31.02 ? 67  SER A O   1 
ATOM   355  C CB  . SER A 1 67  ? 8.092   1.937   20.704  1.00 44.54 ? 67  SER A CB  1 
ATOM   356  O OG  . SER A 1 67  ? 8.287   1.480   19.375  1.00 44.36 ? 67  SER A OG  1 
ATOM   357  N N   . LYS A 1 68  ? 5.065   2.222   20.613  1.00 37.71 ? 68  LYS A N   1 
ATOM   358  C CA  . LYS A 1 68  ? 3.861   2.391   19.802  1.00 39.74 ? 68  LYS A CA  1 
ATOM   359  C C   . LYS A 1 68  ? 4.274   2.425   18.322  1.00 41.44 ? 68  LYS A C   1 
ATOM   360  O O   . LYS A 1 68  ? 3.534   1.898   17.463  1.00 34.39 ? 68  LYS A O   1 
ATOM   361  C CB  . LYS A 1 68  ? 3.057   3.621   20.231  1.00 39.66 ? 68  LYS A CB  1 
ATOM   362  C CG  . LYS A 1 68  ? 3.719   4.972   20.011  1.00 43.30 ? 68  LYS A CG  1 
ATOM   363  C CD  . LYS A 1 68  ? 2.859   6.091   20.539  1.00 41.36 ? 68  LYS A CD  1 
ATOM   364  C CE  . LYS A 1 68  ? 3.506   7.453   20.441  1.00 46.16 ? 68  LYS A CE  1 
ATOM   365  N NZ  . LYS A 1 68  ? 2.662   8.476   21.101  1.00 47.06 ? 68  LYS A NZ  1 
ATOM   366  N N   . GLU A 1 69  ? 5.467   2.969   18.057  1.00 36.89 ? 69  GLU A N   1 
ATOM   367  C CA  . GLU A 1 69  ? 6.039   3.072   16.713  1.00 36.36 ? 69  GLU A CA  1 
ATOM   368  C C   . GLU A 1 69  ? 6.192   1.681   16.112  1.00 35.97 ? 69  GLU A C   1 
ATOM   369  O O   . GLU A 1 69  ? 5.865   1.488   14.977  1.00 34.26 ? 69  GLU A O   1 
ATOM   370  C CB  . GLU A 1 69  ? 7.385   3.799   16.728  1.00 38.62 ? 69  GLU A CB  1 
ATOM   371  C CG  . GLU A 1 69  ? 7.240   5.304   16.960  1.00 40.12 ? 69  GLU A CG  1 
ATOM   372  C CD  . GLU A 1 69  ? 7.101   5.732   18.410  1.00 43.59 ? 69  GLU A CD  1 
ATOM   373  O OE1 . GLU A 1 69  ? 7.296   4.881   19.317  1.00 42.29 ? 69  GLU A OE1 1 
ATOM   374  O OE2 . GLU A 1 69  ? 6.757   6.899   18.624  1.00 51.61 ? 69  GLU A OE2 1 
ATOM   375  N N   . ALA A 1 70  ? 6.660   0.705   16.910  1.00 31.60 ? 70  ALA A N   1 
ATOM   376  C CA  . ALA A 1 70  ? 6.790   -0.662  16.461  1.00 29.49 ? 70  ALA A CA  1 
ATOM   377  C C   . ALA A 1 70  ? 5.436   -1.297  16.160  1.00 26.68 ? 70  ALA A C   1 
ATOM   378  O O   . ALA A 1 70  ? 5.381   -2.207  15.354  1.00 24.65 ? 70  ALA A O   1 
ATOM   379  C CB  . ALA A 1 70  ? 7.512   -1.496  17.490  1.00 32.43 ? 70  ALA A CB  1 
ATOM   380  N N   . VAL A 1 71  ? 4.393   -0.909  16.896  1.00 26.61 ? 71  VAL A N   1 
ATOM   381  C CA  . VAL A 1 71  ? 3.045   -1.385  16.610  1.00 27.10 ? 71  VAL A CA  1 
ATOM   382  C C   . VAL A 1 71  ? 2.669   -0.940  15.188  1.00 25.49 ? 71  VAL A C   1 
ATOM   383  O O   . VAL A 1 71  ? 2.135   -1.744  14.454  1.00 25.10 ? 71  VAL A O   1 
ATOM   384  C CB  . VAL A 1 71  ? 1.995   -0.937  17.642  1.00 27.70 ? 71  VAL A CB  1 
ATOM   385  C CG1 . VAL A 1 71  ? 0.606   -1.418  17.270  1.00 27.32 ? 71  VAL A CG1 1 
ATOM   386  C CG2 . VAL A 1 71  ? 2.365   -1.453  19.031  1.00 29.02 ? 71  VAL A CG2 1 
ATOM   387  N N   . LEU A 1 72  ? 2.926   0.319   14.873  1.00 27.83 ? 72  LEU A N   1 
ATOM   388  C CA  . LEU A 1 72  ? 2.555   0.839   13.524  1.00 28.50 ? 72  LEU A CA  1 
ATOM   389  C C   . LEU A 1 72  ? 3.350   0.119   12.438  1.00 30.02 ? 72  LEU A C   1 
ATOM   390  O O   . LEU A 1 72  ? 2.808   -0.269  11.406  1.00 27.15 ? 72  LEU A O   1 
ATOM   391  C CB  . LEU A 1 72  ? 2.795   2.335   13.448  1.00 29.20 ? 72  LEU A CB  1 
ATOM   392  C CG  . LEU A 1 72  ? 2.641   2.945   12.052  1.00 27.70 ? 72  LEU A CG  1 
ATOM   393  C CD1 . LEU A 1 72  ? 1.239   2.692   11.546  1.00 26.77 ? 72  LEU A CD1 1 
ATOM   394  C CD2 . LEU A 1 72  ? 2.937   4.428   12.113  1.00 31.71 ? 72  LEU A CD2 1 
ATOM   395  N N   . LEU A 1 73  ? 4.644   -0.082  12.682  1.00 29.69 ? 73  LEU A N   1 
ATOM   396  C CA  . LEU A 1 73  ? 5.472   -0.791  11.738  1.00 27.57 ? 73  LEU A CA  1 
ATOM   397  C C   . LEU A 1 73  ? 4.858   -2.153  11.436  1.00 24.54 ? 73  LEU A C   1 
ATOM   398  O O   . LEU A 1 73  ? 4.761   -2.537  10.267  1.00 25.18 ? 73  LEU A O   1 
ATOM   399  C CB  . LEU A 1 73  ? 6.907   -0.887  12.271  1.00 26.57 ? 73  LEU A CB  1 
ATOM   400  C CG  . LEU A 1 73  ? 7.865   -1.708  11.413  1.00 28.80 ? 73  LEU A CG  1 
ATOM   401  C CD1 . LEU A 1 73  ? 8.104   -1.025  10.065  1.00 27.75 ? 73  LEU A CD1 1 
ATOM   402  C CD2 . LEU A 1 73  ? 9.204   -1.940  12.123  1.00 31.32 ? 73  LEU A CD2 1 
ATOM   403  N N   . THR A 1 74  ? 4.433   -2.912  12.476  1.00 23.73 ? 74  THR A N   1 
ATOM   404  C CA  . THR A 1 74  ? 3.816   -4.197  12.288  1.00 22.23 ? 74  THR A CA  1 
ATOM   405  C C   . THR A 1 74  ? 2.501   -4.071  11.495  1.00 22.36 ? 74  THR A C   1 
ATOM   406  O O   . THR A 1 74  ? 2.210   -4.908  10.638  1.00 24.41 ? 74  THR A O   1 
ATOM   407  C CB  . THR A 1 74  ? 3.611   -4.944  13.629  1.00 23.06 ? 74  THR A CB  1 
ATOM   408  O OG1 . THR A 1 74  ? 4.915   -5.098  14.195  1.00 26.58 ? 74  THR A OG1 1 
ATOM   409  C CG2 . THR A 1 74  ? 2.990   -6.299  13.438  1.00 22.35 ? 74  THR A CG2 1 
ATOM   410  N N   . LEU A 1 75  ? 1.651   -3.096  11.837  1.00 25.27 ? 75  LEU A N   1 
ATOM   411  C CA  . LEU A 1 75  ? 0.380   -2.937  11.128  1.00 23.61 ? 75  LEU A CA  1 
ATOM   412  C C   . LEU A 1 75  ? 0.669   -2.658  9.633   1.00 20.49 ? 75  LEU A C   1 
ATOM   413  O O   . LEU A 1 75  ? 0.054   -3.281  8.770   1.00 23.40 ? 75  LEU A O   1 
ATOM   414  C CB  . LEU A 1 75  ? -0.427  -1.774  11.692  1.00 27.60 ? 75  LEU A CB  1 
ATOM   415  C CG  . LEU A 1 75  ? -1.172  -2.023  12.999  1.00 28.23 ? 75  LEU A CG  1 
ATOM   416  C CD1 . LEU A 1 75  ? -1.634  -0.694  13.556  1.00 28.66 ? 75  LEU A CD1 1 
ATOM   417  C CD2 . LEU A 1 75  ? -2.299  -3.020  12.801  1.00 28.81 ? 75  LEU A CD2 1 
ATOM   418  N N   . LEU A 1 76  ? 1.632   -1.811  9.362   1.00 22.95 ? 76  LEU A N   1 
ATOM   419  C CA  . LEU A 1 76  ? 1.939   -1.484  7.941   1.00 22.58 ? 76  LEU A CA  1 
ATOM   420  C C   . LEU A 1 76  ? 2.514   -2.709  7.226   1.00 25.92 ? 76  LEU A C   1 
ATOM   421  O O   . LEU A 1 76  ? 2.164   -3.027  6.100   1.00 24.39 ? 76  LEU A O   1 
ATOM   422  C CB  . LEU A 1 76  ? 2.884   -0.296  7.886   1.00 25.02 ? 76  LEU A CB  1 
ATOM   423  C CG  . LEU A 1 76  ? 3.272   0.126   6.470   1.00 23.66 ? 76  LEU A CG  1 
ATOM   424  C CD1 . LEU A 1 76  ? 2.043   0.656   5.765   1.00 24.63 ? 76  LEU A CD1 1 
ATOM   425  C CD2 . LEU A 1 76  ? 4.392   1.134   6.512   1.00 26.52 ? 76  LEU A CD2 1 
ATOM   426  N N   . ASP A 1 77  ? 3.419   -3.437  7.896   1.00 25.73 ? 77  ASP A N   1 
ATOM   427  C CA  . ASP A 1 77  ? 3.968   -4.664  7.359   1.00 24.79 ? 77  ASP A CA  1 
ATOM   428  C C   . ASP A 1 77  ? 2.852   -5.623  6.948   1.00 24.67 ? 77  ASP A C   1 
ATOM   429  O O   . ASP A 1 77  ? 2.897   -6.247  5.911   1.00 24.42 ? 77  ASP A O   1 
ATOM   430  C CB  . ASP A 1 77  ? 4.870   -5.355  8.384   1.00 26.28 ? 77  ASP A CB  1 
ATOM   431  C CG  . ASP A 1 77  ? 5.633   -6.524  7.821   1.00 30.73 ? 77  ASP A CG  1 
ATOM   432  O OD1 . ASP A 1 77  ? 6.682   -6.306  7.274   1.00 34.16 ? 77  ASP A OD1 1 
ATOM   433  O OD2 . ASP A 1 77  ? 5.098   -7.608  7.840   1.00 37.20 ? 77  ASP A OD2 1 
ATOM   434  N N   A ARG A 1 78  ? 1.832   -5.732  7.807   0.50 24.96 ? 78  ARG A N   1 
ATOM   435  N N   B ARG A 1 78  ? 1.817   -5.762  7.790   0.50 23.44 ? 78  ARG A N   1 
ATOM   436  C CA  A ARG A 1 78  ? 0.703   -6.613  7.570   0.50 25.60 ? 78  ARG A CA  1 
ATOM   437  C CA  B ARG A 1 78  ? 0.742   -6.699  7.464   0.50 23.33 ? 78  ARG A CA  1 
ATOM   438  C C   A ARG A 1 78  ? -0.053  -6.186  6.299   0.50 22.97 ? 78  ARG A C   1 
ATOM   439  C C   B ARG A 1 78  ? -0.060  -6.194  6.253   0.50 21.64 ? 78  ARG A C   1 
ATOM   440  O O   A ARG A 1 78  ? -0.410  -7.024  5.474   0.50 23.18 ? 78  ARG A O   1 
ATOM   441  O O   B ARG A 1 78  ? -0.471  -7.003  5.425   0.50 22.51 ? 78  ARG A O   1 
ATOM   442  C CB  A ARG A 1 78  ? -0.187  -6.601  8.818   0.50 28.29 ? 78  ARG A CB  1 
ATOM   443  C CB  B ARG A 1 78  ? -0.186  -6.935  8.660   0.50 23.75 ? 78  ARG A CB  1 
ATOM   444  C CG  A ARG A 1 78  ? -1.633  -7.003  8.593   0.50 31.84 ? 78  ARG A CG  1 
ATOM   445  C CG  B ARG A 1 78  ? 0.498   -7.628  9.832   0.50 25.44 ? 78  ARG A CG  1 
ATOM   446  C CD  A ARG A 1 78  ? -2.426  -6.918  9.889   0.50 37.05 ? 78  ARG A CD  1 
ATOM   447  C CD  B ARG A 1 78  ? -0.207  -7.333  11.149  0.50 26.08 ? 78  ARG A CD  1 
ATOM   448  N NE  A ARG A 1 78  ? -3.263  -5.726  10.011  0.50 38.57 ? 78  ARG A NE  1 
ATOM   449  N NE  B ARG A 1 78  ? -1.614  -7.710  11.071  0.50 28.14 ? 78  ARG A NE  1 
ATOM   450  C CZ  A ARG A 1 78  ? -4.314  -5.498  9.238   0.50 34.42 ? 78  ARG A CZ  1 
ATOM   451  C CZ  B ARG A 1 78  ? -2.069  -8.911  11.368  0.50 30.00 ? 78  ARG A CZ  1 
ATOM   452  N NH1 A ARG A 1 78  ? -4.431  -6.159  8.098   0.50 32.32 ? 78  ARG A NH1 1 
ATOM   453  N NH1 B ARG A 1 78  ? -3.363  -9.161  11.318  0.50 32.93 ? 78  ARG A NH1 1 
ATOM   454  N NH2 A ARG A 1 78  ? -5.254  -4.658  9.628   0.50 29.99 ? 78  ARG A NH2 1 
ATOM   455  N NH2 B ARG A 1 78  ? -1.222  -9.854  11.724  0.50 28.80 ? 78  ARG A NH2 1 
ATOM   456  N N   . VAL A 1 79  ? -0.318  -4.885  6.191   1.00 22.18 ? 79  VAL A N   1 
ATOM   457  C CA  . VAL A 1 79  ? -1.078  -4.290  5.021   1.00 23.40 ? 79  VAL A CA  1 
ATOM   458  C C   . VAL A 1 79  ? -0.288  -4.452  3.706   1.00 22.18 ? 79  VAL A C   1 
ATOM   459  O O   . VAL A 1 79  ? -0.822  -4.894  2.690   1.00 21.61 ? 79  VAL A O   1 
ATOM   460  C CB  . VAL A 1 79  ? -1.484  -2.821  5.265   1.00 26.08 ? 79  VAL A CB  1 
ATOM   461  C CG1 . VAL A 1 79  ? -2.084  -2.184  3.992   1.00 25.36 ? 79  VAL A CG1 1 
ATOM   462  C CG2 . VAL A 1 79  ? -2.462  -2.737  6.422   1.00 28.44 ? 79  VAL A CG2 1 
ATOM   463  N N   . VAL A 1 80  ? 0.996   -4.117  3.733   1.00 22.71 ? 80  VAL A N   1 
ATOM   464  C CA  . VAL A 1 80  ? 1.862   -4.182  2.570   1.00 22.78 ? 80  VAL A CA  1 
ATOM   465  C C   . VAL A 1 80  ? 1.975   -5.635  2.071   1.00 23.42 ? 80  VAL A C   1 
ATOM   466  O O   . VAL A 1 80  ? 1.872   -5.944  0.893   1.00 21.10 ? 80  VAL A O   1 
ATOM   467  C CB  . VAL A 1 80  ? 3.192   -3.548  2.957   1.00 25.95 ? 80  VAL A CB  1 
ATOM   468  C CG1 . VAL A 1 80  ? 4.333   -4.057  2.141   1.00 31.32 ? 80  VAL A CG1 1 
ATOM   469  C CG2 . VAL A 1 80  ? 3.083   -2.024  2.959   1.00 25.35 ? 80  VAL A CG2 1 
ATOM   470  N N   . ASN A 1 81  ? 2.153   -6.577  3.005   1.00 23.54 ? 81  ASN A N   1 
ATOM   471  C CA  . ASN A 1 81  ? 2.212   -8.025  2.638   1.00 24.16 ? 81  ASN A CA  1 
ATOM   472  C C   . ASN A 1 81  ? 0.849   -8.522  2.139   1.00 23.14 ? 81  ASN A C   1 
ATOM   473  O O   . ASN A 1 81  ? 0.753   -9.346  1.249   1.00 23.10 ? 81  ASN A O   1 
ATOM   474  C CB  . ASN A 1 81  ? 2.764   -8.866  3.810   1.00 24.61 ? 81  ASN A CB  1 
ATOM   475  C CG  . ASN A 1 81  ? 4.276   -8.857  3.808   1.00 24.91 ? 81  ASN A CG  1 
ATOM   476  O OD1 . ASN A 1 81  ? 4.877   -9.558  2.991   1.00 29.56 ? 81  ASN A OD1 1 
ATOM   477  N ND2 . ASN A 1 81  ? 4.878   -7.990  4.616   1.00 27.13 ? 81  ASN A ND2 1 
ATOM   478  N N   . GLN A 1 82  ? -0.243  -7.984  2.674   1.00 22.51 ? 82  GLN A N   1 
ATOM   479  C CA  . GLN A 1 82  ? -1.539  -8.386  2.223   1.00 22.10 ? 82  GLN A CA  1 
ATOM   480  C C   . GLN A 1 82  ? -1.707  -7.975  0.758   1.00 21.43 ? 82  GLN A C   1 
ATOM   481  O O   . GLN A 1 82  ? -2.150  -8.727  -0.049  1.00 21.57 ? 82  GLN A O   1 
ATOM   482  C CB  . GLN A 1 82  ? -2.611  -7.703  3.064   1.00 25.37 ? 82  GLN A CB  1 
ATOM   483  C CG  . GLN A 1 82  ? -4.020  -8.162  2.767   1.00 30.07 ? 82  GLN A CG  1 
ATOM   484  C CD  . GLN A 1 82  ? -4.962  -7.483  3.743   1.00 36.84 ? 82  GLN A CD  1 
ATOM   485  O OE1 . GLN A 1 82  ? -4.598  -7.154  4.882   1.00 40.29 ? 82  GLN A OE1 1 
ATOM   486  N NE2 . GLN A 1 82  ? -6.153  -7.184  3.261   1.00 35.61 ? 82  GLN A NE2 1 
ATOM   487  N N   . ALA A 1 83  ? -1.294  -6.739  0.441   1.00 21.16 ? 83  ALA A N   1 
ATOM   488  C CA  . ALA A 1 83  ? -1.360  -6.281  -0.964  1.00 20.53 ? 83  ALA A CA  1 
ATOM   489  C C   . ALA A 1 83  ? -0.477  -7.165  -1.866  1.00 19.46 ? 83  ALA A C   1 
ATOM   490  O O   . ALA A 1 83  ? -0.844  -7.535  -2.955  1.00 20.34 ? 83  ALA A O   1 
ATOM   491  C CB  . ALA A 1 83  ? -0.924  -4.813  -1.012  1.00 22.34 ? 83  ALA A CB  1 
ATOM   492  N N   . ASP A 1 84  ? 0.744   -7.415  -1.416  1.00 19.69 ? 84  ASP A N   1 
ATOM   493  C CA  . ASP A 1 84  ? 1.701   -8.147  -2.177  1.00 20.73 ? 84  ASP A CA  1 
ATOM   494  C C   . ASP A 1 84  ? 1.156   -9.551  -2.478  1.00 21.57 ? 84  ASP A C   1 
ATOM   495  O O   . ASP A 1 84  ? 1.271   -10.026 -3.576  1.00 21.61 ? 84  ASP A O   1 
ATOM   496  C CB  . ASP A 1 84  ? 3.049   -8.188  -1.493  1.00 21.55 ? 84  ASP A CB  1 
ATOM   497  C CG  . ASP A 1 84  ? 4.125   -8.724  -2.410  1.00 26.27 ? 84  ASP A CG  1 
ATOM   498  O OD1 . ASP A 1 84  ? 4.328   -8.127  -3.485  1.00 23.28 ? 84  ASP A OD1 1 
ATOM   499  O OD2 . ASP A 1 84  ? 4.740   -9.743  -2.034  1.00 28.69 ? 84  ASP A OD2 1 
ATOM   500  N N   . MET A 1 85  ? 0.609   -10.225 -1.448  1.00 22.74 ? 85  MET A N   1 
ATOM   501  C CA  A MET A 1 85  ? 0.095   -11.582 -1.641  0.50 24.97 ? 85  MET A CA  1 
ATOM   502  C CA  B MET A 1 85  ? 0.072   -11.582 -1.626  0.50 25.86 ? 85  MET A CA  1 
ATOM   503  C C   . MET A 1 85  ? -1.084  -11.576 -2.626  1.00 24.08 ? 85  MET A C   1 
ATOM   504  O O   . MET A 1 85  ? -1.230  -12.470 -3.440  1.00 25.57 ? 85  MET A O   1 
ATOM   505  C CB  A MET A 1 85  ? -0.278  -12.193 -0.284  0.50 26.92 ? 85  MET A CB  1 
ATOM   506  C CB  B MET A 1 85  ? -0.396  -12.168 -0.290  0.50 29.23 ? 85  MET A CB  1 
ATOM   507  C CG  A MET A 1 85  ? 0.952   -12.385 0.597   0.50 29.98 ? 85  MET A CG  1 
ATOM   508  C CG  B MET A 1 85  ? 0.737   -12.799 0.476   0.50 34.26 ? 85  MET A CG  1 
ATOM   509  S SD  A MET A 1 85  ? 0.645   -13.229 2.178   0.50 35.89 ? 85  MET A SD  1 
ATOM   510  S SD  B MET A 1 85  ? 1.692   -13.962 -0.541  0.50 41.41 ? 85  MET A SD  1 
ATOM   511  C CE  A MET A 1 85  ? -0.039  -11.894 3.162   0.50 33.87 ? 85  MET A CE  1 
ATOM   512  C CE  B MET A 1 85  ? 0.381   -14.883 -1.350  0.50 37.80 ? 85  MET A CE  1 
ATOM   513  N N   . ALA A 1 86  ? -1.947  -10.557 -2.564  1.00 22.62 ? 86  ALA A N   1 
ATOM   514  C CA  . ALA A 1 86  ? -3.058  -10.470 -3.492  1.00 24.62 ? 86  ALA A CA  1 
ATOM   515  C C   . ALA A 1 86  ? -2.540  -10.301 -4.928  1.00 23.02 ? 86  ALA A C   1 
ATOM   516  O O   . ALA A 1 86  ? -3.032  -10.909 -5.850  1.00 22.24 ? 86  ALA A O   1 
ATOM   517  C CB  . ALA A 1 86  ? -3.951  -9.324  -3.096  1.00 25.55 ? 86  ALA A CB  1 
ATOM   518  N N   . LEU A 1 87  ? -1.534  -9.442  -5.119  1.00 23.39 ? 87  LEU A N   1 
ATOM   519  C CA  . LEU A 1 87  ? -0.927  -9.270  -6.446  1.00 22.41 ? 87  LEU A CA  1 
ATOM   520  C C   . LEU A 1 87  ? -0.309  -10.608 -6.909  1.00 23.57 ? 87  LEU A C   1 
ATOM   521  O O   . LEU A 1 87  ? -0.525  -10.993 -8.049  1.00 23.07 ? 87  LEU A O   1 
ATOM   522  C CB  . LEU A 1 87  ? 0.121   -8.141  -6.391  1.00 22.72 ? 87  LEU A CB  1 
ATOM   523  C CG  . LEU A 1 87  ? 0.840   -7.898  -7.725  1.00 22.68 ? 87  LEU A CG  1 
ATOM   524  C CD1 . LEU A 1 87  ? -0.127  -7.476  -8.816  1.00 26.29 ? 87  LEU A CD1 1 
ATOM   525  C CD2 . LEU A 1 87  ? 1.938   -6.846  -7.542  1.00 23.41 ? 87  LEU A CD2 1 
ATOM   526  N N   . GLN A 1 88  ? 0.370   -11.324 -6.008  1.00 23.93 ? 88  GLN A N   1 
ATOM   527  C CA  . GLN A 1 88  ? 0.977   -12.642 -6.386  1.00 27.05 ? 88  GLN A CA  1 
ATOM   528  C C   . GLN A 1 88  ? -0.121  -13.593 -6.878  1.00 26.95 ? 88  GLN A C   1 
ATOM   529  O O   . GLN A 1 88  ? 0.077   -14.327 -7.851  1.00 25.74 ? 88  GLN A O   1 
ATOM   530  C CB  . GLN A 1 88  ? 1.686   -13.321 -5.224  1.00 29.03 ? 88  GLN A CB  1 
ATOM   531  C CG  . GLN A 1 88  ? 2.994   -12.657 -4.821  1.00 34.33 ? 88  GLN A CG  1 
ATOM   532  C CD  . GLN A 1 88  ? 3.589   -13.369 -3.633  1.00 41.55 ? 88  GLN A CD  1 
ATOM   533  O OE1 . GLN A 1 88  ? 3.621   -14.601 -3.609  1.00 39.00 ? 88  GLN A OE1 1 
ATOM   534  N NE2 . GLN A 1 88  ? 4.004   -12.613 -2.621  1.00 38.34 ? 88  GLN A NE2 1 
ATOM   535  N N   . THR A 1 89  ? -1.279  -13.554 -6.212  1.00 29.43 ? 89  THR A N   1 
ATOM   536  C CA  . THR A 1 89  ? -2.387  -14.446 -6.548  1.00 30.50 ? 89  THR A CA  1 
ATOM   537  C C   . THR A 1 89  ? -2.893  -14.132 -7.947  1.00 29.52 ? 89  THR A C   1 
ATOM   538  O O   . THR A 1 89  ? -3.153  -15.005 -8.748  1.00 32.85 ? 89  THR A O   1 
ATOM   539  C CB  . THR A 1 89  ? -3.509  -14.352 -5.505  1.00 32.25 ? 89  THR A CB  1 
ATOM   540  O OG1 . THR A 1 89  ? -2.986  -14.854 -4.277  1.00 34.35 ? 89  THR A OG1 1 
ATOM   541  C CG2 . THR A 1 89  ? -4.728  -15.148 -5.900  1.00 36.63 ? 89  THR A CG2 1 
ATOM   542  N N   . LEU A 1 90  ? -3.076  -12.838 -8.225  1.00 29.17 ? 90  LEU A N   1 
ATOM   543  C CA  . LEU A 1 90  ? -3.478  -12.382 -9.500  1.00 28.79 ? 90  LEU A CA  1 
ATOM   544  C C   . LEU A 1 90  ? -2.482  -12.748 -10.601 1.00 31.53 ? 90  LEU A C   1 
ATOM   545  O O   . LEU A 1 90  ? -2.897  -13.142 -11.701 1.00 34.98 ? 90  LEU A O   1 
ATOM   546  C CB  . LEU A 1 90  ? -3.647  -10.870 -9.368  1.00 30.16 ? 90  LEU A CB  1 
ATOM   547  C CG  . LEU A 1 90  ? -4.349  -10.188 -10.503 1.00 32.19 ? 90  LEU A CG  1 
ATOM   548  C CD1 . LEU A 1 90  ? -5.700  -10.850 -10.762 1.00 32.68 ? 90  LEU A CD1 1 
ATOM   549  C CD2 . LEU A 1 90  ? -4.478  -8.699  -10.189 1.00 27.77 ? 90  LEU A CD2 1 
ATOM   550  N N   . ALA A 1 91  ? -1.181  -12.621 -10.306 1.00 31.25 ? 91  ALA A N   1 
ATOM   551  C CA  . ALA A 1 91  ? -0.087  -12.906 -11.237 1.00 35.08 ? 91  ALA A CA  1 
ATOM   552  C C   . ALA A 1 91  ? -0.084  -14.385 -11.653 1.00 41.08 ? 91  ALA A C   1 
ATOM   553  O O   . ALA A 1 91  ? 0.385   -14.710 -12.721 1.00 39.09 ? 91  ALA A O   1 
ATOM   554  C CB  . ALA A 1 91  ? 1.234   -12.537 -10.586 1.00 34.25 ? 91  ALA A CB  1 
ATOM   555  N N   . GLU A 1 92  ? -0.494  -15.272 -10.744 1.00 41.64 ? 92  GLU A N   1 
ATOM   556  C CA  . GLU A 1 92  ? -0.558  -16.714 -11.007 1.00 45.24 ? 92  GLU A CA  1 
ATOM   557  C C   . GLU A 1 92  ? -1.894  -17.060 -11.691 1.00 49.00 ? 92  GLU A C   1 
ATOM   558  O O   . GLU A 1 92  ? -2.022  -18.123 -12.266 1.00 53.69 ? 92  GLU A O   1 
ATOM   559  C CB  . GLU A 1 92  ? -0.449  -17.500 -9.699  1.00 44.49 ? 92  GLU A CB  1 
ATOM   560  C CG  . GLU A 1 92  ? 0.823   -17.273 -8.900  1.00 47.33 ? 92  GLU A CG  1 
ATOM   561  C CD  . GLU A 1 92  ? 0.702   -17.759 -7.461  1.00 48.90 ? 92  GLU A CD  1 
ATOM   562  O OE1 . GLU A 1 92  ? -0.392  -18.256 -7.098  1.00 51.00 ? 92  GLU A OE1 1 
ATOM   563  O OE2 . GLU A 1 92  ? 1.687   -17.636 -6.701  1.00 57.14 ? 92  GLU A OE2 1 
ATOM   564  N N   . ASN A 1 93  ? -2.889  -16.164 -11.600 1.00 57.13 ? 93  ASN A N   1 
ATOM   565  C CA  . ASN A 1 93  ? -4.286  -16.417 -12.046 1.00 56.83 ? 93  ASN A CA  1 
ATOM   566  C C   . ASN A 1 93  ? -4.792  -15.272 -12.915 1.00 61.23 ? 93  ASN A C   1 
ATOM   567  O O   . ASN A 1 93  ? -5.730  -14.566 -12.523 1.00 67.17 ? 93  ASN A O   1 
ATOM   568  C CB  . ASN A 1 93  ? -5.227  -16.595 -10.856 1.00 56.39 ? 93  ASN A CB  1 
ATOM   569  C CG  . ASN A 1 93  ? -4.779  -17.738 -9.979  1.00 60.37 ? 93  ASN A CG  1 
ATOM   570  O OD1 . ASN A 1 93  ? -4.506  -18.825 -10.481 1.00 63.56 ? 93  ASN A OD1 1 
ATOM   571  N ND2 . ASN A 1 93  ? -4.667  -17.495 -8.688  1.00 59.92 ? 93  ASN A ND2 1 
ATOM   572  N N   . PRO A 1 94  ? -4.208  -15.080 -14.125 1.00 63.87 ? 94  PRO A N   1 
ATOM   573  C CA  . PRO A 1 94  ? -4.663  -14.031 -15.051 1.00 62.06 ? 94  PRO A CA  1 
ATOM   574  C C   . PRO A 1 94  ? -6.181  -14.028 -15.335 1.00 57.51 ? 94  PRO A C   1 
ATOM   575  O O   . PRO A 1 94  ? -6.715  -15.004 -15.819 1.00 47.96 ? 94  PRO A O   1 
ATOM   576  C CB  . PRO A 1 94  ? -3.908  -14.364 -16.362 1.00 58.94 ? 94  PRO A CB  1 
ATOM   577  C CG  . PRO A 1 94  ? -3.353  -15.777 -16.161 1.00 61.97 ? 94  PRO A CG  1 
ATOM   578  C CD  . PRO A 1 94  ? -3.099  -15.887 -14.675 1.00 55.20 ? 94  PRO A CD  1 
ATOM   579  N N   . ALA A 1 95  ? -6.878  -12.927 -15.043 1.00 51.64 ? 95  ALA A N   1 
ATOM   580  C CA  . ALA A 1 95  ? -8.249  -12.772 -15.539 1.00 49.55 ? 95  ALA A CA  1 
ATOM   581  C C   . ALA A 1 95  ? -8.196  -12.715 -17.076 1.00 50.04 ? 95  ALA A C   1 
ATOM   582  O O   . ALA A 1 95  ? -7.173  -12.271 -17.623 1.00 45.53 ? 95  ALA A O   1 
ATOM   583  C CB  . ALA A 1 95  ? -8.891  -11.549 -14.907 1.00 47.45 ? 95  ALA A CB  1 
ATOM   584  N N   . ASP A 1 96  ? -9.232  -13.231 -17.774 1.00 50.70 ? 96  ASP A N   1 
ATOM   585  C CA  . ASP A 1 96  ? -9.276  -13.307 -19.277 1.00 50.47 ? 96  ASP A CA  1 
ATOM   586  C C   . ASP A 1 96  ? -9.960  -12.047 -19.804 1.00 56.84 ? 96  ASP A C   1 
ATOM   587  O O   . ASP A 1 96  ? -11.204 -12.017 -19.938 1.00 58.76 ? 96  ASP A O   1 
ATOM   588  C CB  . ASP A 1 96  ? -10.022 -14.541 -19.808 1.00 51.27 ? 96  ASP A CB  1 
ATOM   589  N N   . THR A 1 97  ? -9.148  -11.000 -20.048 1.00 61.72 ? 97  THR A N   1 
ATOM   590  C CA  . THR A 1 97  ? -9.655  -9.687  -20.441 1.00 51.78 ? 97  THR A CA  1 
ATOM   591  C C   . THR A 1 97  ? -8.732  -8.983  -21.450 1.00 50.55 ? 97  THR A C   1 
ATOM   592  O O   . THR A 1 97  ? -7.705  -9.499  -21.916 1.00 50.22 ? 97  THR A O   1 
ATOM   593  C CB  . THR A 1 97  ? -9.909  -8.788  -19.222 1.00 55.12 ? 97  THR A CB  1 
ATOM   594  O OG1 . THR A 1 97  ? -8.966  -9.055  -18.173 1.00 43.70 ? 97  THR A OG1 1 
ATOM   595  C CG2 . THR A 1 97  ? -11.332 -8.930  -18.729 1.00 54.20 ? 97  THR A CG2 1 
ATOM   596  N N   . ASP A 1 98  ? -9.138  -7.757  -21.795 1.00 43.16 ? 98  ASP A N   1 
ATOM   597  C CA  . ASP A 1 98  ? -8.316  -6.929  -22.552 1.00 35.84 ? 98  ASP A CA  1 
ATOM   598  C C   . ASP A 1 98  ? -7.275  -6.293  -21.626 1.00 35.33 ? 98  ASP A C   1 
ATOM   599  O O   . ASP A 1 98  ? -7.283  -6.477  -20.392 1.00 31.16 ? 98  ASP A O   1 
ATOM   600  C CB  . ASP A 1 98  ? -9.147  -5.893  -23.315 1.00 43.42 ? 98  ASP A CB  1 
ATOM   601  C CG  . ASP A 1 98  ? -10.148 -5.108  -22.499 1.00 41.63 ? 98  ASP A CG  1 
ATOM   602  O OD1 . ASP A 1 98  ? -9.874  -4.818  -21.345 1.00 33.01 ? 98  ASP A OD1 1 
ATOM   603  O OD2 . ASP A 1 98  ? -11.205 -4.775  -23.059 1.00 58.41 ? 98  ASP A OD2 1 
ATOM   604  N N   . ARG A 1 99  ? -6.368  -5.568  -22.269 1.00 34.11 ? 99  ARG A N   1 
ATOM   605  C CA  . ARG A 1 99  ? -5.223  -4.936  -21.626 1.00 33.88 ? 99  ARG A CA  1 
ATOM   606  C C   . ARG A 1 99  ? -5.707  -3.896  -20.605 1.00 27.25 ? 99  ARG A C   1 
ATOM   607  O O   . ARG A 1 99  ? -5.081  -3.780  -19.534 1.00 31.84 ? 99  ARG A O   1 
ATOM   608  C CB  . ARG A 1 99  ? -4.296  -4.377  -22.711 1.00 35.07 ? 99  ARG A CB  1 
ATOM   609  C CG  . ARG A 1 99  ? -4.867  -3.181  -23.450 1.00 39.53 ? 99  ARG A CG  1 
ATOM   610  C CD  . ARG A 1 99  ? -4.136  -2.823  -24.735 1.00 40.39 ? 99  ARG A CD  1 
ATOM   611  N NE  . ARG A 1 99  ? -4.633  -1.570  -25.280 1.00 43.21 ? 99  ARG A NE  1 
ATOM   612  C CZ  . ARG A 1 99  ? -4.174  -1.019  -26.394 1.00 46.29 ? 99  ARG A CZ  1 
ATOM   613  N NH1 . ARG A 1 99  ? -3.280  -1.678  -27.113 1.00 37.23 ? 99  ARG A NH1 1 
ATOM   614  N NH2 . ARG A 1 99  ? -4.602  0.178   -26.766 1.00 47.85 ? 99  ARG A NH2 1 
ATOM   615  N N   . GLU A 1 100 ? -6.794  -3.153  -20.882 1.00 25.77 ? 100 GLU A N   1 
ATOM   616  C CA  . GLU A 1 100 ? -7.247  -2.144  -19.976 1.00 28.79 ? 100 GLU A CA  1 
ATOM   617  C C   . GLU A 1 100 ? -7.713  -2.801  -18.674 1.00 30.04 ? 100 GLU A C   1 
ATOM   618  O O   . GLU A 1 100 ? -7.409  -2.359  -17.556 1.00 24.45 ? 100 GLU A O   1 
ATOM   619  C CB  . GLU A 1 100 ? -8.391  -1.342  -20.561 1.00 30.86 ? 100 GLU A CB  1 
ATOM   620  C CG  . GLU A 1 100 ? -9.011  -0.414  -19.562 1.00 35.93 ? 100 GLU A CG  1 
ATOM   621  C CD  . GLU A 1 100 ? -10.147 0.422   -20.102 1.00 46.53 ? 100 GLU A CD  1 
ATOM   622  O OE1 . GLU A 1 100 ? -10.064 0.821   -21.274 1.00 47.27 ? 100 GLU A OE1 1 
ATOM   623  O OE2 . GLU A 1 100 ? -11.114 0.658   -19.341 1.00 52.19 ? 100 GLU A OE2 1 
ATOM   624  N N   . ASN A 1 101 ? -8.512  -3.853  -18.835 1.00 26.63 ? 101 ASN A N   1 
ATOM   625  C CA  . ASN A 1 101 ? -9.035  -4.566  -17.680 1.00 29.05 ? 101 ASN A CA  1 
ATOM   626  C C   . ASN A 1 101 ? -7.934  -5.262  -16.871 1.00 23.12 ? 101 ASN A C   1 
ATOM   627  O O   . ASN A 1 101 ? -8.021  -5.366  -15.652 1.00 26.57 ? 101 ASN A O   1 
ATOM   628  C CB  . ASN A 1 101 ? -10.089 -5.567  -18.120 1.00 29.13 ? 101 ASN A CB  1 
ATOM   629  C CG  . ASN A 1 101 ? -11.095 -5.733  -17.022 1.00 36.14 ? 101 ASN A CG  1 
ATOM   630  O OD1 . ASN A 1 101 ? -11.771 -4.767  -16.664 1.00 38.63 ? 101 ASN A OD1 1 
ATOM   631  N ND2 . ASN A 1 101 ? -11.186 -6.957  -16.512 1.00 42.01 ? 101 ASN A ND2 1 
ATOM   632  N N   . MET A 1 102 ? -6.887  -5.747  -17.544 1.00 23.94 ? 102 MET A N   1 
ATOM   633  C CA  . MET A 1 102 ? -5.748  -6.401  -16.919 1.00 23.72 ? 102 MET A CA  1 
ATOM   634  C C   . MET A 1 102 ? -5.090  -5.409  -15.925 1.00 20.42 ? 102 MET A C   1 
ATOM   635  O O   . MET A 1 102 ? -4.811  -5.744  -14.759 1.00 23.64 ? 102 MET A O   1 
ATOM   636  C CB  . MET A 1 102 ? -4.713  -6.814  -17.979 1.00 25.66 ? 102 MET A CB  1 
ATOM   637  C CG  . MET A 1 102 ? -3.431  -7.390  -17.388 1.00 29.45 ? 102 MET A CG  1 
ATOM   638  S SD  . MET A 1 102 ? -2.184  -7.867  -18.658 1.00 36.50 ? 102 MET A SD  1 
ATOM   639  C CE  . MET A 1 102 ? -1.477  -6.280  -19.113 1.00 30.83 ? 102 MET A CE  1 
ATOM   640  N N   . TRP A 1 103 ? -4.812  -4.207  -16.423 1.00 21.52 ? 103 TRP A N   1 
ATOM   641  C CA  . TRP A 1 103 ? -4.177  -3.213  -15.540 1.00 19.97 ? 103 TRP A CA  1 
ATOM   642  C C   . TRP A 1 103 ? -5.149  -2.762  -14.437 1.00 19.51 ? 103 TRP A C   1 
ATOM   643  O O   . TRP A 1 103 ? -4.742  -2.547  -13.266 1.00 20.27 ? 103 TRP A O   1 
ATOM   644  C CB  . TRP A 1 103 ? -3.677  -2.031  -16.372 1.00 19.89 ? 103 TRP A CB  1 
ATOM   645  C CG  . TRP A 1 103 ? -2.477  -2.394  -17.193 1.00 20.80 ? 103 TRP A CG  1 
ATOM   646  C CD1 . TRP A 1 103 ? -2.440  -2.554  -18.541 1.00 21.61 ? 103 TRP A CD1 1 
ATOM   647  C CD2 . TRP A 1 103 ? -1.156  -2.718  -16.709 1.00 20.31 ? 103 TRP A CD2 1 
ATOM   648  N NE1 . TRP A 1 103 ? -1.169  -2.921  -18.932 1.00 20.80 ? 103 TRP A NE1 1 
ATOM   649  C CE2 . TRP A 1 103 ? -0.369  -3.026  -17.842 1.00 21.52 ? 103 TRP A CE2 1 
ATOM   650  C CE3 . TRP A 1 103 ? -0.569  -2.777  -15.444 1.00 22.39 ? 103 TRP A CE3 1 
ATOM   651  C CZ2 . TRP A 1 103 ? 0.967   -3.395  -17.749 1.00 21.57 ? 103 TRP A CZ2 1 
ATOM   652  C CZ3 . TRP A 1 103 ? 0.762   -3.162  -15.341 1.00 23.72 ? 103 TRP A CZ3 1 
ATOM   653  C CH2 . TRP A 1 103 ? 1.513   -3.440  -16.490 1.00 22.24 ? 103 TRP A CH2 1 
ATOM   654  N N   . ARG A 1 104 ? -6.411  -2.565  -14.771 1.00 19.97 ? 104 ARG A N   1 
ATOM   655  C CA  . ARG A 1 104 ? -7.384  -2.154  -13.789 1.00 18.77 ? 104 ARG A CA  1 
ATOM   656  C C   . ARG A 1 104 ? -7.451  -3.145  -12.636 1.00 18.88 ? 104 ARG A C   1 
ATOM   657  O O   . ARG A 1 104 ? -7.499  -2.750  -11.455 1.00 17.84 ? 104 ARG A O   1 
ATOM   658  C CB  . ARG A 1 104 ? -8.760  -1.992  -14.436 1.00 21.50 ? 104 ARG A CB  1 
ATOM   659  C CG  . ARG A 1 104 ? -9.844  -1.495  -13.500 1.00 22.33 ? 104 ARG A CG  1 
ATOM   660  C CD  . ARG A 1 104 ? -11.196 -1.356  -14.167 1.00 23.70 ? 104 ARG A CD  1 
ATOM   661  N NE  . ARG A 1 104 ? -11.183 -0.451  -15.327 1.00 26.87 ? 104 ARG A NE  1 
ATOM   662  C CZ  . ARG A 1 104 ? -11.321 0.872   -15.261 1.00 29.11 ? 104 ARG A CZ  1 
ATOM   663  N NH1 . ARG A 1 104 ? -11.598 1.474   -14.111 1.00 29.33 ? 104 ARG A NH1 1 
ATOM   664  N NH2 . ARG A 1 104 ? -11.196 1.583   -16.368 1.00 25.42 ? 104 ARG A NH2 1 
ATOM   665  N N   . THR A 1 105 ? -7.533  -4.440  -12.954 1.00 18.18 ? 105 THR A N   1 
ATOM   666  C CA  . THR A 1 105 ? -7.618  -5.443  -11.895 1.00 19.88 ? 105 THR A CA  1 
ATOM   667  C C   . THR A 1 105 ? -6.392  -5.363  -10.974 1.00 17.35 ? 105 THR A C   1 
ATOM   668  O O   . THR A 1 105 ? -6.480  -5.586  -9.742  1.00 19.45 ? 105 THR A O   1 
ATOM   669  C CB  . THR A 1 105 ? -7.846  -6.841  -12.521 1.00 21.73 ? 105 THR A CB  1 
ATOM   670  O OG1 . THR A 1 105 ? -9.008  -6.777  -13.338 1.00 21.59 ? 105 THR A OG1 1 
ATOM   671  C CG2 . THR A 1 105 ? -8.010  -7.926  -11.486 1.00 24.54 ? 105 THR A CG2 1 
ATOM   672  N N   . GLY A 1 106 ? -5.226  -5.101  -11.567 1.00 20.18 ? 106 GLY A N   1 
ATOM   673  C CA  . GLY A 1 106 ? -3.972  -4.983  -10.830 1.00 18.39 ? 106 GLY A CA  1 
ATOM   674  C C   . GLY A 1 106 ? -3.937  -3.776  -9.927  1.00 16.51 ? 106 GLY A C   1 
ATOM   675  O O   . GLY A 1 106 ? -3.674  -3.866  -8.730  1.00 18.01 ? 106 GLY A O   1 
ATOM   676  N N   . ILE A 1 107 ? -4.240  -2.606  -10.500 1.00 16.98 ? 107 ILE A N   1 
ATOM   677  C CA  . ILE A 1 107 ? -4.291  -1.376  -9.681  1.00 18.17 ? 107 ILE A CA  1 
ATOM   678  C C   . ILE A 1 107 ? -5.331  -1.536  -8.553  1.00 16.63 ? 107 ILE A C   1 
ATOM   679  O O   . ILE A 1 107 ? -5.114  -1.097  -7.420  1.00 18.32 ? 107 ILE A O   1 
ATOM   680  C CB  . ILE A 1 107 ? -4.580  -0.139  -10.557 1.00 17.23 ? 107 ILE A CB  1 
ATOM   681  C CG1 . ILE A 1 107 ? -3.468  0.032   -11.599 1.00 19.01 ? 107 ILE A CG1 1 
ATOM   682  C CG2 . ILE A 1 107 ? -4.777  1.056   -9.641  1.00 17.92 ? 107 ILE A CG2 1 
ATOM   683  C CD1 . ILE A 1 107 ? -3.756  1.023   -12.684 1.00 21.61 ? 107 ILE A CD1 1 
ATOM   684  N N   . ASN A 1 108 ? -6.426  -2.216  -8.851  1.00 17.08 ? 108 ASN A N   1 
ATOM   685  C CA  . ASN A 1 108 ? -7.523  -2.440  -7.898  1.00 18.13 ? 108 ASN A CA  1 
ATOM   686  C C   . ASN A 1 108 ? -7.080  -3.217  -6.655  1.00 17.22 ? 108 ASN A C   1 
ATOM   687  O O   . ASN A 1 108 ? -7.588  -2.988  -5.558  1.00 18.51 ? 108 ASN A O   1 
ATOM   688  C CB  . ASN A 1 108 ? -8.686  -3.179  -8.545  1.00 18.28 ? 108 ASN A CB  1 
ATOM   689  C CG  . ASN A 1 108 ? -9.886  -3.150  -7.618  1.00 18.53 ? 108 ASN A CG  1 
ATOM   690  O OD1 . ASN A 1 108 ? -10.380 -2.085  -7.226  1.00 18.05 ? 108 ASN A OD1 1 
ATOM   691  N ND2 . ASN A 1 108 ? -10.382 -4.329  -7.282  1.00 18.54 ? 108 ASN A ND2 1 
ATOM   692  N N   . VAL A 1 109 ? -6.071  -4.081  -6.775  1.00 18.98 ? 109 VAL A N   1 
ATOM   693  C CA  . VAL A 1 109 ? -5.536  -4.785  -5.597  1.00 20.44 ? 109 VAL A CA  1 
ATOM   694  C C   . VAL A 1 109 ? -5.061  -3.769  -4.545  1.00 18.99 ? 109 VAL A C   1 
ATOM   695  O O   . VAL A 1 109 ? -5.305  -3.902  -3.353  1.00 20.80 ? 109 VAL A O   1 
ATOM   696  C CB  . VAL A 1 109 ? -4.365  -5.697  -6.034  1.00 24.13 ? 109 VAL A CB  1 
ATOM   697  C CG1 . VAL A 1 109 ? -3.490  -6.092  -4.880  1.00 26.41 ? 109 VAL A CG1 1 
ATOM   698  C CG2 . VAL A 1 109 ? -4.878  -6.876  -6.839  1.00 24.89 ? 109 VAL A CG2 1 
ATOM   699  N N   . PHE A 1 110 ? -4.399  -2.712  -5.025  1.00 18.03 ? 110 PHE A N   1 
ATOM   700  C CA  . PHE A 1 110 ? -3.805  -1.655  -4.155  1.00 17.09 ? 110 PHE A CA  1 
ATOM   701  C C   . PHE A 1 110 ? -4.918  -0.712  -3.666  1.00 17.62 ? 110 PHE A C   1 
ATOM   702  O O   . PHE A 1 110 ? -4.949  -0.343  -2.489  1.00 18.71 ? 110 PHE A O   1 
ATOM   703  C CB  . PHE A 1 110 ? -2.678  -0.952  -4.903  1.00 20.29 ? 110 PHE A CB  1 
ATOM   704  C CG  . PHE A 1 110 ? -1.519  -1.883  -5.123  1.00 20.92 ? 110 PHE A CG  1 
ATOM   705  C CD1 . PHE A 1 110 ? -0.598  -2.101  -4.110  1.00 23.36 ? 110 PHE A CD1 1 
ATOM   706  C CD2 . PHE A 1 110 ? -1.476  -2.707  -6.233  1.00 19.80 ? 110 PHE A CD2 1 
ATOM   707  C CE1 . PHE A 1 110 ? 0.428   -3.024  -4.271  1.00 23.74 ? 110 PHE A CE1 1 
ATOM   708  C CE2 . PHE A 1 110 ? -0.461  -3.643  -6.373  1.00 22.00 ? 110 PHE A CE2 1 
ATOM   709  C CZ  . PHE A 1 110 ? 0.480   -3.814  -5.386  1.00 20.67 ? 110 PHE A CZ  1 
ATOM   710  N N   . PHE A 1 111 ? -5.817  -0.322  -4.568  1.00 17.48 ? 111 PHE A N   1 
ATOM   711  C CA  . PHE A 1 111 ? -7.004  0.500   -4.216  1.00 18.20 ? 111 PHE A CA  1 
ATOM   712  C C   . PHE A 1 111 ? -7.803  -0.152  -3.081  1.00 20.41 ? 111 PHE A C   1 
ATOM   713  O O   . PHE A 1 111 ? -8.065  0.486   -2.078  1.00 22.35 ? 111 PHE A O   1 
ATOM   714  C CB  . PHE A 1 111 ? -7.822  0.742   -5.478  1.00 17.85 ? 111 PHE A CB  1 
ATOM   715  C CG  . PHE A 1 111 ? -9.061  1.570   -5.280  1.00 18.41 ? 111 PHE A CG  1 
ATOM   716  C CD1 . PHE A 1 111 ? -8.995  2.925   -5.017  1.00 18.46 ? 111 PHE A CD1 1 
ATOM   717  C CD2 . PHE A 1 111 ? -10.296 0.984   -5.421  1.00 22.75 ? 111 PHE A CD2 1 
ATOM   718  C CE1 . PHE A 1 111 ? -10.178 3.666   -4.939  1.00 20.46 ? 111 PHE A CE1 1 
ATOM   719  C CE2 . PHE A 1 111 ? -11.465 1.726   -5.277  1.00 23.71 ? 111 PHE A CE2 1 
ATOM   720  C CZ  . PHE A 1 111 ? -11.393 3.062   -5.041  1.00 20.79 ? 111 PHE A CZ  1 
ATOM   721  N N   . GLU A 1 112 ? -8.130  -1.432  -3.229  1.00 18.76 ? 112 GLU A N   1 
ATOM   722  C CA  . GLU A 1 112 ? -8.926  -2.108  -2.231  1.00 20.36 ? 112 GLU A CA  1 
ATOM   723  C C   . GLU A 1 112 ? -8.129  -2.377  -0.951  1.00 19.74 ? 112 GLU A C   1 
ATOM   724  O O   . GLU A 1 112 ? -8.676  -2.218  0.160   1.00 20.68 ? 112 GLU A O   1 
ATOM   725  C CB  . GLU A 1 112 ? -9.502  -3.384  -2.845  1.00 22.76 ? 112 GLU A CB  1 
ATOM   726  C CG  . GLU A 1 112 ? -10.704 -3.085  -3.738  1.00 24.19 ? 112 GLU A CG  1 
ATOM   727  C CD  . GLU A 1 112 ? -11.890 -2.448  -3.018  1.00 27.04 ? 112 GLU A CD  1 
ATOM   728  O OE1 . GLU A 1 112 ? -12.064 -2.697  -1.800  1.00 29.40 ? 112 GLU A OE1 1 
ATOM   729  O OE2 . GLU A 1 112 ? -12.608 -1.678  -3.657  1.00 28.38 ? 112 GLU A OE2 1 
ATOM   730  N N   . THR A 1 113 ? -6.872  -2.834  -1.089  1.00 19.51 ? 113 THR A N   1 
ATOM   731  C CA  . THR A 1 113 ? -6.141  -3.235  0.093   1.00 19.78 ? 113 THR A CA  1 
ATOM   732  C C   . THR A 1 113 ? -5.858  -2.021  0.950   1.00 20.72 ? 113 THR A C   1 
ATOM   733  O O   . THR A 1 113 ? -6.182  -2.032  2.159   1.00 22.32 ? 113 THR A O   1 
ATOM   734  C CB  . THR A 1 113 ? -4.861  -4.049  -0.202  1.00 22.57 ? 113 THR A CB  1 
ATOM   735  O OG1 . THR A 1 113 ? -5.226  -5.158  -1.008  1.00 23.71 ? 113 THR A OG1 1 
ATOM   736  C CG2 . THR A 1 113 ? -4.158  -4.538  1.050   1.00 26.90 ? 113 THR A CG2 1 
ATOM   737  N N   . PHE A 1 114 ? -5.236  -0.982  0.388   1.00 19.69 ? 114 PHE A N   1 
ATOM   738  C CA  . PHE A 1 114 ? -4.872  0.178   1.181   1.00 18.59 ? 114 PHE A CA  1 
ATOM   739  C C   . PHE A 1 114 ? -6.159  0.907   1.580   1.00 19.70 ? 114 PHE A C   1 
ATOM   740  O O   . PHE A 1 114 ? -6.233  1.516   2.657   1.00 21.06 ? 114 PHE A O   1 
ATOM   741  C CB  . PHE A 1 114 ? -3.865  1.045   0.420   1.00 19.62 ? 114 PHE A CB  1 
ATOM   742  C CG  . PHE A 1 114 ? -2.476  0.454   0.417   1.00 22.45 ? 114 PHE A CG  1 
ATOM   743  C CD1 . PHE A 1 114 ? -1.655  0.572   1.535   1.00 22.83 ? 114 PHE A CD1 1 
ATOM   744  C CD2 . PHE A 1 114 ? -2.001  -0.228  -0.673  1.00 24.42 ? 114 PHE A CD2 1 
ATOM   745  C CE1 . PHE A 1 114 ? -0.397  -0.011  1.562   1.00 23.80 ? 114 PHE A CE1 1 
ATOM   746  C CE2 . PHE A 1 114 ? -0.737  -0.814  -0.649  1.00 24.77 ? 114 PHE A CE2 1 
ATOM   747  C CZ  . PHE A 1 114 ? 0.051   -0.727  0.470   1.00 23.71 ? 114 PHE A CZ  1 
ATOM   748  N N   . GLY A 1 115 ? -7.115  0.954   0.642   1.00 19.90 ? 115 GLY A N   1 
ATOM   749  C CA  . GLY A 1 115 ? -8.385  1.617   0.851   1.00 19.84 ? 115 GLY A CA  1 
ATOM   750  C C   . GLY A 1 115 ? -9.195  1.020   1.996   1.00 21.53 ? 115 GLY A C   1 
ATOM   751  O O   . GLY A 1 115 ? -10.060 1.737   2.589   1.00 22.98 ? 115 GLY A O   1 
ATOM   752  N N   . SER A 1 116 ? -8.948  -0.264  2.300   1.00 21.94 ? 116 SER A N   1 
ATOM   753  C CA  . SER A 1 116 ? -9.557  -0.955  3.448   1.00 24.25 ? 116 SER A CA  1 
ATOM   754  C C   . SER A 1 116 ? -8.841  -0.683  4.763   1.00 26.33 ? 116 SER A C   1 
ATOM   755  O O   . SER A 1 116 ? -9.348  -1.145  5.826   1.00 28.74 ? 116 SER A O   1 
ATOM   756  C CB  . SER A 1 116 ? -9.657  -2.403  3.180   1.00 24.72 ? 116 SER A CB  1 
ATOM   757  O OG  . SER A 1 116 ? -10.514 -2.586  2.098   1.00 28.35 ? 116 SER A OG  1 
ATOM   758  N N   . HIS A 1 117 ? -7.681  -0.033  4.704   1.00 24.17 ? 117 HIS A N   1 
ATOM   759  C CA  . HIS A 1 117 ? -6.865  0.281   5.846   1.00 25.51 ? 117 HIS A CA  1 
ATOM   760  C C   . HIS A 1 117 ? -6.350  1.721   5.769   1.00 22.37 ? 117 HIS A C   1 
ATOM   761  O O   . HIS A 1 117 ? -5.153  1.971   5.884   1.00 22.16 ? 117 HIS A O   1 
ATOM   762  C CB  . HIS A 1 117 ? -5.716  -0.753  5.967   1.00 24.40 ? 117 HIS A CB  1 
ATOM   763  C CG  . HIS A 1 117 ? -6.214  -2.126  6.201   1.00 25.45 ? 117 HIS A CG  1 
ATOM   764  N ND1 . HIS A 1 117 ? -6.499  -2.981  5.175   1.00 26.83 ? 117 HIS A ND1 1 
ATOM   765  C CD2 . HIS A 1 117 ? -6.604  -2.763  7.334   1.00 23.21 ? 117 HIS A CD2 1 
ATOM   766  C CE1 . HIS A 1 117 ? -7.068  -4.074  5.656   1.00 27.68 ? 117 HIS A CE1 1 
ATOM   767  N NE2 . HIS A 1 117 ? -7.082  -3.979  6.981   1.00 31.98 ? 117 HIS A NE2 1 
ATOM   768  N N   . LYS A 1 118 ? -7.261  2.701   5.668   1.00 23.01 ? 118 LYS A N   1 
ATOM   769  C CA  . LYS A 1 118 ? -6.851  4.071   5.382   1.00 22.61 ? 118 LYS A CA  1 
ATOM   770  C C   . LYS A 1 118 ? -6.053  4.686   6.530   1.00 23.02 ? 118 LYS A C   1 
ATOM   771  O O   . LYS A 1 118 ? -5.106  5.423   6.294   1.00 24.71 ? 118 LYS A O   1 
ATOM   772  C CB  . LYS A 1 118 ? -8.065  4.955   5.087   1.00 23.03 ? 118 LYS A CB  1 
ATOM   773  C CG  . LYS A 1 118 ? -8.680  4.667   3.736   1.00 25.46 ? 118 LYS A CG  1 
ATOM   774  C CD  . LYS A 1 118 ? -9.914  5.466   3.433   1.00 27.01 ? 118 LYS A CD  1 
ATOM   775  C CE  . LYS A 1 118 ? -10.715 4.856   2.298   1.00 31.31 ? 118 LYS A CE  1 
ATOM   776  N NZ  . LYS A 1 118 ? -11.881 5.712   1.964   1.00 42.93 ? 118 LYS A NZ  1 
ATOM   777  N N   . ALA A 1 119 ? -6.425  4.331   7.775   1.00 23.74 ? 119 ALA A N   1 
ATOM   778  C CA  . ALA A 1 119 ? -5.735  4.934   8.939   1.00 25.88 ? 119 ALA A CA  1 
ATOM   779  C C   . ALA A 1 119 ? -4.300  4.413   9.005   1.00 22.08 ? 119 ALA A C   1 
ATOM   780  O O   . ALA A 1 119 ? -3.381  5.192   9.171   1.00 26.31 ? 119 ALA A O   1 
ATOM   781  C CB  . ALA A 1 119 ? -6.505  4.662   10.199  1.00 25.81 ? 119 ALA A CB  1 
ATOM   782  N N   . VAL A 1 120 ? -4.116  3.125   8.808   1.00 23.23 ? 120 VAL A N   1 
ATOM   783  C CA  . VAL A 1 120 ? -2.760  2.547   8.795   1.00 22.67 ? 120 VAL A CA  1 
ATOM   784  C C   . VAL A 1 120 ? -1.963  3.149   7.623   1.00 24.17 ? 120 VAL A C   1 
ATOM   785  O O   . VAL A 1 120 ? -0.761  3.472   7.705   1.00 27.48 ? 120 VAL A O   1 
ATOM   786  C CB  . VAL A 1 120 ? -2.803  1.008   8.737   1.00 24.59 ? 120 VAL A CB  1 
ATOM   787  C CG1 . VAL A 1 120 ? -1.420  0.431   8.489   1.00 25.13 ? 120 VAL A CG1 1 
ATOM   788  C CG2 . VAL A 1 120 ? -3.414  0.401   10.004  1.00 26.02 ? 120 VAL A CG2 1 
ATOM   789  N N   . THR A 1 121 ? -2.608  3.252   6.464   1.00 25.21 ? 121 THR A N   1 
ATOM   790  C CA  . THR A 1 121 ? -1.927  3.831   5.291   1.00 24.70 ? 121 THR A CA  1 
ATOM   791  C C   . THR A 1 121 ? -1.447  5.248   5.608   1.00 25.00 ? 121 THR A C   1 
ATOM   792  O O   . THR A 1 121 ? -0.301  5.626   5.340   1.00 24.90 ? 121 THR A O   1 
ATOM   793  C CB  . THR A 1 121 ? -2.876  3.873   4.088   1.00 24.00 ? 121 THR A CB  1 
ATOM   794  O OG1 . THR A 1 121 ? -3.275  2.547   3.762   1.00 24.00 ? 121 THR A OG1 1 
ATOM   795  C CG2 . THR A 1 121 ? -2.253  4.543   2.877   1.00 26.49 ? 121 THR A CG2 1 
ATOM   796  N N   . ARG A 1 122 ? -2.359  6.073   6.118   1.00 24.85 ? 122 ARG A N   1 
ATOM   797  C CA  . ARG A 1 122 ? -2.067  7.453   6.404   1.00 27.21 ? 122 ARG A CA  1 
ATOM   798  C C   . ARG A 1 122 ? -0.901  7.535   7.414   1.00 25.23 ? 122 ARG A C   1 
ATOM   799  O O   . ARG A 1 122 ? 0.059   8.209   7.167   1.00 27.84 ? 122 ARG A O   1 
ATOM   800  C CB  . ARG A 1 122 ? -3.320  8.153   6.941   1.00 32.64 ? 122 ARG A CB  1 
ATOM   801  C CG  . ARG A 1 122 ? -3.067  9.574   7.432   1.00 38.93 ? 122 ARG A CG  1 
ATOM   802  C CD  . ARG A 1 122 ? -4.190  10.127  8.308   1.00 47.23 ? 122 ARG A CD  1 
ATOM   803  N NE  . ARG A 1 122 ? -4.430  9.311   9.498   1.00 58.09 ? 122 ARG A NE  1 
ATOM   804  C CZ  . ARG A 1 122 ? -5.441  9.472   10.343  1.00 57.90 ? 122 ARG A CZ  1 
ATOM   805  N NH1 . ARG A 1 122 ? -5.842  10.684  10.695  1.00 66.61 ? 122 ARG A NH1 1 
ATOM   806  N NH2 . ARG A 1 122 ? -6.053  8.404   10.818  1.00 55.52 ? 122 ARG A NH2 1 
ATOM   807  N N   . ALA A 1 123 ? -1.010  6.818   8.546   1.00 28.27 ? 123 ALA A N   1 
ATOM   808  C CA  . ALA A 1 123 ? 0.006   6.865   9.620   1.00 26.54 ? 123 ALA A CA  1 
ATOM   809  C C   . ALA A 1 123 ? 1.351   6.329   9.116   1.00 25.90 ? 123 ALA A C   1 
ATOM   810  O O   . ALA A 1 123 ? 2.447   6.891   9.412   1.00 28.15 ? 123 ALA A O   1 
ATOM   811  C CB  . ALA A 1 123 ? -0.485  6.089   10.817  1.00 29.41 ? 123 ALA A CB  1 
ATOM   812  N N   . GLY A 1 124 ? 1.290   5.252   8.316   1.00 24.01 ? 124 GLY A N   1 
ATOM   813  C CA  . GLY A 1 124 ? 2.490   4.615   7.759   1.00 23.34 ? 124 GLY A CA  1 
ATOM   814  C C   . GLY A 1 124 ? 3.214   5.488   6.760   1.00 26.52 ? 124 GLY A C   1 
ATOM   815  O O   . GLY A 1 124 ? 4.453   5.535   6.741   1.00 27.31 ? 124 GLY A O   1 
ATOM   816  N N   . GLN A 1 125 ? 2.466   6.242   5.937   1.00 25.92 ? 125 GLN A N   1 
ATOM   817  C CA  . GLN A 1 125 ? 3.111   7.182   5.024   1.00 30.76 ? 125 GLN A CA  1 
ATOM   818  C C   . GLN A 1 125 ? 3.795   8.291   5.834   1.00 30.98 ? 125 GLN A C   1 
ATOM   819  O O   . GLN A 1 125 ? 4.941   8.582   5.596   1.00 33.64 ? 125 GLN A O   1 
ATOM   820  C CB  . GLN A 1 125 ? 2.142   7.774   4.004   1.00 33.36 ? 125 GLN A CB  1 
ATOM   821  C CG  . GLN A 1 125 ? 1.677   6.770   2.961   1.00 37.62 ? 125 GLN A CG  1 
ATOM   822  C CD  . GLN A 1 125 ? 2.787   6.100   2.174   1.00 44.77 ? 125 GLN A CD  1 
ATOM   823  O OE1 . GLN A 1 125 ? 3.611   6.727   1.537   1.00 45.52 ? 125 GLN A OE1 1 
ATOM   824  N NE2 . GLN A 1 125 ? 2.825   4.785   2.229   1.00 51.29 ? 125 GLN A NE2 1 
ATOM   825  N N   . ALA A 1 126 ? 3.088   8.886   6.789   1.00 30.03 ? 126 ALA A N   1 
ATOM   826  C CA  . ALA A 1 126 ? 3.691   9.908   7.625   1.00 31.05 ? 126 ALA A CA  1 
ATOM   827  C C   . ALA A 1 126 ? 4.962   9.370   8.312   1.00 33.35 ? 126 ALA A C   1 
ATOM   828  O O   . ALA A 1 126 ? 5.956   10.077  8.390   1.00 38.29 ? 126 ALA A O   1 
ATOM   829  C CB  . ALA A 1 126 ? 2.685   10.390  8.629   1.00 34.31 ? 126 ALA A CB  1 
ATOM   830  N N   . ALA A 1 127 ? 4.944   8.110   8.774   1.00 33.63 ? 127 ALA A N   1 
ATOM   831  C CA  . ALA A 1 127 ? 6.075   7.554   9.594   1.00 31.28 ? 127 ALA A CA  1 
ATOM   832  C C   . ALA A 1 127 ? 7.341   7.410   8.754   1.00 38.71 ? 127 ALA A C   1 
ATOM   833  O O   . ALA A 1 127 ? 8.426   7.239   9.307   1.00 35.23 ? 127 ALA A O   1 
ATOM   834  C CB  . ALA A 1 127 ? 5.710   6.242   10.206  1.00 31.43 ? 127 ALA A CB  1 
ATOM   835  N N   . ARG A 1 128 ? 7.229   7.496   7.418   1.00 33.29 ? 128 ARG A N   1 
ATOM   836  C CA  . ARG A 1 128 ? 8.408   7.385   6.569   1.00 34.19 ? 128 ARG A CA  1 
ATOM   837  C C   . ARG A 1 128 ? 9.428   8.468   6.910   1.00 41.93 ? 128 ARG A C   1 
ATOM   838  O O   . ARG A 1 128 ? 10.643  8.219   6.789   1.00 41.72 ? 128 ARG A O   1 
ATOM   839  C CB  . ARG A 1 128 ? 8.053   7.531   5.098   1.00 35.32 ? 128 ARG A CB  1 
ATOM   840  C CG  . ARG A 1 128 ? 7.400   6.287   4.546   1.00 35.17 ? 128 ARG A CG  1 
ATOM   841  C CD  . ARG A 1 128 ? 6.720   6.560   3.231   1.00 40.16 ? 128 ARG A CD  1 
ATOM   842  N NE  . ARG A 1 128 ? 7.678   6.534   2.143   1.00 42.70 ? 128 ARG A NE  1 
ATOM   843  C CZ  . ARG A 1 128 ? 7.352   6.753   0.883   1.00 46.17 ? 128 ARG A CZ  1 
ATOM   844  N NH1 . ARG A 1 128 ? 6.105   7.078   0.582   1.00 35.73 ? 128 ARG A NH1 1 
ATOM   845  N NH2 . ARG A 1 128 ? 8.284   6.667   -0.047  1.00 48.46 ? 128 ARG A NH2 1 
ATOM   846  N N   . ALA A 1 129 ? 8.944   9.646   7.321   1.00 41.05 ? 129 ALA A N   1 
ATOM   847  C CA  . ALA A 1 129 ? 9.800   10.800  7.568   1.00 43.52 ? 129 ALA A CA  1 
ATOM   848  C C   . ALA A 1 129 ? 10.697  10.532  8.787   1.00 45.49 ? 129 ALA A C   1 
ATOM   849  O O   . ALA A 1 129 ? 11.790  11.049  8.900   1.00 54.26 ? 129 ALA A O   1 
ATOM   850  C CB  . ALA A 1 129 ? 8.947   12.029  7.776   1.00 41.66 ? 129 ALA A CB  1 
ATOM   851  N N   . THR A 1 130 ? 10.229  9.626   9.635   1.00 46.21 ? 130 THR A N   1 
ATOM   852  C CA  . THR A 1 130 ? 10.502  9.570   11.015  1.00 45.86 ? 130 THR A CA  1 
ATOM   853  C C   . THR A 1 130 ? 11.221  8.253   11.361  1.00 48.20 ? 130 THR A C   1 
ATOM   854  O O   . THR A 1 130 ? 11.977  8.163   12.335  1.00 48.15 ? 130 THR A O   1 
ATOM   855  C CB  . THR A 1 130 ? 9.132   9.847   11.640  1.00 47.08 ? 130 THR A CB  1 
ATOM   856  O OG1 . THR A 1 130 ? 9.226   11.207  12.057  1.00 49.37 ? 130 THR A OG1 1 
ATOM   857  C CG2 . THR A 1 130 ? 8.740   8.905   12.745  1.00 47.41 ? 130 THR A CG2 1 
ATOM   858  N N   . SER A 1 131 ? 10.999  7.216   10.552  1.00 38.68 ? 131 SER A N   1 
ATOM   859  C CA  . SER A 1 131 ? 11.331  5.856   10.891  1.00 36.38 ? 131 SER A CA  1 
ATOM   860  C C   . SER A 1 131 ? 12.088  5.220   9.726   1.00 42.25 ? 131 SER A C   1 
ATOM   861  O O   . SER A 1 131 ? 11.552  5.143   8.621   1.00 33.32 ? 131 SER A O   1 
ATOM   862  C CB  . SER A 1 131 ? 10.091  5.074   11.216  1.00 37.00 ? 131 SER A CB  1 
ATOM   863  O OG  . SER A 1 131 ? 10.388  3.701   11.330  1.00 32.73 ? 131 SER A OG  1 
ATOM   864  N N   . VAL A 1 132 ? 13.350  4.819   9.960   1.00 39.15 ? 132 VAL A N   1 
ATOM   865  C CA  . VAL A 1 132 ? 14.130  4.199   8.912   1.00 37.19 ? 132 VAL A CA  1 
ATOM   866  C C   . VAL A 1 132 ? 13.495  2.851   8.560   1.00 34.40 ? 132 VAL A C   1 
ATOM   867  O O   . VAL A 1 132 ? 13.498  2.482   7.407   1.00 31.33 ? 132 VAL A O   1 
ATOM   868  C CB  . VAL A 1 132 ? 15.620  4.030   9.283   1.00 40.43 ? 132 VAL A CB  1 
ATOM   869  C CG1 . VAL A 1 132 ? 16.364  3.188   8.255   1.00 41.73 ? 132 VAL A CG1 1 
ATOM   870  C CG2 . VAL A 1 132 ? 16.295  5.373   9.428   1.00 44.04 ? 132 VAL A CG2 1 
ATOM   871  N N   . GLU A 1 133 ? 12.946  2.124   9.538   1.00 30.99 ? 133 GLU A N   1 
ATOM   872  C CA  . GLU A 1 133 ? 12.375  0.828   9.229   1.00 31.71 ? 133 GLU A CA  1 
ATOM   873  C C   . GLU A 1 133 ? 11.111  0.968   8.366   1.00 27.41 ? 133 GLU A C   1 
ATOM   874  O O   . GLU A 1 133 ? 10.878  0.134   7.489   1.00 30.17 ? 133 GLU A O   1 
ATOM   875  C CB  . GLU A 1 133 ? 11.990  0.023   10.459  1.00 36.86 ? 133 GLU A CB  1 
ATOM   876  C CG  . GLU A 1 133 ? 13.187  -0.462  11.231  1.00 43.88 ? 133 GLU A CG  1 
ATOM   877  C CD  . GLU A 1 133 ? 13.191  0.219   12.574  1.00 49.69 ? 133 GLU A CD  1 
ATOM   878  O OE1 . GLU A 1 133 ? 12.981  -0.508  13.551  1.00 59.62 ? 133 GLU A OE1 1 
ATOM   879  O OE2 . GLU A 1 133 ? 13.299  1.492   12.611  1.00 55.74 ? 133 GLU A OE2 1 
ATOM   880  N N   . VAL A 1 134 ? 10.274  1.960   8.680   1.00 31.48 ? 134 VAL A N   1 
ATOM   881  C CA  . VAL A 1 134 ? 9.071   2.160   7.832   1.00 27.74 ? 134 VAL A CA  1 
ATOM   882  C C   . VAL A 1 134 ? 9.493   2.586   6.428   1.00 29.28 ? 134 VAL A C   1 
ATOM   883  O O   . VAL A 1 134 ? 8.981   2.071   5.448   1.00 25.78 ? 134 VAL A O   1 
ATOM   884  C CB  . VAL A 1 134 ? 8.108   3.162   8.465   1.00 31.59 ? 134 VAL A CB  1 
ATOM   885  C CG1 . VAL A 1 134 ? 7.062   3.626   7.464   1.00 28.39 ? 134 VAL A CG1 1 
ATOM   886  C CG2 . VAL A 1 134 ? 7.488   2.570   9.725   1.00 31.01 ? 134 VAL A CG2 1 
ATOM   887  N N   . ALA A 1 135 ? 10.448  3.518   6.333   1.00 29.14 ? 135 ALA A N   1 
ATOM   888  C CA  . ALA A 1 135 ? 10.999  3.958   5.033   1.00 29.27 ? 135 ALA A CA  1 
ATOM   889  C C   . ALA A 1 135 ? 11.546  2.765   4.237   1.00 30.20 ? 135 ALA A C   1 
ATOM   890  O O   . ALA A 1 135 ? 11.283  2.631   3.040   1.00 28.05 ? 135 ALA A O   1 
ATOM   891  C CB  . ALA A 1 135 ? 12.036  5.040   5.221   1.00 30.98 ? 135 ALA A CB  1 
ATOM   892  N N   . GLU A 1 136 ? 12.277  1.857   4.893   1.00 27.09 ? 136 GLU A N   1 
ATOM   893  C CA  . GLU A 1 136 ? 12.858  0.728   4.196   1.00 25.23 ? 136 GLU A CA  1 
ATOM   894  C C   . GLU A 1 136 ? 11.772  -0.256  3.789   1.00 23.41 ? 136 GLU A C   1 
ATOM   895  O O   . GLU A 1 136 ? 11.910  -0.865  2.753   1.00 23.98 ? 136 GLU A O   1 
ATOM   896  C CB  . GLU A 1 136 ? 13.942  0.044   5.036   1.00 29.92 ? 136 GLU A CB  1 
ATOM   897  C CG  . GLU A 1 136 ? 15.151  0.958   5.216   1.00 38.39 ? 136 GLU A CG  1 
ATOM   898  C CD  . GLU A 1 136 ? 16.311  0.396   6.032   1.00 47.62 ? 136 GLU A CD  1 
ATOM   899  O OE1 . GLU A 1 136 ? 16.120  -0.662  6.675   1.00 47.51 ? 136 GLU A OE1 1 
ATOM   900  O OE2 . GLU A 1 136 ? 17.410  1.037   6.027   1.00 48.35 ? 136 GLU A OE2 1 
ATOM   901  N N   . LEU A 1 137 ? 10.724  -0.418  4.611   1.00 23.95 ? 137 LEU A N   1 
ATOM   902  C CA  . LEU A 1 137 ? 9.652   -1.379  4.302   1.00 23.16 ? 137 LEU A CA  1 
ATOM   903  C C   . LEU A 1 137 ? 8.951   -0.907  3.032   1.00 21.81 ? 137 LEU A C   1 
ATOM   904  O O   . LEU A 1 137 ? 8.777   -1.678  2.101   1.00 21.20 ? 137 LEU A O   1 
ATOM   905  C CB  . LEU A 1 137 ? 8.653   -1.465  5.474   1.00 25.30 ? 137 LEU A CB  1 
ATOM   906  C CG  . LEU A 1 137 ? 7.404   -2.314  5.250   1.00 28.49 ? 137 LEU A CG  1 
ATOM   907  C CD1 . LEU A 1 137 ? 7.727   -3.760  4.982   1.00 28.74 ? 137 LEU A CD1 1 
ATOM   908  C CD2 . LEU A 1 137 ? 6.476   -2.270  6.456   1.00 30.97 ? 137 LEU A CD2 1 
ATOM   909  N N   A TRP A 1 138 ? 8.582   0.366   3.043   0.67 23.20 ? 138 TRP A N   1 
ATOM   910  N N   B TRP A 1 138 ? 8.501   0.355   3.025   0.33 21.33 ? 138 TRP A N   1 
ATOM   911  C CA  A TRP A 1 138 ? 7.934   0.967   1.906   0.67 23.06 ? 138 TRP A CA  1 
ATOM   912  C CA  B TRP A 1 138 ? 7.889   0.948   1.816   0.33 20.22 ? 138 TRP A CA  1 
ATOM   913  C C   A TRP A 1 138 ? 8.812   0.830   0.644   0.67 23.36 ? 138 TRP A C   1 
ATOM   914  C C   B TRP A 1 138 ? 8.827   0.757   0.617   0.33 21.54 ? 138 TRP A C   1 
ATOM   915  O O   A TRP A 1 138 ? 8.357   0.368   -0.437  0.67 21.29 ? 138 TRP A O   1 
ATOM   916  O O   B TRP A 1 138 ? 8.408   0.265   -0.446  0.33 20.44 ? 138 TRP A O   1 
ATOM   917  C CB  A TRP A 1 138 ? 7.543   2.411   2.221   0.67 25.55 ? 138 TRP A CB  1 
ATOM   918  C CB  B TRP A 1 138 ? 7.576   2.435   1.977   0.33 19.77 ? 138 TRP A CB  1 
ATOM   919  C CG  A TRP A 1 138 ? 6.632   2.865   1.144   0.67 27.32 ? 138 TRP A CG  1 
ATOM   920  C CG  B TRP A 1 138 ? 6.382   2.823   2.786   0.33 17.85 ? 138 TRP A CG  1 
ATOM   921  C CD1 A TRP A 1 138 ? 6.903   3.690   0.093   0.67 27.64 ? 138 TRP A CD1 1 
ATOM   922  C CD1 B TRP A 1 138 ? 6.422   3.525   3.949   0.33 19.02 ? 138 TRP A CD1 1 
ATOM   923  C CD2 A TRP A 1 138 ? 5.303   2.362   0.945   0.67 28.11 ? 138 TRP A CD2 1 
ATOM   924  C CD2 B TRP A 1 138 ? 4.986   2.692   2.457   0.33 17.00 ? 138 TRP A CD2 1 
ATOM   925  N NE1 A TRP A 1 138 ? 5.802   3.779   -0.715  0.67 24.28 ? 138 TRP A NE1 1 
ATOM   926  N NE1 B TRP A 1 138 ? 5.162   3.813   4.386   0.33 18.19 ? 138 TRP A NE1 1 
ATOM   927  C CE2 A TRP A 1 138 ? 4.819   2.956   -0.236  0.67 27.19 ? 138 TRP A CE2 1 
ATOM   928  C CE2 B TRP A 1 138 ? 4.259   3.290   3.507   0.33 17.49 ? 138 TRP A CE2 1 
ATOM   929  C CE3 A TRP A 1 138 ? 4.481   1.480   1.658   0.67 27.17 ? 138 TRP A CE3 1 
ATOM   930  C CE3 B TRP A 1 138 ? 4.273   2.078   1.424   0.33 18.19 ? 138 TRP A CE3 1 
ATOM   931  C CZ2 A TRP A 1 138 ? 3.533   2.698   -0.712  0.67 26.75 ? 138 TRP A CZ2 1 
ATOM   932  C CZ2 B TRP A 1 138 ? 2.868   3.315   3.538   0.33 18.49 ? 138 TRP A CZ2 1 
ATOM   933  C CZ3 A TRP A 1 138 ? 3.209   1.237   1.197   0.67 29.22 ? 138 TRP A CZ3 1 
ATOM   934  C CZ3 B TRP A 1 138 ? 2.896   2.113   1.451   0.33 18.05 ? 138 TRP A CZ3 1 
ATOM   935  C CH2 A TRP A 1 138 ? 2.746   1.836   0.024   0.67 26.72 ? 138 TRP A CH2 1 
ATOM   936  C CH2 B TRP A 1 138 ? 2.202   2.707   2.501   0.33 17.27 ? 138 TRP A CH2 1 
ATOM   937  N N   . SER A 1 139 ? 10.095  1.155   0.780   1.00 21.59 ? 139 SER A N   1 
ATOM   938  C CA  . SER A 1 139 ? 11.046  1.117   -0.307  1.00 22.47 ? 139 SER A CA  1 
ATOM   939  C C   . SER A 1 139 ? 11.179  -0.300  -0.885  1.00 20.41 ? 139 SER A C   1 
ATOM   940  O O   . SER A 1 139 ? 11.162  -0.527  -2.106  1.00 21.18 ? 139 SER A O   1 
ATOM   941  C CB  . SER A 1 139 ? 12.372  1.681   0.155   0.66 19.99 ? 139 SER A CB  1 
ATOM   942  O OG  . SER A 1 139 ? 13.345  1.471   -0.837  1.00 26.10 ? 139 SER A OG  1 
ATOM   943  N N   . THR A 1 140 ? 11.328  -1.313  -0.007  1.00 21.00 ? 140 THR A N   1 
ATOM   944  C CA  . THR A 1 140 ? 11.458  -2.677  -0.455  1.00 20.75 ? 140 THR A CA  1 
ATOM   945  C C   . THR A 1 140 ? 10.286  -3.108  -1.356  1.00 20.93 ? 140 THR A C   1 
ATOM   946  O O   . THR A 1 140 ? 10.455  -3.760  -2.388  1.00 19.75 ? 140 THR A O   1 
ATOM   947  C CB  . THR A 1 140 ? 11.533  -3.620  0.763   1.00 25.04 ? 140 THR A CB  1 
ATOM   948  O OG1 . THR A 1 140 ? 12.736  -3.318  1.458   1.00 31.60 ? 140 THR A OG1 1 
ATOM   949  C CG2 . THR A 1 140 ? 11.505  -5.070  0.396   1.00 28.00 ? 140 THR A CG2 1 
ATOM   950  N N   . PHE A 1 141 ? 9.052   -2.867  -0.882  1.00 19.13 ? 141 PHE A N   1 
ATOM   951  C CA  . PHE A 1 141 ? 7.898   -3.336  -1.621  1.00 19.00 ? 141 PHE A CA  1 
ATOM   952  C C   . PHE A 1 141 ? 7.691   -2.502  -2.895  1.00 18.35 ? 141 PHE A C   1 
ATOM   953  O O   . PHE A 1 141 ? 7.313   -3.037  -3.881  1.00 17.94 ? 141 PHE A O   1 
ATOM   954  C CB  . PHE A 1 141 ? 6.670   -3.358  -0.713  1.00 21.20 ? 141 PHE A CB  1 
ATOM   955  C CG  . PHE A 1 141 ? 6.648   -4.635  0.102   1.00 21.35 ? 141 PHE A CG  1 
ATOM   956  C CD1 . PHE A 1 141 ? 6.102   -5.786  -0.444  1.00 23.14 ? 141 PHE A CD1 1 
ATOM   957  C CD2 . PHE A 1 141 ? 7.294   -4.718  1.315   1.00 24.60 ? 141 PHE A CD2 1 
ATOM   958  C CE1 . PHE A 1 141 ? 6.088   -6.975  0.266   1.00 23.41 ? 141 PHE A CE1 1 
ATOM   959  C CE2 . PHE A 1 141 ? 7.314   -5.929  2.012   1.00 24.45 ? 141 PHE A CE2 1 
ATOM   960  C CZ  . PHE A 1 141 ? 6.711   -7.044  1.484   1.00 24.10 ? 141 PHE A CZ  1 
ATOM   961  N N   . MET A 1 142 ? 7.911   -1.195  -2.837  1.00 18.16 ? 142 MET A N   1 
ATOM   962  C CA  . MET A 1 142 ? 7.821   -0.363  -4.062  1.00 20.46 ? 142 MET A CA  1 
ATOM   963  C C   . MET A 1 142 ? 8.800   -0.892  -5.143  1.00 21.34 ? 142 MET A C   1 
ATOM   964  O O   . MET A 1 142 ? 8.459   -1.025  -6.321  1.00 17.75 ? 142 MET A O   1 
ATOM   965  C CB  . MET A 1 142 ? 8.126   1.107   -3.732  1.00 23.11 ? 142 MET A CB  1 
ATOM   966  C CG  . MET A 1 142 ? 7.062   1.804   -2.930  1.00 25.73 ? 142 MET A CG  1 
ATOM   967  S SD  . MET A 1 142 ? 5.505   1.946   -3.832  1.00 31.07 ? 142 MET A SD  1 
ATOM   968  C CE  . MET A 1 142 ? 5.906   3.164   -5.089  1.00 25.47 ? 142 MET A CE  1 
ATOM   969  N N   . GLN A 1 143 ? 10.013  -1.264  -4.737  1.00 19.21 ? 143 GLN A N   1 
ATOM   970  C CA  . GLN A 1 143 ? 10.972  -1.773  -5.691  1.00 19.66 ? 143 GLN A CA  1 
ATOM   971  C C   . GLN A 1 143 ? 10.421  -3.074  -6.328  1.00 17.48 ? 143 GLN A C   1 
ATOM   972  O O   . GLN A 1 143 ? 10.458  -3.257  -7.518  1.00 18.65 ? 143 GLN A O   1 
ATOM   973  C CB  . GLN A 1 143 ? 12.325  -2.017  -5.028  1.00 21.20 ? 143 GLN A CB  1 
ATOM   974  C CG  . GLN A 1 143 ? 13.048  -0.753  -4.615  1.00 25.92 ? 143 GLN A CG  1 
ATOM   975  C CD  . GLN A 1 143 ? 14.349  -1.135  -3.938  1.00 35.39 ? 143 GLN A CD  1 
ATOM   976  O OE1 . GLN A 1 143 ? 15.219  -1.730  -4.550  1.00 38.35 ? 143 GLN A OE1 1 
ATOM   977  N NE2 . GLN A 1 143 ? 14.480  -0.806  -2.663  1.00 36.65 ? 143 GLN A NE2 1 
ATOM   978  N N   . LYS A 1 144 ? 9.812   -3.932  -5.504  1.00 18.04 ? 144 LYS A N   1 
ATOM   979  C CA  . LYS A 1 144 ? 9.250   -5.173  -5.989  1.00 17.89 ? 144 LYS A CA  1 
ATOM   980  C C   . LYS A 1 144 ? 8.096   -4.947  -6.957  1.00 16.32 ? 144 LYS A C   1 
ATOM   981  O O   . LYS A 1 144 ? 8.000   -5.569  -7.994  1.00 16.57 ? 144 LYS A O   1 
ATOM   982  C CB  . LYS A 1 144 ? 8.707   -6.019  -4.840  1.00 19.69 ? 144 LYS A CB  1 
ATOM   983  C CG  . LYS A 1 144 ? 8.285   -7.426  -5.227  1.00 25.36 ? 144 LYS A CG  1 
ATOM   984  C CD  . LYS A 1 144 ? 7.900   -8.264  -3.971  1.00 28.59 ? 144 LYS A CD  1 
ATOM   985  C CE  . LYS A 1 144 ? 7.436   -9.659  -4.319  1.00 31.08 ? 144 LYS A CE  1 
ATOM   986  N NZ  . LYS A 1 144 ? 7.167   -10.441 -3.081  1.00 30.94 ? 144 LYS A NZ  1 
ATOM   987  N N   . TRP A 1 145 ? 7.221   -4.011  -6.608  1.00 18.55 ? 145 TRP A N   1 
ATOM   988  C CA  . TRP A 1 145 ? 6.036   -3.739  -7.444  1.00 18.17 ? 145 TRP A CA  1 
ATOM   989  C C   . TRP A 1 145 ? 6.418   -3.058  -8.771  1.00 16.97 ? 145 TRP A C   1 
ATOM   990  O O   . TRP A 1 145 ? 5.836   -3.337  -9.803  1.00 17.13 ? 145 TRP A O   1 
ATOM   991  C CB  . TRP A 1 145 ? 5.005   -2.947  -6.637  1.00 18.27 ? 145 TRP A CB  1 
ATOM   992  C CG  . TRP A 1 145 ? 4.534   -3.697  -5.418  1.00 18.50 ? 145 TRP A CG  1 
ATOM   993  C CD1 . TRP A 1 145 ? 4.401   -5.047  -5.300  1.00 19.03 ? 145 TRP A CD1 1 
ATOM   994  C CD2 . TRP A 1 145 ? 4.045   -3.129  -4.190  1.00 19.23 ? 145 TRP A CD2 1 
ATOM   995  N NE1 . TRP A 1 145 ? 3.923   -5.351  -4.055  1.00 19.34 ? 145 TRP A NE1 1 
ATOM   996  C CE2 . TRP A 1 145 ? 3.709   -4.216  -3.338  1.00 19.19 ? 145 TRP A CE2 1 
ATOM   997  C CE3 . TRP A 1 145 ? 3.946   -1.834  -3.665  1.00 19.47 ? 145 TRP A CE3 1 
ATOM   998  C CZ2 . TRP A 1 145 ? 3.210   -4.019  -2.040  1.00 21.39 ? 145 TRP A CZ2 1 
ATOM   999  C CZ3 . TRP A 1 145 ? 3.471   -1.639  -2.380  1.00 22.35 ? 145 TRP A CZ3 1 
ATOM   1000 C CH2 . TRP A 1 145 ? 3.086   -2.717  -1.587  1.00 20.65 ? 145 TRP A CH2 1 
ATOM   1001 N N   . ILE A 1 146 ? 7.412   -2.176  -8.714  1.00 16.79 ? 146 ILE A N   1 
ATOM   1002 C CA  . ILE A 1 146 ? 7.948   -1.547  -9.914  1.00 15.69 ? 146 ILE A CA  1 
ATOM   1003 C C   . ILE A 1 146 ? 8.614   -2.602  -10.805 1.00 17.18 ? 146 ILE A C   1 
ATOM   1004 O O   . ILE A 1 146 ? 8.413   -2.610  -12.027 1.00 17.14 ? 146 ILE A O   1 
ATOM   1005 C CB  . ILE A 1 146 ? 8.937   -0.419  -9.550  1.00 15.67 ? 146 ILE A CB  1 
ATOM   1006 C CG1 . ILE A 1 146 ? 8.139   0.787   -9.034  1.00 15.79 ? 146 ILE A CG1 1 
ATOM   1007 C CG2 . ILE A 1 146 ? 9.820   -0.058  -10.744 1.00 16.09 ? 146 ILE A CG2 1 
ATOM   1008 C CD1 . ILE A 1 146 ? 8.956   1.788   -8.270  1.00 16.45 ? 146 ILE A CD1 1 
ATOM   1009 N N   . ALA A 1 147 ? 9.387   -3.508  -10.195 1.00 17.67 ? 147 ALA A N   1 
ATOM   1010 C CA  . ALA A 1 147 ? 10.032  -4.550  -11.012 1.00 18.17 ? 147 ALA A CA  1 
ATOM   1011 C C   . ALA A 1 147 ? 8.990   -5.437  -11.728 1.00 19.24 ? 147 ALA A C   1 
ATOM   1012 O O   . ALA A 1 147 ? 9.118   -5.760  -12.926 1.00 18.82 ? 147 ALA A O   1 
ATOM   1013 C CB  . ALA A 1 147 ? 10.981  -5.364  -10.152 1.00 18.45 ? 147 ALA A CB  1 
ATOM   1014 N N   . TYR A 1 148 ? 7.928   -5.773  -10.999 1.00 18.27 ? 148 TYR A N   1 
ATOM   1015 C CA  . TYR A 1 148 ? 6.865   -6.594  -11.552 1.00 19.07 ? 148 TYR A CA  1 
ATOM   1016 C C   . TYR A 1 148 ? 6.172   -5.825  -12.690 1.00 17.97 ? 148 TYR A C   1 
ATOM   1017 O O   . TYR A 1 148 ? 5.991   -6.318  -13.764 1.00 18.25 ? 148 TYR A O   1 
ATOM   1018 C CB  . TYR A 1 148 ? 5.867   -7.039  -10.481 1.00 19.83 ? 148 TYR A CB  1 
ATOM   1019 C CG  . TYR A 1 148 ? 4.776   -7.865  -11.090 1.00 21.45 ? 148 TYR A CG  1 
ATOM   1020 C CD1 . TYR A 1 148 ? 5.032   -9.093  -11.665 1.00 23.68 ? 148 TYR A CD1 1 
ATOM   1021 C CD2 . TYR A 1 148 ? 3.503   -7.345  -11.218 1.00 23.36 ? 148 TYR A CD2 1 
ATOM   1022 C CE1 . TYR A 1 148 ? 4.032   -9.829  -12.276 1.00 20.98 ? 148 TYR A CE1 1 
ATOM   1023 C CE2 . TYR A 1 148 ? 2.486   -8.089  -11.800 1.00 26.82 ? 148 TYR A CE2 1 
ATOM   1024 C CZ  . TYR A 1 148 ? 2.741   -9.343  -12.306 1.00 25.33 ? 148 TYR A CZ  1 
ATOM   1025 O OH  . TYR A 1 148 ? 1.713   -10.026 -12.927 1.00 27.90 ? 148 TYR A OH  1 
ATOM   1026 N N   . THR A 1 149 ? 5.897   -4.535  -12.442 1.00 16.96 ? 149 THR A N   1 
ATOM   1027 C CA  . THR A 1 149 ? 5.312   -3.681  -13.463 1.00 17.28 ? 149 THR A CA  1 
ATOM   1028 C C   . THR A 1 149 ? 6.173   -3.642  -14.728 1.00 17.82 ? 149 THR A C   1 
ATOM   1029 O O   . THR A 1 149 ? 5.659   -3.802  -15.831 1.00 18.30 ? 149 THR A O   1 
ATOM   1030 C CB  . THR A 1 149 ? 5.092   -2.256  -12.924 1.00 16.45 ? 149 THR A CB  1 
ATOM   1031 O OG1 . THR A 1 149 ? 4.259   -2.260  -11.768 1.00 16.44 ? 149 THR A OG1 1 
ATOM   1032 C CG2 . THR A 1 149 ? 4.542   -1.327  -13.971 1.00 18.12 ? 149 THR A CG2 1 
ATOM   1033 N N   . ALA A 1 150 ? 7.482   -3.429  -14.568 1.00 17.74 ? 150 ALA A N   1 
ATOM   1034 C CA  . ALA A 1 150 ? 8.364   -3.348  -15.697 1.00 19.86 ? 150 ALA A CA  1 
ATOM   1035 C C   . ALA A 1 150 ? 8.381   -4.690  -16.446 1.00 19.74 ? 150 ALA A C   1 
ATOM   1036 O O   . ALA A 1 150 ? 8.419   -4.698  -17.674 1.00 20.08 ? 150 ALA A O   1 
ATOM   1037 C CB  . ALA A 1 150 ? 9.739   -2.956  -15.267 1.00 19.74 ? 150 ALA A CB  1 
ATOM   1038 N N   . ALA A 1 151 ? 8.346   -5.791  -15.675 1.00 19.72 ? 151 ALA A N   1 
ATOM   1039 C CA  . ALA A 1 151 ? 8.352   -7.168  -16.327 1.00 21.12 ? 151 ALA A CA  1 
ATOM   1040 C C   . ALA A 1 151 ? 7.100   -7.389  -17.189 1.00 23.08 ? 151 ALA A C   1 
ATOM   1041 O O   . ALA A 1 151 ? 7.178   -7.922  -18.281 1.00 22.85 ? 151 ALA A O   1 
ATOM   1042 C CB  . ALA A 1 151 ? 8.525   -8.231  -15.276 1.00 21.69 ? 151 ALA A CB  1 
ATOM   1043 N N   . VAL A 1 152 ? 5.949   -6.881  -16.741 1.00 22.19 ? 152 VAL A N   1 
ATOM   1044 C CA  . VAL A 1 152 ? 4.747   -7.009  -17.509 1.00 21.23 ? 152 VAL A CA  1 
ATOM   1045 C C   . VAL A 1 152 ? 4.812   -6.113  -18.740 1.00 21.62 ? 152 VAL A C   1 
ATOM   1046 O O   . VAL A 1 152 ? 4.466   -6.518  -19.794 1.00 23.78 ? 152 VAL A O   1 
ATOM   1047 C CB  . VAL A 1 152 ? 3.486   -6.696  -16.678 1.00 22.00 ? 152 VAL A CB  1 
ATOM   1048 C CG1 . VAL A 1 152 ? 2.253   -6.736  -17.562 1.00 22.28 ? 152 VAL A CG1 1 
ATOM   1049 C CG2 . VAL A 1 152 ? 3.352   -7.610  -15.473 1.00 23.10 ? 152 VAL A CG2 1 
ATOM   1050 N N   . ILE A 1 153 ? 5.267   -4.853  -18.598 1.00 20.32 ? 153 ILE A N   1 
ATOM   1051 C CA  . ILE A 1 153 ? 5.403   -3.982  -19.750 1.00 19.36 ? 153 ILE A CA  1 
ATOM   1052 C C   . ILE A 1 153 ? 6.338   -4.647  -20.781 1.00 21.23 ? 153 ILE A C   1 
ATOM   1053 O O   . ILE A 1 153 ? 6.059   -4.591  -21.950 1.00 22.79 ? 153 ILE A O   1 
ATOM   1054 C CB  . ILE A 1 153 ? 5.925   -2.602  -19.307 1.00 19.45 ? 153 ILE A CB  1 
ATOM   1055 C CG1 . ILE A 1 153 ? 4.853   -1.832  -18.521 1.00 17.28 ? 153 ILE A CG1 1 
ATOM   1056 C CG2 . ILE A 1 153 ? 6.393   -1.797  -20.493 1.00 19.34 ? 153 ILE A CG2 1 
ATOM   1057 C CD1 . ILE A 1 153 ? 5.362   -0.638  -17.777 1.00 16.96 ? 153 ILE A CD1 1 
ATOM   1058 N N   . ASP A 1 154 ? 7.479   -5.166  -20.323 1.00 22.10 ? 154 ASP A N   1 
ATOM   1059 C CA  . ASP A 1 154 ? 8.474   -5.867  -21.222 1.00 22.63 ? 154 ASP A CA  1 
ATOM   1060 C C   . ASP A 1 154 ? 7.801   -7.035  -21.964 1.00 24.68 ? 154 ASP A C   1 
ATOM   1061 O O   . ASP A 1 154 ? 7.995   -7.181  -23.154 1.00 27.81 ? 154 ASP A O   1 
ATOM   1062 C CB  . ASP A 1 154 ? 9.684   -6.363  -20.443 1.00 25.14 ? 154 ASP A CB  1 
ATOM   1063 C CG  . ASP A 1 154 ? 10.706  -5.271  -20.195 1.00 26.22 ? 154 ASP A CG  1 
ATOM   1064 O OD1 . ASP A 1 154 ? 10.712  -4.291  -20.979 1.00 31.71 ? 154 ASP A OD1 1 
ATOM   1065 O OD2 . ASP A 1 154 ? 11.485  -5.429  -19.228 1.00 35.67 ? 154 ASP A OD2 1 
ATOM   1066 N N   . ALA A 1 155 ? 7.013   -7.830  -21.253 1.00 27.42 ? 155 ALA A N   1 
ATOM   1067 C CA  . ALA A 1 155 ? 6.259   -8.967  -21.843 1.00 30.19 ? 155 ALA A CA  1 
ATOM   1068 C C   . ALA A 1 155 ? 5.322   -8.438  -22.930 1.00 31.06 ? 155 ALA A C   1 
ATOM   1069 O O   . ALA A 1 155 ? 5.281   -8.979  -24.024 1.00 33.09 ? 155 ALA A O   1 
ATOM   1070 C CB  . ALA A 1 155 ? 5.523   -9.725  -20.770 1.00 31.77 ? 155 ALA A CB  1 
ATOM   1071 N N   . GLU A 1 156 ? 4.592   -7.350  -22.647 1.00 26.49 ? 156 GLU A N   1 
ATOM   1072 C CA  . GLU A 1 156 ? 3.699   -6.725  -23.586 1.00 26.33 ? 156 GLU A CA  1 
ATOM   1073 C C   . GLU A 1 156 ? 4.477   -6.259  -24.822 1.00 28.62 ? 156 GLU A C   1 
ATOM   1074 O O   . GLU A 1 156 ? 4.021   -6.416  -25.937 1.00 31.26 ? 156 GLU A O   1 
ATOM   1075 C CB  . GLU A 1 156 ? 2.942   -5.577  -22.916 1.00 27.62 ? 156 GLU A CB  1 
ATOM   1076 C CG  . GLU A 1 156 ? 1.895   -6.011  -21.902 1.00 26.68 ? 156 GLU A CG  1 
ATOM   1077 C CD  . GLU A 1 156 ? 0.694   -6.710  -22.552 1.00 28.10 ? 156 GLU A CD  1 
ATOM   1078 O OE1 . GLU A 1 156 ? 0.827   -7.884  -22.930 1.00 33.29 ? 156 GLU A OE1 1 
ATOM   1079 O OE2 . GLU A 1 156 ? -0.316  -6.068  -22.782 1.00 23.86 ? 156 GLU A OE2 1 
ATOM   1080 N N   . ARG A 1 157 ? 5.655   -5.646  -24.631 1.00 26.62 ? 157 ARG A N   1 
ATOM   1081 C CA  . ARG A 1 157 ? 6.457   -5.216  -25.789 1.00 23.73 ? 157 ARG A CA  1 
ATOM   1082 C C   . ARG A 1 157 ? 6.918   -6.457  -26.601 1.00 26.31 ? 157 ARG A C   1 
ATOM   1083 O O   . ARG A 1 157 ? 6.904   -6.414  -27.811 1.00 31.23 ? 157 ARG A O   1 
ATOM   1084 C CB  . ARG A 1 157 ? 7.636   -4.383  -25.289 1.00 25.73 ? 157 ARG A CB  1 
ATOM   1085 C CG  . ARG A 1 157 ? 7.205   -3.041  -24.701 1.00 23.30 ? 157 ARG A CG  1 
ATOM   1086 C CD  . ARG A 1 157 ? 8.359   -2.302  -24.091 1.00 23.21 ? 157 ARG A CD  1 
ATOM   1087 N NE  . ARG A 1 157 ? 7.914   -1.009  -23.577 1.00 21.19 ? 157 ARG A NE  1 
ATOM   1088 C CZ  . ARG A 1 157 ? 8.686   -0.033  -23.169 1.00 21.35 ? 157 ARG A CZ  1 
ATOM   1089 N NH1 . ARG A 1 157 ? 10.009  -0.188  -23.099 1.00 21.40 ? 157 ARG A NH1 1 
ATOM   1090 N NH2 . ARG A 1 157 ? 8.111   1.136   -22.891 1.00 19.59 ? 157 ARG A NH2 1 
ATOM   1091 N N   . ASP A 1 158 ? 7.351   -7.503  -25.900 1.00 28.91 ? 158 ASP A N   1 
ATOM   1092 C CA  . ASP A 1 158 ? 7.943   -8.723  -26.535 1.00 32.85 ? 158 ASP A CA  1 
ATOM   1093 C C   . ASP A 1 158 ? 6.869   -9.374  -27.412 1.00 36.15 ? 158 ASP A C   1 
ATOM   1094 O O   . ASP A 1 158 ? 7.151   -9.851  -28.514 1.00 39.59 ? 158 ASP A O   1 
ATOM   1095 C CB  . ASP A 1 158 ? 8.483   -9.683  -25.472 1.00 30.21 ? 158 ASP A CB  1 
ATOM   1096 C CG  . ASP A 1 158 ? 9.828   -9.305  -24.878 1.00 34.57 ? 158 ASP A CG  1 
ATOM   1097 O OD1 . ASP A 1 158 ? 10.447  -8.317  -25.347 1.00 39.03 ? 158 ASP A OD1 1 
ATOM   1098 O OD2 . ASP A 1 158 ? 10.237  -9.978  -23.895 1.00 38.53 ? 158 ASP A OD2 1 
ATOM   1099 N N   . ARG A 1 159 ? 5.628   -9.356  -26.936 1.00 35.03 ? 159 ARG A N   1 
ATOM   1100 C CA  . ARG A 1 159 ? 4.493   -9.986  -27.649 1.00 39.46 ? 159 ARG A CA  1 
ATOM   1101 C C   . ARG A 1 159 ? 3.988   -9.068  -28.779 1.00 37.87 ? 159 ARG A C   1 
ATOM   1102 O O   . ARG A 1 159 ? 3.165   -9.487  -29.575 1.00 40.11 ? 159 ARG A O   1 
ATOM   1103 C CB  . ARG A 1 159 ? 3.446   -10.459 -26.627 1.00 41.66 ? 159 ARG A CB  1 
ATOM   1104 C CG  . ARG A 1 159 ? 2.227   -9.577  -26.407 1.00 46.13 ? 159 ARG A CG  1 
ATOM   1105 C CD  . ARG A 1 159 ? 1.240   -10.253 -25.448 1.00 51.90 ? 159 ARG A CD  1 
ATOM   1106 N NE  . ARG A 1 159 ? 0.320   -9.341  -24.748 1.00 54.83 ? 159 ARG A NE  1 
ATOM   1107 C CZ  . ARG A 1 159 ? -0.881  -8.930  -25.179 1.00 56.29 ? 159 ARG A CZ  1 
ATOM   1108 N NH1 . ARG A 1 159 ? -1.381  -9.365  -26.321 1.00 66.17 ? 159 ARG A NH1 1 
ATOM   1109 N NH2 . ARG A 1 159 ? -1.583  -8.071  -24.462 1.00 61.29 ? 159 ARG A NH2 1 
ATOM   1110 N N   . GLY A 1 160 ? 4.473   -7.815  -28.858 1.00 33.95 ? 160 GLY A N   1 
ATOM   1111 C CA  . GLY A 1 160 ? 4.107   -6.851  -29.906 1.00 32.64 ? 160 GLY A CA  1 
ATOM   1112 C C   . GLY A 1 160 ? 2.842   -6.058  -29.594 1.00 33.59 ? 160 GLY A C   1 
ATOM   1113 O O   . GLY A 1 160 ? 2.317   -5.383  -30.452 1.00 34.84 ? 160 GLY A O   1 
ATOM   1114 N N   . ALA A 1 161 ? 2.388   -6.098  -28.333 1.00 32.48 ? 161 ALA A N   1 
ATOM   1115 C CA  . ALA A 1 161 ? 1.160   -5.438  -27.857 1.00 31.65 ? 161 ALA A CA  1 
ATOM   1116 C C   . ALA A 1 161 ? 1.432   -3.985  -27.426 1.00 31.40 ? 161 ALA A C   1 
ATOM   1117 O O   . ALA A 1 161 ? 0.571   -3.152  -27.536 1.00 33.23 ? 161 ALA A O   1 
ATOM   1118 C CB  . ALA A 1 161 ? 0.550   -6.246  -26.739 1.00 34.43 ? 161 ALA A CB  1 
ATOM   1119 N N   . ALA A 1 162 ? 2.671   -3.695  -27.043 1.00 27.69 ? 162 ALA A N   1 
ATOM   1120 C CA  . ALA A 1 162 ? 3.071   -2.356  -26.573 1.00 25.81 ? 162 ALA A CA  1 
ATOM   1121 C C   . ALA A 1 162 ? 4.295   -1.877  -27.346 1.00 25.00 ? 162 ALA A C   1 
ATOM   1122 O O   . ALA A 1 162 ? 5.219   -2.654  -27.596 1.00 28.79 ? 162 ALA A O   1 
ATOM   1123 C CB  . ALA A 1 162 ? 3.353   -2.390  -25.095 1.00 25.42 ? 162 ALA A CB  1 
ATOM   1124 N N   . PRO A 1 163 ? 4.393   -0.570  -27.683 1.00 25.30 ? 163 PRO A N   1 
ATOM   1125 C CA  . PRO A 1 163 ? 5.536   -0.053  -28.450 1.00 28.10 ? 163 PRO A CA  1 
ATOM   1126 C C   . PRO A 1 163 ? 6.760   0.200   -27.569 1.00 28.56 ? 163 PRO A C   1 
ATOM   1127 O O   . PRO A 1 163 ? 6.653   0.457   -26.347 1.00 24.46 ? 163 PRO A O   1 
ATOM   1128 C CB  . PRO A 1 163 ? 5.006   1.252   -29.057 1.00 26.44 ? 163 PRO A CB  1 
ATOM   1129 C CG  . PRO A 1 163 ? 3.966   1.735   -28.039 1.00 28.12 ? 163 PRO A CG  1 
ATOM   1130 C CD  . PRO A 1 163 ? 3.413   0.478   -27.384 1.00 26.46 ? 163 PRO A CD  1 
ATOM   1131 N N   . ARG A 1 164 ? 7.946   0.087   -28.156 1.00 25.89 ? 164 ARG A N   1 
ATOM   1132 C CA  . ARG A 1 164 ? 9.156   0.284   -27.357 1.00 28.03 ? 164 ARG A CA  1 
ATOM   1133 C C   . ARG A 1 164 ? 9.464   1.788   -27.260 1.00 28.65 ? 164 ARG A C   1 
ATOM   1134 O O   . ARG A 1 164 ? 10.221  2.332   -28.063 1.00 26.63 ? 164 ARG A O   1 
ATOM   1135 C CB  . ARG A 1 164 ? 10.327  -0.524  -27.951 1.00 30.26 ? 164 ARG A CB  1 
ATOM   1136 C CG  . ARG A 1 164 ? 10.057  -2.024  -27.984 1.00 32.72 ? 164 ARG A CG  1 
ATOM   1137 C CD  . ARG A 1 164 ? 11.287  -2.880  -28.304 1.00 38.80 ? 164 ARG A CD  1 
ATOM   1138 N NE  . ARG A 1 164 ? 10.992  -4.313  -28.271 1.00 40.31 ? 164 ARG A NE  1 
ATOM   1139 C CZ  . ARG A 1 164 ? 11.006  -5.075  -27.166 1.00 41.67 ? 164 ARG A CZ  1 
ATOM   1140 N NH1 . ARG A 1 164 ? 11.358  -4.551  -26.002 1.00 45.01 ? 164 ARG A NH1 1 
ATOM   1141 N NH2 . ARG A 1 164 ? 10.611  -6.339  -27.212 1.00 41.55 ? 164 ARG A NH2 1 
ATOM   1142 N N   . THR A 1 165 ? 8.955   2.444   -26.215 1.00 23.81 ? 165 THR A N   1 
ATOM   1143 C CA  . THR A 1 165 ? 9.062   3.887   -26.045 1.00 22.31 ? 165 THR A CA  1 
ATOM   1144 C C   . THR A 1 165 ? 10.104  4.152   -24.975 1.00 23.90 ? 165 THR A C   1 
ATOM   1145 O O   . THR A 1 165 ? 11.313  3.837   -25.184 1.00 23.26 ? 165 THR A O   1 
ATOM   1146 C CB  . THR A 1 165 ? 7.668   4.492   -25.781 1.00 21.90 ? 165 THR A CB  1 
ATOM   1147 O OG1 . THR A 1 165 ? 7.107   3.781   -24.662 1.00 22.45 ? 165 THR A OG1 1 
ATOM   1148 C CG2 . THR A 1 165 ? 6.728   4.347   -26.948 1.00 24.99 ? 165 THR A CG2 1 
ATOM   1149 N N   . LEU A 1 166 ? 9.661   4.551   -23.786 1.00 21.64 ? 166 LEU A N   1 
ATOM   1150 C CA  . LEU A 1 166 ? 10.546  4.798   -22.684 1.00 20.41 ? 166 LEU A CA  1 
ATOM   1151 C C   . LEU A 1 166 ? 11.152  3.483   -22.188 1.00 19.97 ? 166 LEU A C   1 
ATOM   1152 O O   . LEU A 1 166 ? 10.517  2.427   -22.270 1.00 20.39 ? 166 LEU A O   1 
ATOM   1153 C CB  . LEU A 1 166 ? 9.777   5.376   -21.495 1.00 20.21 ? 166 LEU A CB  1 
ATOM   1154 C CG  . LEU A 1 166 ? 9.125   6.738   -21.625 1.00 20.12 ? 166 LEU A CG  1 
ATOM   1155 C CD1 . LEU A 1 166 ? 8.470   7.079   -20.310 1.00 21.25 ? 166 LEU A CD1 1 
ATOM   1156 C CD2 . LEU A 1 166 ? 10.136  7.809   -22.047 1.00 19.76 ? 166 LEU A CD2 1 
ATOM   1157 N N   . PRO A 1 167 ? 12.326  3.543   -21.540 1.00 18.76 ? 167 PRO A N   1 
ATOM   1158 C CA  . PRO A 1 167 ? 12.830  2.458   -20.683 1.00 17.82 ? 167 PRO A CA  1 
ATOM   1159 C C   . PRO A 1 167 ? 11.704  1.964   -19.762 1.00 20.70 ? 167 PRO A C   1 
ATOM   1160 O O   . PRO A 1 167 ? 11.083  2.768   -19.038 1.00 18.02 ? 167 PRO A O   1 
ATOM   1161 C CB  . PRO A 1 167 ? 13.968  3.102   -19.897 1.00 19.53 ? 167 PRO A CB  1 
ATOM   1162 C CG  . PRO A 1 167 ? 14.490  4.142   -20.878 1.00 18.52 ? 167 PRO A CG  1 
ATOM   1163 C CD  . PRO A 1 167 ? 13.223  4.700   -21.491 1.00 18.10 ? 167 PRO A CD  1 
ATOM   1164 N N   . ALA A 1 168 ? 11.387  0.664   -19.832 1.00 18.92 ? 168 ALA A N   1 
ATOM   1165 C CA  . ALA A 1 168 ? 10.225  0.160   -19.106 1.00 18.78 ? 168 ALA A CA  1 
ATOM   1166 C C   . ALA A 1 168 ? 10.371  0.363   -17.608 1.00 19.02 ? 168 ALA A C   1 
ATOM   1167 O O   . ALA A 1 168 ? 9.323   0.591   -17.003 1.00 18.23 ? 168 ALA A O   1 
ATOM   1168 C CB  . ALA A 1 168 ? 9.961   -1.303  -19.405 1.00 19.22 ? 168 ALA A CB  1 
ATOM   1169 N N   . HIS A 1 169 ? 11.580  0.260   -16.998 1.00 17.97 ? 169 HIS A N   1 
ATOM   1170 C CA  . HIS A 1 169 ? 11.691  0.340   -15.578 1.00 17.80 ? 169 HIS A CA  1 
ATOM   1171 C C   . HIS A 1 169 ? 11.444  1.781   -15.094 1.00 18.59 ? 169 HIS A C   1 
ATOM   1172 O O   . HIS A 1 169 ? 10.844  2.042   -14.042 1.00 18.06 ? 169 HIS A O   1 
ATOM   1173 C CB  . HIS A 1 169 ? 13.080  -0.145  -15.125 1.00 19.06 ? 169 HIS A CB  1 
ATOM   1174 C CG  . HIS A 1 169 ? 13.204  -0.424  -13.672 1.00 16.22 ? 169 HIS A CG  1 
ATOM   1175 N ND1 . HIS A 1 169 ? 13.601  0.507   -12.785 1.00 18.09 ? 169 HIS A ND1 1 
ATOM   1176 C CD2 . HIS A 1 169 ? 12.843  -1.505  -12.956 1.00 16.24 ? 169 HIS A CD2 1 
ATOM   1177 C CE1 . HIS A 1 169 ? 13.539  0.002   -11.572 1.00 17.49 ? 169 HIS A CE1 1 
ATOM   1178 N NE2 . HIS A 1 169 ? 13.117  -1.271  -11.664 1.00 18.54 ? 169 HIS A NE2 1 
ATOM   1179 N N   . GLU A 1 170 ? 11.875  2.744   -15.919 1.00 16.99 ? 170 GLU A N   1 
ATOM   1180 C CA  . GLU A 1 170 ? 11.688  4.169   -15.637 1.00 16.82 ? 170 GLU A CA  1 
ATOM   1181 C C   . GLU A 1 170 ? 10.193  4.542   -15.734 1.00 15.31 ? 170 GLU A C   1 
ATOM   1182 O O   . GLU A 1 170 ? 9.652   5.223   -14.846 1.00 15.82 ? 170 GLU A O   1 
ATOM   1183 C CB  . GLU A 1 170 ? 12.507  5.026   -16.581 1.00 17.62 ? 170 GLU A CB  1 
ATOM   1184 C CG  . GLU A 1 170 ? 14.007  4.740   -16.416 1.00 19.46 ? 170 GLU A CG  1 
ATOM   1185 C CD  . GLU A 1 170 ? 14.934  5.502   -17.343 1.00 21.36 ? 170 GLU A CD  1 
ATOM   1186 O OE1 . GLU A 1 170 ? 14.441  6.209   -18.233 1.00 18.36 ? 170 GLU A OE1 1 
ATOM   1187 O OE2 . GLU A 1 170 ? 16.186  5.232   -17.203 1.00 20.88 ? 170 GLU A OE2 1 
ATOM   1188 N N   . LEU A 1 171 ? 9.549   4.046   -16.778 1.00 15.17 ? 171 LEU A N   1 
ATOM   1189 C CA  . LEU A 1 171 ? 8.079   4.253   -16.967 1.00 15.10 ? 171 LEU A CA  1 
ATOM   1190 C C   . LEU A 1 171 ? 7.372   3.640   -15.751 1.00 16.26 ? 171 LEU A C   1 
ATOM   1191 O O   . LEU A 1 171 ? 6.459   4.262   -15.142 1.00 14.09 ? 171 LEU A O   1 
ATOM   1192 C CB  . LEU A 1 171 ? 7.644   3.621   -18.292 1.00 17.20 ? 171 LEU A CB  1 
ATOM   1193 C CG  . LEU A 1 171 ? 6.144   3.603   -18.608 1.00 17.39 ? 171 LEU A CG  1 
ATOM   1194 C CD1 . LEU A 1 171 ? 5.517   4.973   -18.468 1.00 18.67 ? 171 LEU A CD1 1 
ATOM   1195 C CD2 . LEU A 1 171 ? 5.863   3.011   -19.976 1.00 19.99 ? 171 LEU A CD2 1 
ATOM   1196 N N   . ALA A 1 172 ? 7.712   2.384   -15.451 1.00 15.02 ? 172 ALA A N   1 
ATOM   1197 C CA  . ALA A 1 172 ? 7.115   1.706   -14.290 1.00 15.04 ? 172 ALA A CA  1 
ATOM   1198 C C   . ALA A 1 172 ? 7.299   2.498   -12.998 1.00 15.94 ? 172 ALA A C   1 
ATOM   1199 O O   . ALA A 1 172 ? 6.366   2.576   -12.128 1.00 15.42 ? 172 ALA A O   1 
ATOM   1200 C CB  . ALA A 1 172 ? 7.679   0.313   -14.177 1.00 17.25 ? 172 ALA A CB  1 
ATOM   1201 N N   . THR A 1 173 ? 8.490   3.054   -12.803 1.00 14.01 ? 173 THR A N   1 
ATOM   1202 C CA  . THR A 1 173 ? 8.751   3.809   -11.609 1.00 15.38 ? 173 THR A CA  1 
ATOM   1203 C C   . THR A 1 173 ? 7.765   4.994   -11.501 1.00 14.28 ? 173 THR A C   1 
ATOM   1204 O O   . THR A 1 173 ? 7.180   5.207   -10.479 1.00 14.50 ? 173 THR A O   1 
ATOM   1205 C CB  . THR A 1 173 ? 10.200  4.279   -11.521 1.00 17.00 ? 173 THR A CB  1 
ATOM   1206 O OG1 . THR A 1 173 ? 11.059  3.114   -11.502 1.00 17.21 ? 173 THR A OG1 1 
ATOM   1207 C CG2 . THR A 1 173 ? 10.428  5.136   -10.300 1.00 17.22 ? 173 THR A CG2 1 
ATOM   1208 N N   . ALA A 1 174 ? 7.700   5.858   -12.522 1.00 13.92 ? 174 ALA A N   1 
ATOM   1209 C CA  . ALA A 1 174 ? 6.859   7.003   -12.457 1.00 14.92 ? 174 ALA A CA  1 
ATOM   1210 C C   . ALA A 1 174 ? 5.402   6.613   -12.271 1.00 14.28 ? 174 ALA A C   1 
ATOM   1211 O O   . ALA A 1 174 ? 4.681   7.303   -11.579 1.00 15.28 ? 174 ALA A O   1 
ATOM   1212 C CB  . ALA A 1 174 ? 7.008   7.799   -13.739 1.00 13.33 ? 174 ALA A CB  1 
ATOM   1213 N N   . LEU A 1 175 ? 4.947   5.521   -12.912 1.00 13.50 ? 175 LEU A N   1 
ATOM   1214 C CA  . LEU A 1 175 ? 3.532   5.194   -12.803 1.00 14.36 ? 175 LEU A CA  1 
ATOM   1215 C C   . LEU A 1 175 ? 3.196   4.693   -11.403 1.00 15.09 ? 175 LEU A C   1 
ATOM   1216 O O   . LEU A 1 175 ? 2.135   5.005   -10.888 1.00 15.35 ? 175 LEU A O   1 
ATOM   1217 C CB  . LEU A 1 175 ? 3.158   4.163   -13.853 1.00 14.36 ? 175 LEU A CB  1 
ATOM   1218 C CG  . LEU A 1 175 ? 3.138   4.643   -15.317 1.00 14.86 ? 175 LEU A CG  1 
ATOM   1219 C CD1 . LEU A 1 175 ? 2.880   3.457   -16.217 1.00 16.76 ? 175 LEU A CD1 1 
ATOM   1220 C CD2 . LEU A 1 175 ? 2.051   5.671   -15.556 1.00 15.72 ? 175 LEU A CD2 1 
ATOM   1221 N N   . ASN A 1 176 ? 4.115   3.945   -10.793 1.00 15.74 ? 176 ASN A N   1 
ATOM   1222 C CA  . ASN A 1 176 ? 3.947   3.491   -9.446  1.00 14.97 ? 176 ASN A CA  1 
ATOM   1223 C C   . ASN A 1 176 ? 3.923   4.688   -8.477  1.00 14.94 ? 176 ASN A C   1 
ATOM   1224 O O   . ASN A 1 176 ? 3.101   4.709   -7.529  1.00 16.11 ? 176 ASN A O   1 
ATOM   1225 C CB  . ASN A 1 176 ? 4.984   2.430   -9.072  1.00 15.45 ? 176 ASN A CB  1 
ATOM   1226 C CG  . ASN A 1 176 ? 4.600   1.025   -9.499  1.00 14.77 ? 176 ASN A CG  1 
ATOM   1227 O OD1 . ASN A 1 176 ? 4.206   0.234   -8.625  1.00 18.17 ? 176 ASN A OD1 1 
ATOM   1228 N ND2 . ASN A 1 176 ? 4.740   0.708   -10.777 1.00 14.59 ? 176 ASN A ND2 1 
ATOM   1229 N N   . LEU A 1 177 ? 4.847   5.639   -8.650  1.00 14.76 ? 177 LEU A N   1 
ATOM   1230 C CA  . LEU A 1 177 ? 4.876   6.818   -7.798  1.00 14.85 ? 177 LEU A CA  1 
ATOM   1231 C C   . LEU A 1 177 ? 3.584   7.637   -7.958  1.00 14.35 ? 177 LEU A C   1 
ATOM   1232 O O   . LEU A 1 177 ? 3.063   8.167   -6.987  1.00 16.13 ? 177 LEU A O   1 
ATOM   1233 C CB  . LEU A 1 177 ? 6.127   7.634   -8.128  1.00 16.19 ? 177 LEU A CB  1 
ATOM   1234 C CG  . LEU A 1 177 ? 7.440   6.970   -7.643  1.00 16.49 ? 177 LEU A CG  1 
ATOM   1235 C CD1 . LEU A 1 177 ? 8.624   7.809   -8.063  1.00 18.49 ? 177 LEU A CD1 1 
ATOM   1236 C CD2 . LEU A 1 177 ? 7.466   6.768   -6.166  1.00 19.17 ? 177 LEU A CD2 1 
ATOM   1237 N N   . MET A 1 178 ? 3.115   7.769   -9.199  1.00 13.12 ? 178 MET A N   1 
ATOM   1238 C CA  . MET A 1 178 ? 1.836   8.394   -9.400  1.00 13.90 ? 178 MET A CA  1 
ATOM   1239 C C   . MET A 1 178 ? 0.746   7.715   -8.566  1.00 16.22 ? 178 MET A C   1 
ATOM   1240 O O   . MET A 1 178 ? -0.075  8.402   -7.887  1.00 15.54 ? 178 MET A O   1 
ATOM   1241 C CB  . MET A 1 178 ? 1.398   8.388   -10.874 1.00 14.43 ? 178 MET A CB  1 
ATOM   1242 C CG  . MET A 1 178 ? -0.064  8.892   -11.078 1.00 16.57 ? 178 MET A CG  1 
ATOM   1243 S SD  . MET A 1 178 ? -0.525  8.922   -12.792 1.00 17.99 ? 178 MET A SD  1 
ATOM   1244 C CE  . MET A 1 178 ? -0.650  7.169   -13.174 1.00 17.33 ? 178 MET A CE  1 
ATOM   1245 N N   . ASN A 1 179 ? 0.688   6.396   -8.617  1.00 16.08 ? 179 ASN A N   1 
ATOM   1246 C CA  . ASN A 1 179 ? -0.365  5.698   -7.908  1.00 17.93 ? 179 ASN A CA  1 
ATOM   1247 C C   . ASN A 1 179 ? -0.240  5.890   -6.406  1.00 16.59 ? 179 ASN A C   1 
ATOM   1248 O O   . ASN A 1 179 ? -1.278  6.092   -5.766  1.00 16.53 ? 179 ASN A O   1 
ATOM   1249 C CB  . ASN A 1 179 ? -0.376  4.206   -8.221  1.00 17.18 ? 179 ASN A CB  1 
ATOM   1250 C CG  . ASN A 1 179 ? -0.930  3.851   -9.574  1.00 17.35 ? 179 ASN A CG  1 
ATOM   1251 O OD1 . ASN A 1 179 ? -1.061  4.703   -10.436 1.00 18.18 ? 179 ASN A OD1 1 
ATOM   1252 N ND2 . ASN A 1 179 ? -1.254  2.574   -9.775  1.00 18.31 ? 179 ASN A ND2 1 
ATOM   1253 N N   . GLU A 1 180 ? 0.975   5.837   -5.877  1.00 14.99 ? 180 GLU A N   1 
ATOM   1254 C CA  . GLU A 1 180 ? 1.242   6.063   -4.465  1.00 16.47 ? 180 GLU A CA  1 
ATOM   1255 C C   . GLU A 1 180 ? 0.646   7.417   -4.042  1.00 18.66 ? 180 GLU A C   1 
ATOM   1256 O O   . GLU A 1 180 ? -0.233  7.513   -3.118  1.00 16.89 ? 180 GLU A O   1 
ATOM   1257 C CB  . GLU A 1 180 ? 2.739   6.106   -4.160  1.00 17.03 ? 180 GLU A CB  1 
ATOM   1258 C CG  . GLU A 1 180 ? 3.039   6.260   -2.678  1.00 20.13 ? 180 GLU A CG  1 
ATOM   1259 C CD  . GLU A 1 180 ? 4.498   6.550   -2.445  1.00 23.69 ? 180 GLU A CD  1 
ATOM   1260 O OE1 . GLU A 1 180 ? 5.309   5.761   -2.851  1.00 25.54 ? 180 GLU A OE1 1 
ATOM   1261 O OE2 . GLU A 1 180 ? 4.815   7.633   -1.915  1.00 34.30 ? 180 GLU A OE2 1 
ATOM   1262 N N   . ARG A 1 181 ? 1.036   8.468   -4.780  1.00 17.10 ? 181 ARG A N   1 
ATOM   1263 C CA  . ARG A 1 181 ? 0.686   9.801   -4.353  1.00 17.89 ? 181 ARG A CA  1 
ATOM   1264 C C   . ARG A 1 181 ? -0.820  10.059  -4.559  1.00 16.71 ? 181 ARG A C   1 
ATOM   1265 O O   . ARG A 1 181 ? -1.508  10.704  -3.714  1.00 18.05 ? 181 ARG A O   1 
ATOM   1266 C CB  . ARG A 1 181 ? 1.494   10.834  -5.132  1.00 18.28 ? 181 ARG A CB  1 
ATOM   1267 C CG  . ARG A 1 181 ? 1.343   12.242  -4.576  1.00 21.38 ? 181 ARG A CG  1 
ATOM   1268 C CD  . ARG A 1 181 ? 1.893   12.495  -3.189  1.00 23.68 ? 181 ARG A CD  1 
ATOM   1269 N NE  . ARG A 1 181 ? 1.591   13.873  -2.923  1.00 29.12 ? 181 ARG A NE  1 
ATOM   1270 C CZ  . ARG A 1 181 ? 0.536   14.279  -2.248  1.00 28.36 ? 181 ARG A CZ  1 
ATOM   1271 N NH1 . ARG A 1 181 ? -0.221  13.373  -1.674  1.00 30.11 ? 181 ARG A NH1 1 
ATOM   1272 N NH2 . ARG A 1 181 ? 0.271   15.572  -2.171  1.00 36.11 ? 181 ARG A NH2 1 
ATOM   1273 N N   . THR A 1 182 ? -1.334  9.607   -5.704  1.00 14.62 ? 182 THR A N   1 
ATOM   1274 C CA  . THR A 1 182 ? -2.721  9.858   -6.073  1.00 16.20 ? 182 THR A CA  1 
ATOM   1275 C C   . THR A 1 182 ? -3.664  9.061   -5.152  1.00 18.96 ? 182 THR A C   1 
ATOM   1276 O O   . THR A 1 182 ? -4.651  9.622   -4.658  1.00 17.01 ? 182 THR A O   1 
ATOM   1277 C CB  . THR A 1 182 ? -2.962  9.580   -7.564  1.00 17.80 ? 182 THR A CB  1 
ATOM   1278 O OG1 . THR A 1 182 ? -2.015  10.348  -8.326  1.00 19.54 ? 182 THR A OG1 1 
ATOM   1279 C CG2 . THR A 1 182 ? -4.345  9.940   -8.020  1.00 19.33 ? 182 THR A CG2 1 
ATOM   1280 N N   . LEU A 1 183 ? -3.427  7.739   -4.992  1.00 16.94 ? 183 LEU A N   1 
ATOM   1281 C CA  . LEU A 1 183 ? -4.290  6.909   -4.114  1.00 18.01 ? 183 LEU A CA  1 
ATOM   1282 C C   . LEU A 1 183 ? -4.319  7.481   -2.712  1.00 20.93 ? 183 LEU A C   1 
ATOM   1283 O O   . LEU A 1 183 ? -5.427  7.675   -2.156  1.00 21.31 ? 183 LEU A O   1 
ATOM   1284 C CB  . LEU A 1 183 ? -3.831  5.446   -4.077  1.00 20.14 ? 183 LEU A CB  1 
ATOM   1285 C CG  . LEU A 1 183 ? -4.096  4.631   -5.337  1.00 21.72 ? 183 LEU A CG  1 
ATOM   1286 C CD1 . LEU A 1 183 ? -3.471  3.250   -5.179  1.00 25.00 ? 183 LEU A CD1 1 
ATOM   1287 C CD2 . LEU A 1 183 ? -5.591  4.502   -5.611  1.00 25.47 ? 183 LEU A CD2 1 
ATOM   1288 N N   . PHE A 1 184 ? -3.152  7.801   -2.171  1.00 17.99 ? 184 PHE A N   1 
ATOM   1289 C CA  . PHE A 1 184 ? -3.064  8.213   -0.776  1.00 21.62 ? 184 PHE A CA  1 
ATOM   1290 C C   . PHE A 1 184 ? -3.672  9.614   -0.590  1.00 20.29 ? 184 PHE A C   1 
ATOM   1291 O O   . PHE A 1 184 ? -4.346  9.847   0.400   1.00 21.06 ? 184 PHE A O   1 
ATOM   1292 C CB  . PHE A 1 184 ? -1.625  8.053   -0.287  1.00 23.26 ? 184 PHE A CB  1 
ATOM   1293 C CG  . PHE A 1 184 ? -1.199  6.602   -0.302  1.00 24.26 ? 184 PHE A CG  1 
ATOM   1294 C CD1 . PHE A 1 184 ? -2.097  5.576   -0.596  1.00 25.59 ? 184 PHE A CD1 1 
ATOM   1295 C CD2 . PHE A 1 184 ? 0.118   6.248   -0.083  1.00 26.64 ? 184 PHE A CD2 1 
ATOM   1296 C CE1 . PHE A 1 184 ? -1.706  4.236   -0.630  1.00 27.25 ? 184 PHE A CE1 1 
ATOM   1297 C CE2 . PHE A 1 184 ? 0.502   4.909   -0.116  1.00 25.68 ? 184 PHE A CE2 1 
ATOM   1298 C CZ  . PHE A 1 184 ? -0.395  3.909   -0.393  1.00 26.09 ? 184 PHE A CZ  1 
ATOM   1299 N N   . ALA A 1 185 ? -3.507  10.512  -1.563  1.00 17.71 ? 185 ALA A N   1 
ATOM   1300 C CA  . ALA A 1 185 ? -4.166  11.826  -1.446  1.00 19.37 ? 185 ALA A CA  1 
ATOM   1301 C C   . ALA A 1 185 ? -5.679  11.617  -1.457  1.00 18.32 ? 185 ALA A C   1 
ATOM   1302 O O   . ALA A 1 185 ? -6.404  12.294  -0.687  1.00 20.73 ? 185 ALA A O   1 
ATOM   1303 C CB  . ALA A 1 185 ? -3.794  12.706  -2.607  1.00 19.78 ? 185 ALA A CB  1 
ATOM   1304 N N   . SER A 1 186 ? -6.161  10.685  -2.302  1.00 16.99 ? 186 SER A N   1 
ATOM   1305 C CA  . SER A 1 186 ? -7.605  10.489  -2.402  1.00 18.22 ? 186 SER A CA  1 
ATOM   1306 C C   . SER A 1 186 ? -8.126  9.941   -1.072  1.00 18.82 ? 186 SER A C   1 
ATOM   1307 O O   . SER A 1 186 ? -9.192  10.359  -0.564  1.00 21.31 ? 186 SER A O   1 
ATOM   1308 C CB  . SER A 1 186 ? -8.029  9.596   -3.553  1.00 18.12 ? 186 SER A CB  1 
ATOM   1309 O OG  . SER A 1 186 ? -7.786  10.184  -4.819  1.00 25.68 ? 186 SER A OG  1 
ATOM   1310 N N   . PHE A 1 187 ? -7.428  8.951   -0.530  1.00 18.86 ? 187 PHE A N   1 
ATOM   1311 C CA  . PHE A 1 187 ? -7.886  8.298   0.685   1.00 21.13 ? 187 PHE A CA  1 
ATOM   1312 C C   . PHE A 1 187 ? -7.929  9.283   1.851   1.00 25.29 ? 187 PHE A C   1 
ATOM   1313 O O   . PHE A 1 187 ? -8.857  9.185   2.660   1.00 26.49 ? 187 PHE A O   1 
ATOM   1314 C CB  . PHE A 1 187 ? -6.972  7.140   1.075   1.00 20.00 ? 187 PHE A CB  1 
ATOM   1315 C CG  . PHE A 1 187 ? -7.003  5.962   0.142   1.00 20.13 ? 187 PHE A CG  1 
ATOM   1316 C CD1 . PHE A 1 187 ? -8.102  5.717   -0.656  1.00 21.80 ? 187 PHE A CD1 1 
ATOM   1317 C CD2 . PHE A 1 187 ? -5.922  5.101   0.060   1.00 22.14 ? 187 PHE A CD2 1 
ATOM   1318 C CE1 . PHE A 1 187 ? -8.146  4.612   -1.485  1.00 23.15 ? 187 PHE A CE1 1 
ATOM   1319 C CE2 . PHE A 1 187 ? -5.981  3.989   -0.762  1.00 23.02 ? 187 PHE A CE2 1 
ATOM   1320 C CZ  . PHE A 1 187 ? -7.075  3.768   -1.542  1.00 22.53 ? 187 PHE A CZ  1 
ATOM   1321 N N   . ALA A 1 188 ? -6.948  10.181  1.917   1.00 24.65 ? 188 ALA A N   1 
ATOM   1322 C CA  . ALA A 1 188 ? -6.822  11.172  2.992   1.00 26.33 ? 188 ALA A CA  1 
ATOM   1323 C C   . ALA A 1 188 ? -7.760  12.355  2.782   1.00 27.03 ? 188 ALA A C   1 
ATOM   1324 O O   . ALA A 1 188 ? -7.793  13.208  3.645   1.00 32.84 ? 188 ALA A O   1 
ATOM   1325 C CB  . ALA A 1 188 ? -5.392  11.609  3.086   1.00 26.92 ? 188 ALA A CB  1 
ATOM   1326 N N   . GLY A 1 189 ? -8.445  12.444  1.637   1.00 26.85 ? 189 GLY A N   1 
ATOM   1327 C CA  . GLY A 1 189 ? -9.274  13.608  1.265   1.00 29.03 ? 189 GLY A CA  1 
ATOM   1328 C C   . GLY A 1 189 ? -8.473  14.904  1.174   1.00 30.49 ? 189 GLY A C   1 
ATOM   1329 O O   . GLY A 1 189 ? -8.971  15.998  1.516   1.00 29.04 ? 189 GLY A O   1 
ATOM   1330 N N   . GLU A 1 190 ? -7.211  14.811  0.722   1.00 24.85 ? 190 GLU A N   1 
ATOM   1331 C CA  . GLU A 1 190 ? -6.347  16.016  0.569   1.00 26.33 ? 190 GLU A CA  1 
ATOM   1332 C C   . GLU A 1 190 ? -6.957  16.974  -0.465  1.00 24.40 ? 190 GLU A C   1 
ATOM   1333 O O   . GLU A 1 190 ? -7.751  16.623  -1.329  1.00 23.77 ? 190 GLU A O   1 
ATOM   1334 C CB  . GLU A 1 190 ? -4.914  15.710  0.119   1.00 26.11 ? 190 GLU A CB  1 
ATOM   1335 C CG  . GLU A 1 190 ? -4.132  14.931  1.129   1.00 28.20 ? 190 GLU A CG  1 
ATOM   1336 C CD  . GLU A 1 190 ? -2.694  14.632  0.744   1.00 31.08 ? 190 GLU A CD  1 
ATOM   1337 O OE1 . GLU A 1 190 ? -2.226  15.187  -0.254  1.00 29.89 ? 190 GLU A OE1 1 
ATOM   1338 O OE2 . GLU A 1 190 ? -2.040  13.924  1.526   1.00 39.17 ? 190 GLU A OE2 1 
ATOM   1339 N N   . GLN A 1 191 ? -6.610  18.264  -0.315  1.00 26.55 ? 191 GLN A N   1 
ATOM   1340 C CA  . GLN A 1 191 ? -6.904  19.285  -1.306  1.00 29.62 ? 191 GLN A CA  1 
ATOM   1341 C C   . GLN A 1 191 ? -5.556  19.712  -1.866  1.00 30.82 ? 191 GLN A C   1 
ATOM   1342 O O   . GLN A 1 191 ? -4.719  20.259  -1.131  1.00 31.76 ? 191 GLN A O   1 
ATOM   1343 C CB  . GLN A 1 191 ? -7.700  20.433  -0.665  1.00 38.00 ? 191 GLN A CB  1 
ATOM   1344 C CG  . GLN A 1 191 ? -8.643  21.182  -1.607  1.00 52.10 ? 191 GLN A CG  1 
ATOM   1345 C CD  . GLN A 1 191 ? -9.200  22.451  -0.982  1.00 58.14 ? 191 GLN A CD  1 
ATOM   1346 O OE1 . GLN A 1 191 ? -9.460  23.448  -1.663  1.00 64.55 ? 191 GLN A OE1 1 
ATOM   1347 N NE2 . GLN A 1 191 ? -9.367  22.445  0.333   1.00 54.55 ? 191 GLN A NE2 1 
ATOM   1348 N N   . PRO A 1 192 ? -5.280  19.405  -3.137  1.00 27.99 ? 192 PRO A N   1 
ATOM   1349 C CA  . PRO A 1 192 ? -6.087  18.666  -4.096  1.00 24.50 ? 192 PRO A CA  1 
ATOM   1350 C C   . PRO A 1 192 ? -6.009  17.121  -4.072  1.00 22.33 ? 192 PRO A C   1 
ATOM   1351 O O   . PRO A 1 192 ? -4.993  16.478  -3.678  1.00 22.12 ? 192 PRO A O   1 
ATOM   1352 C CB  . PRO A 1 192 ? -5.432  19.118  -5.424  1.00 28.93 ? 192 PRO A CB  1 
ATOM   1353 C CG  . PRO A 1 192 ? -3.964  19.184  -5.089  1.00 31.12 ? 192 PRO A CG  1 
ATOM   1354 C CD  . PRO A 1 192 ? -3.955  19.760  -3.688  1.00 29.88 ? 192 PRO A CD  1 
ATOM   1355 N N   . SER A 1 193 ? -7.074  16.518  -4.589  1.00 21.42 ? 193 SER A N   1 
ATOM   1356 C CA  . SER A 1 193 ? -7.092  15.091  -4.772  1.00 19.63 ? 193 SER A CA  1 
ATOM   1357 C C   . SER A 1 193 ? -8.145  14.733  -5.801  1.00 19.89 ? 193 SER A C   1 
ATOM   1358 O O   . SER A 1 193 ? -9.132  15.460  -5.992  1.00 20.58 ? 193 SER A O   1 
ATOM   1359 C CB  . SER A 1 193 ? -7.280  14.330  -3.478  1.00 20.52 ? 193 SER A CB  1 
ATOM   1360 O OG  . SER A 1 193 ? -8.540  14.628  -2.912  1.00 21.56 ? 193 SER A OG  1 
ATOM   1361 N N   . VAL A 1 194 ? -7.974  13.581  -6.429  1.00 18.70 ? 194 VAL A N   1 
ATOM   1362 C CA  . VAL A 1 194 ? -9.009  12.982  -7.252  1.00 19.58 ? 194 VAL A CA  1 
ATOM   1363 C C   . VAL A 1 194 ? -10.053 12.405  -6.327  1.00 18.21 ? 194 VAL A C   1 
ATOM   1364 O O   . VAL A 1 194 ? -9.712  11.706  -5.364  1.00 18.25 ? 194 VAL A O   1 
ATOM   1365 C CB  . VAL A 1 194 ? -8.423  11.893  -8.154  1.00 17.32 ? 194 VAL A CB  1 
ATOM   1366 C CG1 . VAL A 1 194 ? -9.455  11.278  -9.052  1.00 17.44 ? 194 VAL A CG1 1 
ATOM   1367 C CG2 . VAL A 1 194 ? -7.269  12.464  -9.018  1.00 19.05 ? 194 VAL A CG2 1 
ATOM   1368 N N   . PRO A 1 195 ? -11.357 12.593  -6.586  1.00 18.16 ? 195 PRO A N   1 
ATOM   1369 C CA  . PRO A 1 195 ? -12.342 11.911  -5.754  1.00 18.69 ? 195 PRO A CA  1 
ATOM   1370 C C   . PRO A 1 195 ? -12.114 10.387  -5.750  1.00 16.75 ? 195 PRO A C   1 
ATOM   1371 O O   . PRO A 1 195 ? -11.822 9.766   -6.783  1.00 18.10 ? 195 PRO A O   1 
ATOM   1372 C CB  . PRO A 1 195 ? -13.667 12.254  -6.442  1.00 21.01 ? 195 PRO A CB  1 
ATOM   1373 C CG  . PRO A 1 195 ? -13.378 13.461  -7.298  1.00 20.59 ? 195 PRO A CG  1 
ATOM   1374 C CD  . PRO A 1 195 ? -11.921 13.413  -7.659  1.00 19.77 ? 195 PRO A CD  1 
ATOM   1375 N N   . GLU A 1 196 ? -12.262 9.794   -4.570  1.00 19.15 ? 196 GLU A N   1 
ATOM   1376 C CA  . GLU A 1 196 ? -12.031 8.367   -4.431  1.00 18.57 ? 196 GLU A CA  1 
ATOM   1377 C C   . GLU A 1 196 ? -12.817 7.550   -5.448  1.00 18.65 ? 196 GLU A C   1 
ATOM   1378 O O   . GLU A 1 196 ? -12.321 6.611   -6.033  1.00 17.62 ? 196 GLU A O   1 
ATOM   1379 C CB  . GLU A 1 196 ? -12.305 7.952   -2.987  1.00 21.67 ? 196 GLU A CB  1 
ATOM   1380 C CG  . GLU A 1 196 ? -11.988 6.505   -2.746  1.00 24.91 ? 196 GLU A CG  1 
ATOM   1381 C CD  . GLU A 1 196 ? -12.050 6.073   -1.277  1.00 31.50 ? 196 GLU A CD  1 
ATOM   1382 O OE1 . GLU A 1 196 ? -11.938 6.938   -0.402  1.00 38.69 ? 196 GLU A OE1 1 
ATOM   1383 O OE2 . GLU A 1 196 ? -12.001 4.894   -1.061  1.00 40.33 ? 196 GLU A OE2 1 
ATOM   1384 N N   . ALA A 1 197 ? -14.068 7.959   -5.750  1.00 16.76 ? 197 ALA A N   1 
ATOM   1385 C CA  . ALA A 1 197 ? -14.880 7.246   -6.722  1.00 17.16 ? 197 ALA A CA  1 
ATOM   1386 C C   . ALA A 1 197 ? -14.454 7.432   -8.175  1.00 17.77 ? 197 ALA A C   1 
ATOM   1387 O O   . ALA A 1 197 ? -15.029 6.787   -9.048  1.00 20.58 ? 197 ALA A O   1 
ATOM   1388 C CB  . ALA A 1 197 ? -16.323 7.693   -6.577  1.00 18.53 ? 197 ALA A CB  1 
ATOM   1389 N N   . ARG A 1 198 ? -13.444 8.276   -8.441  1.00 17.06 ? 198 ARG A N   1 
ATOM   1390 C CA  . ARG A 1 198 ? -12.937 8.505   -9.806  1.00 15.40 ? 198 ARG A CA  1 
ATOM   1391 C C   . ARG A 1 198 ? -11.456 8.095   -9.939  1.00 14.74 ? 198 ARG A C   1 
ATOM   1392 O O   . ARG A 1 198 ? -10.937 8.090   -11.031 1.00 17.31 ? 198 ARG A O   1 
ATOM   1393 C CB  . ARG A 1 198 ? -13.001 9.978   -10.160 1.00 17.49 ? 198 ARG A CB  1 
ATOM   1394 C CG  . ARG A 1 198 ? -14.437 10.478  -10.275 1.00 17.89 ? 198 ARG A CG  1 
ATOM   1395 C CD  . ARG A 1 198 ? -15.108 9.877   -11.490 1.00 17.41 ? 198 ARG A CD  1 
ATOM   1396 N NE  . ARG A 1 198 ? -14.335 10.009  -12.735 1.00 21.43 ? 198 ARG A NE  1 
ATOM   1397 C CZ  . ARG A 1 198 ? -14.295 9.130   -13.724 1.00 20.34 ? 198 ARG A CZ  1 
ATOM   1398 N NH1 . ARG A 1 198 ? -15.094 8.045   -13.697 1.00 21.44 ? 198 ARG A NH1 1 
ATOM   1399 N NH2 . ARG A 1 198 ? -13.377 9.267   -14.682 1.00 21.09 ? 198 ARG A NH2 1 
ATOM   1400 N N   . VAL A 1 199 ? -10.826 7.738   -8.815  1.00 14.28 ? 199 VAL A N   1 
ATOM   1401 C CA  . VAL A 1 199 ? -9.339  7.534   -8.859  1.00 16.07 ? 199 VAL A CA  1 
ATOM   1402 C C   . VAL A 1 199 ? -8.971  6.293   -9.672  1.00 16.43 ? 199 VAL A C   1 
ATOM   1403 O O   . VAL A 1 199 ? -7.993  6.323   -10.483 1.00 16.81 ? 199 VAL A O   1 
ATOM   1404 C CB  . VAL A 1 199 ? -8.756  7.649   -7.438  1.00 18.63 ? 199 VAL A CB  1 
ATOM   1405 C CG1 . VAL A 1 199 ? -9.047  6.459   -6.628  1.00 21.12 ? 199 VAL A CG1 1 
ATOM   1406 C CG2 . VAL A 1 199 ? -7.241  7.931   -7.520  1.00 22.43 ? 199 VAL A CG2 1 
ATOM   1407 N N   . LEU A 1 200 ? -9.707  5.171   -9.581  1.00 17.94 ? 200 LEU A N   1 
ATOM   1408 C CA  . LEU A 1 200 ? -9.321  4.013   -10.405 1.00 19.35 ? 200 LEU A CA  1 
ATOM   1409 C C   . LEU A 1 200 ? -9.382  4.271   -11.922 1.00 19.76 ? 200 LEU A C   1 
ATOM   1410 O O   . LEU A 1 200 ? -8.378  3.982   -12.646 1.00 20.88 ? 200 LEU A O   1 
ATOM   1411 C CB  . LEU A 1 200 ? -10.223 2.853   -9.970  1.00 21.08 ? 200 LEU A CB  1 
ATOM   1412 C CG  . LEU A 1 200 ? -9.833  1.474   -10.428 1.00 26.56 ? 200 LEU A CG  1 
ATOM   1413 C CD1 . LEU A 1 200 ? -8.377  1.185   -10.027 1.00 24.84 ? 200 LEU A CD1 1 
ATOM   1414 C CD2 . LEU A 1 200 ? -10.833 0.492   -9.807  1.00 26.54 ? 200 LEU A CD2 1 
ATOM   1415 N N   . ASP A 1 201 ? -10.479 4.823   -12.455 1.00 15.40 ? 201 ASP A N   1 
ATOM   1416 C CA  . ASP A 1 201 ? -10.590 5.173   -13.847 1.00 17.57 ? 201 ASP A CA  1 
ATOM   1417 C C   . ASP A 1 201 ? -9.454  6.138   -14.249 1.00 16.54 ? 201 ASP A C   1 
ATOM   1418 O O   . ASP A 1 201 ? -8.948  6.082   -15.356 1.00 18.65 ? 201 ASP A O   1 
ATOM   1419 C CB  . ASP A 1 201 ? -11.939 5.804   -14.205 1.00 21.64 ? 201 ASP A CB  1 
ATOM   1420 C CG  . ASP A 1 201 ? -13.145 4.882   -14.328 1.00 25.56 ? 201 ASP A CG  1 
ATOM   1421 O OD1 . ASP A 1 201 ? -12.966 3.670   -14.350 1.00 24.06 ? 201 ASP A OD1 1 
ATOM   1422 O OD2 . ASP A 1 201 ? -14.290 5.446   -14.472 1.00 27.22 ? 201 ASP A OD2 1 
ATOM   1423 N N   . THR A 1 202 ? -9.141  7.107   -13.391 1.00 16.03 ? 202 THR A N   1 
ATOM   1424 C CA  . THR A 1 202 ? -8.165  8.121   -13.754 1.00 14.46 ? 202 THR A CA  1 
ATOM   1425 C C   . THR A 1 202 ? -6.795  7.467   -13.947 1.00 13.47 ? 202 THR A C   1 
ATOM   1426 O O   . THR A 1 202 ? -6.134  7.676   -14.932 1.00 16.73 ? 202 THR A O   1 
ATOM   1427 C CB  . THR A 1 202 ? -8.070  9.160   -12.632 1.00 15.96 ? 202 THR A CB  1 
ATOM   1428 O OG1 . THR A 1 202 ? -9.375  9.757   -12.444 1.00 16.60 ? 202 THR A OG1 1 
ATOM   1429 C CG2 . THR A 1 202 ? -7.086  10.251  -12.984 1.00 17.09 ? 202 THR A CG2 1 
ATOM   1430 N N   . LEU A 1 203 ? -6.421  6.653   -12.969 1.00 13.51 ? 203 LEU A N   1 
ATOM   1431 C CA  . LEU A 1 203 ? -5.074  5.941   -13.004 1.00 14.53 ? 203 LEU A CA  1 
ATOM   1432 C C   . LEU A 1 203 ? -5.071  4.958   -14.170 1.00 15.88 ? 203 LEU A C   1 
ATOM   1433 O O   . LEU A 1 203 ? -4.065  4.909   -14.912 1.00 17.28 ? 203 LEU A O   1 
ATOM   1434 C CB  . LEU A 1 203 ? -4.832  5.256   -11.664 1.00 14.88 ? 203 LEU A CB  1 
ATOM   1435 C CG  . LEU A 1 203 ? -4.651  6.171   -10.458 1.00 16.75 ? 203 LEU A CG  1 
ATOM   1436 C CD1 . LEU A 1 203 ? -4.468  5.375   -9.192  1.00 17.74 ? 203 LEU A CD1 1 
ATOM   1437 C CD2 . LEU A 1 203 ? -3.535  7.189   -10.651 1.00 18.11 ? 203 LEU A CD2 1 
ATOM   1438 N N   . VAL A 1 204 ? -6.143  4.179   -14.373 1.00 16.64 ? 204 VAL A N   1 
ATOM   1439 C CA  . VAL A 1 204 ? -6.107  3.193   -15.454 1.00 16.75 ? 204 VAL A CA  1 
ATOM   1440 C C   . VAL A 1 204 ? -5.882  3.880   -16.810 1.00 17.38 ? 204 VAL A C   1 
ATOM   1441 O O   . VAL A 1 204 ? -5.110  3.395   -17.645 1.00 16.66 ? 204 VAL A O   1 
ATOM   1442 C CB  . VAL A 1 204 ? -7.375  2.316   -15.459 1.00 17.23 ? 204 VAL A CB  1 
ATOM   1443 C CG1 . VAL A 1 204 ? -7.525  1.547   -16.775 1.00 17.77 ? 204 VAL A CG1 1 
ATOM   1444 C CG2 . VAL A 1 204 ? -7.433  1.434   -14.224 1.00 17.32 ? 204 VAL A CG2 1 
ATOM   1445 N N   . HIS A 1 205 ? -6.568  5.006   -17.045 1.00 16.52 ? 205 HIS A N   1 
ATOM   1446 C CA  . HIS A 1 205 ? -6.412  5.782   -18.265 1.00 15.75 ? 205 HIS A CA  1 
ATOM   1447 C C   . HIS A 1 205 ? -4.930  6.124   -18.507 1.00 16.29 ? 205 HIS A C   1 
ATOM   1448 O O   . HIS A 1 205 ? -4.439  5.979   -19.630 1.00 17.75 ? 205 HIS A O   1 
ATOM   1449 C CB  . HIS A 1 205 ? -7.243  7.054   -18.231 1.00 15.45 ? 205 HIS A CB  1 
ATOM   1450 C CG  . HIS A 1 205 ? -6.952  7.963   -19.374 1.00 16.32 ? 205 HIS A CG  1 
ATOM   1451 N ND1 . HIS A 1 205 ? -7.531  7.787   -20.601 1.00 18.56 ? 205 HIS A ND1 1 
ATOM   1452 C CD2 . HIS A 1 205 ? -6.111  9.017   -19.482 1.00 18.10 ? 205 HIS A CD2 1 
ATOM   1453 C CE1 . HIS A 1 205 ? -7.080  8.706   -21.415 1.00 19.48 ? 205 HIS A CE1 1 
ATOM   1454 N NE2 . HIS A 1 205 ? -6.185  9.475   -20.757 1.00 16.75 ? 205 HIS A NE2 1 
ATOM   1455 N N   . ILE A 1 206 ? -4.290  6.706   -17.469 1.00 16.48 ? 206 ILE A N   1 
ATOM   1456 C CA  . ILE A 1 206 ? -2.944  7.177   -17.613 1.00 15.75 ? 206 ILE A CA  1 
ATOM   1457 C C   . ILE A 1 206 ? -2.016  5.977   -17.847 1.00 15.83 ? 206 ILE A C   1 
ATOM   1458 O O   . ILE A 1 206 ? -1.074  6.064   -18.650 1.00 17.14 ? 206 ILE A O   1 
ATOM   1459 C CB  . ILE A 1 206 ? -2.533  8.042   -16.404 1.00 15.58 ? 206 ILE A CB  1 
ATOM   1460 C CG1 . ILE A 1 206 ? -3.478  9.258   -16.302 1.00 17.17 ? 206 ILE A CG1 1 
ATOM   1461 C CG2 . ILE A 1 206 ? -1.061  8.481   -16.499 1.00 15.45 ? 206 ILE A CG2 1 
ATOM   1462 C CD1 . ILE A 1 206 ? -3.295  10.041  -15.046 1.00 17.74 ? 206 ILE A CD1 1 
ATOM   1463 N N   . TRP A 1 207 ? -2.245  4.877   -17.126 1.00 16.35 ? 207 TRP A N   1 
ATOM   1464 C CA  . TRP A 1 207 ? -1.414  3.621   -17.311 1.00 17.98 ? 207 TRP A CA  1 
ATOM   1465 C C   . TRP A 1 207 ? -1.558  3.100   -18.750 1.00 18.05 ? 207 TRP A C   1 
ATOM   1466 O O   . TRP A 1 207 ? -0.530  2.850   -19.470 1.00 17.87 ? 207 TRP A O   1 
ATOM   1467 C CB  . TRP A 1 207 ? -1.784  2.545   -16.294 1.00 16.11 ? 207 TRP A CB  1 
ATOM   1468 C CG  . TRP A 1 207 ? -1.180  2.745   -14.955 1.00 16.87 ? 207 TRP A CG  1 
ATOM   1469 C CD1 . TRP A 1 207 ? -1.311  3.790   -14.069 1.00 15.79 ? 207 TRP A CD1 1 
ATOM   1470 C CD2 . TRP A 1 207 ? -0.288  1.820   -14.339 1.00 17.35 ? 207 TRP A CD2 1 
ATOM   1471 N NE1 . TRP A 1 207 ? -0.588  3.547   -12.942 1.00 16.87 ? 207 TRP A NE1 1 
ATOM   1472 C CE2 . TRP A 1 207 ? 0.102   2.375   -13.102 1.00 17.51 ? 207 TRP A CE2 1 
ATOM   1473 C CE3 . TRP A 1 207 ? 0.270   0.607   -14.752 1.00 17.07 ? 207 TRP A CE3 1 
ATOM   1474 C CZ2 . TRP A 1 207 ? 0.997   1.736   -12.250 1.00 18.28 ? 207 TRP A CZ2 1 
ATOM   1475 C CZ3 . TRP A 1 207 ? 1.160   -0.010  -13.911 1.00 17.54 ? 207 TRP A CZ3 1 
ATOM   1476 C CH2 . TRP A 1 207 ? 1.515   0.541   -12.690 1.00 18.28 ? 207 TRP A CH2 1 
ATOM   1477 N N   . VAL A 1 208 ? -2.789  2.993   -19.247 1.00 18.10 ? 208 VAL A N   1 
ATOM   1478 C CA  . VAL A 1 208 ? -3.004  2.361   -20.525 1.00 19.43 ? 208 VAL A CA  1 
ATOM   1479 C C   . VAL A 1 208 ? -2.469  3.260   -21.638 1.00 20.43 ? 208 VAL A C   1 
ATOM   1480 O O   . VAL A 1 208 ? -1.807  2.766   -22.595 1.00 20.49 ? 208 VAL A O   1 
ATOM   1481 C CB  . VAL A 1 208 ? -4.490  1.961   -20.756 1.00 21.53 ? 208 VAL A CB  1 
ATOM   1482 C CG1 . VAL A 1 208 ? -4.776  1.583   -22.222 1.00 26.43 ? 208 VAL A CG1 1 
ATOM   1483 C CG2 . VAL A 1 208 ? -4.891  0.848   -19.802 1.00 23.48 ? 208 VAL A CG2 1 
ATOM   1484 N N   . THR A 1 209 ? -2.739  4.565   -21.550 1.00 18.24 ? 209 THR A N   1 
ATOM   1485 C CA  . THR A 1 209 ? -2.308  5.428   -22.644 1.00 17.12 ? 209 THR A CA  1 
ATOM   1486 C C   . THR A 1 209 ? -0.773  5.503   -22.656 1.00 18.42 ? 209 THR A C   1 
ATOM   1487 O O   . THR A 1 209 ? -0.163  5.559   -23.736 1.00 19.25 ? 209 THR A O   1 
ATOM   1488 C CB  . THR A 1 209 ? -2.900  6.838   -22.564 1.00 19.27 ? 209 THR A CB  1 
ATOM   1489 O OG1 . THR A 1 209 ? -2.658  7.393   -21.263 1.00 18.39 ? 209 THR A OG1 1 
ATOM   1490 C CG2 . THR A 1 209 ? -4.373  6.797   -22.907 1.00 21.10 ? 209 THR A CG2 1 
ATOM   1491 N N   . SER A 1 210 ? -0.157  5.549   -21.466 1.00 16.35 ? 210 SER A N   1 
ATOM   1492 C CA  . SER A 1 210 ? 1.289   5.705   -21.422 1.00 18.36 ? 210 SER A CA  1 
ATOM   1493 C C   . SER A 1 210 ? 2.015   4.414   -21.782 1.00 18.83 ? 210 SER A C   1 
ATOM   1494 O O   . SER A 1 210 ? 3.176   4.460   -22.332 1.00 18.88 ? 210 SER A O   1 
ATOM   1495 C CB  . SER A 1 210 ? 1.744   6.312   -20.138 1.00 18.00 ? 210 SER A CB  1 
ATOM   1496 O OG  . SER A 1 210 ? 1.664   5.424   -19.063 1.00 18.62 ? 210 SER A OG  1 
ATOM   1497 N N   . ILE A 1 211 ? 1.394   3.249   -21.534 1.00 17.68 ? 211 ILE A N   1 
ATOM   1498 C CA  . ILE A 1 211 ? 2.056   1.985   -21.796 1.00 18.82 ? 211 ILE A CA  1 
ATOM   1499 C C   . ILE A 1 211 ? 1.854   1.588   -23.268 1.00 20.79 ? 211 ILE A C   1 
ATOM   1500 O O   . ILE A 1 211 ? 2.814   1.009   -23.876 1.00 19.06 ? 211 ILE A O   1 
ATOM   1501 C CB  . ILE A 1 211 ? 1.605   0.877   -20.825 1.00 19.49 ? 211 ILE A CB  1 
ATOM   1502 C CG1 . ILE A 1 211 ? 2.113   1.175   -19.427 1.00 17.45 ? 211 ILE A CG1 1 
ATOM   1503 C CG2 . ILE A 1 211 ? 2.032   -0.505  -21.329 1.00 21.54 ? 211 ILE A CG2 1 
ATOM   1504 C CD1 . ILE A 1 211 ? 1.498   0.379   -18.353 1.00 19.61 ? 211 ILE A CD1 1 
ATOM   1505 N N   . TYR A 1 212 ? 0.707   1.908   -23.841 1.00 19.52 ? 212 TYR A N   1 
ATOM   1506 C CA  . TYR A 1 212 ? 0.362   1.413   -25.201 1.00 23.20 ? 212 TYR A CA  1 
ATOM   1507 C C   . TYR A 1 212 ? 0.499   2.519   -26.239 1.00 24.24 ? 212 TYR A C   1 
ATOM   1508 O O   . TYR A 1 212 ? 0.476   2.239   -27.465 1.00 24.74 ? 212 TYR A O   1 
ATOM   1509 C CB  . TYR A 1 212 ? -1.012  0.716   -25.208 1.00 22.39 ? 212 TYR A CB  1 
ATOM   1510 C CG  . TYR A 1 212 ? -1.046  -0.500  -24.334 1.00 22.37 ? 212 TYR A CG  1 
ATOM   1511 C CD1 . TYR A 1 212 ? -0.513  -1.729  -24.739 1.00 21.66 ? 212 TYR A CD1 1 
ATOM   1512 C CD2 . TYR A 1 212 ? -1.551  -0.425  -23.052 1.00 21.32 ? 212 TYR A CD2 1 
ATOM   1513 C CE1 . TYR A 1 212 ? -0.441  -2.811  -23.886 1.00 21.09 ? 212 TYR A CE1 1 
ATOM   1514 C CE2 . TYR A 1 212 ? -1.492  -1.503  -22.190 1.00 20.37 ? 212 TYR A CE2 1 
ATOM   1515 C CZ  . TYR A 1 212 ? -0.988  -2.717  -22.619 1.00 21.01 ? 212 TYR A CZ  1 
ATOM   1516 O OH  . TYR A 1 212 ? -0.882  -3.744  -21.732 1.00 23.87 ? 212 TYR A OH  1 
ATOM   1517 N N   . GLY A 1 213 ? 0.607   3.774   -25.797 1.00 23.90 ? 213 GLY A N   1 
ATOM   1518 C CA  . GLY A 1 213 ? 0.588   4.917   -26.727 1.00 24.53 ? 213 GLY A CA  1 
ATOM   1519 C C   . GLY A 1 213 ? 1.945   5.195   -27.370 1.00 30.97 ? 213 GLY A C   1 
ATOM   1520 O O   . GLY A 1 213 ? 2.963   4.932   -26.815 1.00 27.30 ? 213 GLY A O   1 
ATOM   1521 N N   . GLU A 1 214 ? 1.933   5.780   -28.575 1.00 37.99 ? 214 GLU A N   1 
ATOM   1522 C CA  . GLU A 1 214 ? 3.158   6.371   -29.166 1.00 45.64 ? 214 GLU A CA  1 
ATOM   1523 C C   . GLU A 1 214 ? 2.825   7.773   -29.681 1.00 46.26 ? 214 GLU A C   1 
ATOM   1524 O O   . GLU A 1 214 ? 3.222   8.764   -29.046 1.00 55.94 ? 214 GLU A O   1 
ATOM   1525 C CB  . GLU A 1 214 ? 3.720   5.446   -30.237 1.00 45.52 ? 214 GLU A CB  1 
ATOM   1526 C CG  . GLU A 1 214 ? 2.650   4.745   -31.049 1.00 48.86 ? 214 GLU A CG  1 
ATOM   1527 C CD  . GLU A 1 214 ? 3.160   3.509   -31.769 1.00 61.42 ? 214 GLU A CD  1 
ATOM   1528 O OE1 . GLU A 1 214 ? 2.314   2.685   -32.177 1.00 61.02 ? 214 GLU A OE1 1 
ATOM   1529 O OE2 . GLU A 1 214 ? 4.411   3.372   -31.910 1.00 59.40 ? 214 GLU A OE2 1 
HETATM 1530 C C4  . UA8 B 2 .   ? -0.318  -1.487  -10.388 1.00 29.71 ? 302 UA8 A C4  1 
HETATM 1531 C C14 . UA8 B 2 .   ? 1.648   -3.525  -9.799  1.00 27.67 ? 302 UA8 A C14 1 
HETATM 1532 C C5  . UA8 B 2 .   ? 0.358   -0.305  -8.290  1.00 27.69 ? 302 UA8 A C5  1 
HETATM 1533 C C6  . UA8 B 2 .   ? 1.150   1.166   -6.656  1.00 33.06 ? 302 UA8 A C6  1 
HETATM 1534 C C11 . UA8 B 2 .   ? 2.387   1.068   -4.447  1.00 43.43 ? 302 UA8 A C11 1 
HETATM 1535 C C7  . UA8 B 2 .   ? -0.049  1.031   -5.724  1.00 46.39 ? 302 UA8 A C7  1 
HETATM 1536 C C8  . UA8 B 2 .   ? -0.267  2.255   -4.906  1.00 43.47 ? 302 UA8 A C8  1 
HETATM 1537 C C9  . UA8 B 2 .   ? 0.307   2.171   -3.550  1.00 43.63 ? 302 UA8 A C9  1 
HETATM 1538 C C10 . UA8 B 2 .   ? 1.787   2.145   -3.566  1.00 42.05 ? 302 UA8 A C10 1 
HETATM 1539 C C12 . UA8 B 2 .   ? 2.452   1.400   -5.898  1.00 36.94 ? 302 UA8 A C12 1 
HETATM 1540 C C13 . UA8 B 2 .   ? 1.798   -2.134  -9.209  1.00 28.24 ? 302 UA8 A C13 1 
HETATM 1541 N N1  . UA8 B 2 .   ? 0.574   -1.285  -9.231  1.00 26.04 ? 302 UA8 A N1  1 
HETATM 1542 N N2  . UA8 B 2 .   ? 1.277   -0.001  -7.522  1.00 27.61 ? 302 UA8 A N2  1 
HETATM 1543 C C3  . UA8 B 2 .   ? -0.448  -2.933  -10.794 1.00 30.77 ? 302 UA8 A C3  1 
HETATM 1544 C C1  . UA8 B 2 .   ? 0.855   -4.796  -11.891 1.00 35.64 ? 302 UA8 A C1  1 
HETATM 1545 C C2  . UA8 B 2 .   ? 0.916   -3.488  -11.124 1.00 30.69 ? 302 UA8 A C2  1 
HETATM 1546 O O1  . UA8 B 2 .   ? -0.708  0.371   -8.163  1.00 26.19 ? 302 UA8 A O1  1 
HETATM 1547 S S   . SO4 C 3 .   ? -12.052 1.126   -0.977  1.00 88.15 ? 303 SO4 A S   1 
HETATM 1548 O O1  . SO4 C 3 .   ? -13.360 0.942   -1.666  1.00 68.59 ? 303 SO4 A O1  1 
HETATM 1549 O O2  . SO4 C 3 .   ? -12.057 2.222   0.030   1.00 83.93 ? 303 SO4 A O2  1 
HETATM 1550 O O3  . SO4 C 3 .   ? -11.025 1.479   -1.977  1.00 77.62 ? 303 SO4 A O3  1 
HETATM 1551 O O4  . SO4 C 3 .   ? -11.691 -0.128  -0.267  1.00 79.02 ? 303 SO4 A O4  1 
HETATM 1552 O O   . HOH D 4 .   ? -11.341 -2.411  6.513   1.00 54.84 ? 401 HOH A O   1 
HETATM 1553 O O   . HOH D 4 .   ? -6.873  -16.671 -7.955  1.00 52.15 ? 402 HOH A O   1 
HETATM 1554 O O   . HOH D 4 .   ? -14.343 5.945   1.561   1.00 47.22 ? 403 HOH A O   1 
HETATM 1555 O O   . HOH D 4 .   ? 11.915  -2.149  7.592   1.00 34.44 ? 404 HOH A O   1 
HETATM 1556 O O   . HOH D 4 .   ? 0.029   10.337  5.790   1.00 38.72 ? 405 HOH A O   1 
HETATM 1557 O O   . HOH D 4 .   ? 2.328   -12.111 -14.280 1.00 40.96 ? 406 HOH A O   1 
HETATM 1558 O O   . HOH D 4 .   ? 12.240  7.104   -19.206 1.00 19.69 ? 407 HOH A O   1 
HETATM 1559 O O   . HOH D 4 .   ? -7.564  3.011   24.784  1.00 39.96 ? 408 HOH A O   1 
HETATM 1560 O O   . HOH D 4 .   ? 10.593  4.824   1.810   1.00 41.97 ? 409 HOH A O   1 
HETATM 1561 O O   . HOH D 4 .   ? -2.599  16.799  -2.269  1.00 29.15 ? 410 HOH A O   1 
HETATM 1562 O O   . HOH D 4 .   ? 11.486  -6.855  -17.026 1.00 37.73 ? 411 HOH A O   1 
HETATM 1563 O O   . HOH D 4 .   ? 9.138   2.730   13.425  1.00 47.81 ? 412 HOH A O   1 
HETATM 1564 O O   . HOH D 4 .   ? 4.480   3.848   -24.745 1.00 20.89 ? 413 HOH A O   1 
HETATM 1565 O O   . HOH D 4 .   ? 12.900  -3.864  -17.657 1.00 27.75 ? 414 HOH A O   1 
HETATM 1566 O O   . HOH D 4 .   ? 12.516  -5.297  -3.035  1.00 31.47 ? 415 HOH A O   1 
HETATM 1567 O O   . HOH D 4 .   ? 11.567  -2.437  -24.407 1.00 39.83 ? 416 HOH A O   1 
HETATM 1568 O O   . HOH D 4 .   ? -3.785  -10.739 0.554   1.00 34.01 ? 417 HOH A O   1 
HETATM 1569 O O   . HOH D 4 .   ? -12.896 -1.776  -6.411  1.00 22.47 ? 418 HOH A O   1 
HETATM 1570 O O   . HOH D 4 .   ? 9.078   -9.718  -18.815 1.00 34.39 ? 419 HOH A O   1 
HETATM 1571 O O   . HOH D 4 .   ? 11.506  -6.234  -14.021 1.00 22.66 ? 420 HOH A O   1 
HETATM 1572 O O   . HOH D 4 .   ? -8.700  -2.615  29.680  1.00 42.21 ? 421 HOH A O   1 
HETATM 1573 O O   . HOH D 4 .   ? -11.185 -4.732  -14.052 1.00 26.80 ? 422 HOH A O   1 
HETATM 1574 O O   . HOH D 4 .   ? 2.546   7.958   11.874  1.00 37.02 ? 423 HOH A O   1 
HETATM 1575 O O   . HOH D 4 .   ? 6.849   -4.118  -29.208 1.00 37.68 ? 424 HOH A O   1 
HETATM 1576 O O   . HOH D 4 .   ? -4.732  -8.368  -14.098 1.00 43.59 ? 425 HOH A O   1 
HETATM 1577 O O   . HOH D 4 .   ? -0.456  -9.721  5.856   1.00 34.63 ? 426 HOH A O   1 
HETATM 1578 O O   . HOH D 4 .   ? 5.492   0.505   -23.833 1.00 20.46 ? 427 HOH A O   1 
HETATM 1579 O O   . HOH D 4 .   ? 9.427   -5.694  23.325  1.00 41.47 ? 428 HOH A O   1 
HETATM 1580 O O   . HOH D 4 .   ? 16.971  3.459   -15.264 0.50 20.49 ? 429 HOH A O   1 
HETATM 1581 O O   . HOH D 4 .   ? -2.144  -9.191  -22.021 1.00 49.45 ? 430 HOH A O   1 
HETATM 1582 O O   . HOH D 4 .   ? -12.177 4.787   -8.085  1.00 18.73 ? 431 HOH A O   1 
HETATM 1583 O O   . HOH D 4 .   ? 12.919  2.694   -9.519  1.00 28.04 ? 432 HOH A O   1 
HETATM 1584 O O   . HOH D 4 .   ? -13.837 7.747   -16.934 1.00 29.40 ? 433 HOH A O   1 
HETATM 1585 O O   . HOH D 4 .   ? 3.059   9.705   -1.407  1.00 30.99 ? 434 HOH A O   1 
HETATM 1586 O O   . HOH D 4 .   ? 8.757   -8.222  -8.393  1.00 29.51 ? 435 HOH A O   1 
HETATM 1587 O O   . HOH D 4 .   ? 5.212   -8.317  16.158  1.00 57.56 ? 436 HOH A O   1 
HETATM 1588 O O   . HOH D 4 .   ? -16.040 4.216   -8.656  1.00 32.33 ? 437 HOH A O   1 
HETATM 1589 O O   . HOH D 4 .   ? -10.306 4.497   -17.212 1.00 23.64 ? 438 HOH A O   1 
HETATM 1590 O O   . HOH D 4 .   ? -1.458  -7.648  31.526  1.00 24.87 ? 439 HOH A O   1 
HETATM 1591 O O   . HOH D 4 .   ? -5.786  12.023  -5.642  1.00 20.59 ? 440 HOH A O   1 
HETATM 1592 O O   . HOH D 4 .   ? 6.265   -7.794  30.761  1.00 22.51 ? 441 HOH A O   1 
HETATM 1593 O O   . HOH D 4 .   ? -6.434  1.449   8.935   1.00 25.33 ? 442 HOH A O   1 
HETATM 1594 O O   . HOH D 4 .   ? 6.189   4.058   22.425  1.00 45.46 ? 443 HOH A O   1 
HETATM 1595 O O   . HOH D 4 .   ? -5.494  7.348   4.272   1.00 33.13 ? 444 HOH A O   1 
HETATM 1596 O O   . HOH D 4 .   ? -5.281  -9.888  -20.527 1.00 47.02 ? 445 HOH A O   1 
HETATM 1597 O O   . HOH D 4 .   ? 6.579   3.356   12.984  1.00 38.24 ? 446 HOH A O   1 
HETATM 1598 O O   . HOH D 4 .   ? 12.636  -2.133  -8.932  1.00 22.41 ? 447 HOH A O   1 
HETATM 1599 O O   . HOH D 4 .   ? -10.413 12.892  -1.675  1.00 44.50 ? 448 HOH A O   1 
HETATM 1600 O O   . HOH D 4 .   ? 1.367   11.153  14.782  1.00 42.87 ? 449 HOH A O   1 
HETATM 1601 O O   . HOH D 4 .   ? 4.308   -10.933 0.573   1.00 38.84 ? 450 HOH A O   1 
HETATM 1602 O O   . HOH D 4 .   ? -3.717  8.314   2.713   1.00 28.79 ? 451 HOH A O   1 
HETATM 1603 O O   . HOH D 4 .   ? -5.086  -13.219 -19.339 1.00 45.29 ? 452 HOH A O   1 
HETATM 1604 O O   . HOH D 4 .   ? 8.071   -0.449  -30.969 1.00 35.77 ? 453 HOH A O   1 
HETATM 1605 O O   . HOH D 4 .   ? -10.082 2.179   5.838   1.00 29.49 ? 454 HOH A O   1 
HETATM 1606 O O   . HOH D 4 .   ? 17.836  5.087   -19.554 1.00 25.92 ? 455 HOH A O   1 
HETATM 1607 O O   . HOH D 4 .   ? -11.430 15.254  -4.266  1.00 37.89 ? 456 HOH A O   1 
HETATM 1608 O O   . HOH D 4 .   ? 7.775   -7.990  5.044   1.00 34.57 ? 457 HOH A O   1 
HETATM 1609 O O   . HOH D 4 .   ? 14.468  5.784   12.499  1.00 47.04 ? 458 HOH A O   1 
HETATM 1610 O O   . HOH D 4 .   ? -12.925 5.211   -10.854 1.00 18.79 ? 459 HOH A O   1 
HETATM 1611 O O   . HOH D 4 .   ? -2.314  -9.708  30.509  1.00 38.10 ? 460 HOH A O   1 
HETATM 1612 O O   . HOH D 4 .   ? 7.592   -5.727  13.072  1.00 56.17 ? 461 HOH A O   1 
HETATM 1613 O O   . HOH D 4 .   ? -1.205  11.076  1.364   1.00 42.49 ? 462 HOH A O   1 
HETATM 1614 O O   . HOH D 4 .   ? -12.105 11.426  -2.082  1.00 40.17 ? 463 HOH A O   1 
HETATM 1615 O O   . HOH D 4 .   ? -15.652 9.642   -3.864  1.00 22.54 ? 464 HOH A O   1 
HETATM 1616 O O   . HOH D 4 .   ? -0.537  -0.815  33.529  1.00 39.00 ? 465 HOH A O   1 
HETATM 1617 O O   . HOH D 4 .   ? -7.047  8.225   7.995   1.00 47.93 ? 466 HOH A O   1 
HETATM 1618 O O   . HOH D 4 .   ? -10.516 7.445   -20.452 1.00 44.78 ? 467 HOH A O   1 
HETATM 1619 O O   . HOH D 4 .   ? -8.270  -2.826  -23.505 1.00 39.77 ? 468 HOH A O   1 
HETATM 1620 O O   . HOH D 4 .   ? 13.188  -0.904  -21.701 1.00 30.43 ? 469 HOH A O   1 
HETATM 1621 O O   . HOH D 4 .   ? 14.947  3.182   -13.355 1.00 31.35 ? 470 HOH A O   1 
HETATM 1622 O O   . HOH D 4 .   ? -4.930  18.831  2.171   1.00 38.80 ? 471 HOH A O   1 
HETATM 1623 O O   . HOH D 4 .   ? -1.733  19.617  -1.171  1.00 45.94 ? 472 HOH A O   1 
HETATM 1624 O O   . HOH D 4 .   ? -5.110  -4.949  13.129  1.00 42.25 ? 473 HOH A O   1 
HETATM 1625 O O   . HOH D 4 .   ? -17.613 8.472   -9.966  1.00 36.78 ? 474 HOH A O   1 
HETATM 1626 O O   . HOH D 4 .   ? 6.033   10.215  12.373  1.00 46.49 ? 475 HOH A O   1 
HETATM 1627 O O   . HOH D 4 .   ? -4.121  -13.009 -1.428  1.00 59.64 ? 476 HOH A O   1 
HETATM 1628 O O   . HOH D 4 .   ? -15.432 4.097   -11.398 1.00 59.95 ? 477 HOH A O   1 
HETATM 1629 O O   . HOH D 4 .   ? -9.029  3.728   -19.492 1.00 31.72 ? 478 HOH A O   1 
HETATM 1630 O O   . HOH D 4 .   ? 9.206   -9.142  -11.145 1.00 38.40 ? 479 HOH A O   1 
HETATM 1631 O O   . HOH D 4 .   ? -6.098  11.904  6.550   1.00 45.40 ? 480 HOH A O   1 
HETATM 1632 O O   . HOH D 4 .   ? 10.324  4.927   14.834  1.00 45.58 ? 481 HOH A O   1 
HETATM 1633 O O   . HOH D 4 .   ? -7.015  9.082   5.895   1.00 37.56 ? 482 HOH A O   1 
HETATM 1634 O O   . HOH D 4 .   ? -0.223  -4.870  36.163  1.00 25.99 ? 483 HOH A O   1 
HETATM 1635 O O   . HOH D 4 .   ? 14.812  -4.540  -1.837  1.00 42.06 ? 484 HOH A O   1 
HETATM 1636 O O   . HOH D 4 .   ? 13.134  0.286   -8.102  1.00 31.20 ? 485 HOH A O   1 
HETATM 1637 O O   . HOH D 4 .   ? -6.515  -9.851  0.451   1.00 39.04 ? 486 HOH A O   1 
HETATM 1638 O O   . HOH D 4 .   ? 8.737   6.963   14.186  1.00 40.88 ? 487 HOH A O   1 
HETATM 1639 O O   . HOH D 4 .   ? 4.431   12.089  -0.877  0.50 41.22 ? 488 HOH A O   1 
HETATM 1640 O O   . HOH D 4 .   ? -9.766  0.496   20.562  1.00 55.54 ? 489 HOH A O   1 
HETATM 1641 O O   . HOH D 4 .   ? -16.376 7.217   -2.428  1.00 45.41 ? 490 HOH A O   1 
HETATM 1642 O O   . HOH D 4 .   ? 12.380  -8.323  -12.574 1.00 38.38 ? 491 HOH A O   1 
HETATM 1643 O O   . HOH D 4 .   ? -1.178  9.514   3.389   1.00 39.56 ? 492 HOH A O   1 
HETATM 1644 O O   . HOH D 4 .   ? -14.010 2.913   -7.449  1.00 27.71 ? 493 HOH A O   1 
HETATM 1645 O O   . HOH D 4 .   ? 4.761   8.246   13.233  1.00 38.25 ? 494 HOH A O   1 
HETATM 1646 O O   . HOH D 4 .   ? 0.709   -2.114  35.733  1.00 39.93 ? 495 HOH A O   1 
HETATM 1647 O O   . HOH D 4 .   ? 10.825  -4.003  9.173   1.00 53.52 ? 496 HOH A O   1 
HETATM 1648 O O   . HOH D 4 .   ? -11.517 4.338   6.722   1.00 53.10 ? 497 HOH A O   1 
HETATM 1649 O O   . HOH D 4 .   ? 6.301   6.020   13.673  1.00 33.03 ? 498 HOH A O   1 
HETATM 1650 O O   . HOH D 4 .   ? 10.323  -6.760  4.217   1.00 47.78 ? 499 HOH A O   1 
HETATM 1651 O O   . HOH D 4 .   ? -2.923  -4.990  35.728  1.00 44.11 ? 500 HOH A O   1 
# 
